data_7CDW
#
_entry.id   7CDW
#
_cell.length_a   101.543
_cell.length_b   301.516
_cell.length_c   145.865
_cell.angle_alpha   90.000
_cell.angle_beta   90.000
_cell.angle_gamma   90.000
#
_symmetry.space_group_name_H-M   'C 2 2 21'
#
loop_
_entity.id
_entity.type
_entity.pdbx_description
1 polymer 'Elongation factor G'
2 non-polymer "GUANOSINE-5'-DIPHOSPHATE"
#
_entity_poly.entity_id   1
_entity_poly.type   'polypeptide(L)'
_entity_poly.pdbx_seq_one_letter_code
;(MSE)AQKDVLTDLSRVRNFGI(MSE)AHIDAGKTTTTERILYYTGINYKIGEVHDGAAT(MSE)DW(MSE)EQEQERGI
TITSAATTTFWKDNQLNIIDTPGHVDFTVEVERNLRVLDGAVAVFDGKEGVEPQSEQVWRQADKYDVPRICFVNK(MSE)
DKIGADFYFSVRT(MSE)GERLGANAVPIQLPVGAEADFEGVVDLVE(MSE)NAKVWRGETKLGETYDTVEIPADLAEQA
EEYRTKLLEVVAESDEHLLEKYLGGEELTVDEIKGAIRKLTIASEIYPVLCGSAFKNKGVQP(MSE)LDAVVDYLPSPLD
VPPAIGHAPAKEDEEVVRKATTDEPFAALAFKIATHPFFGKLTYIRVYSGTVESGSQVINATKGKKERLGKLFQ(MSE)H
SNKENPVDRASAGHIYAVIGLKDTTTGDTLSDPNQQIVLES(MSE)TFPDPVIEVAIEPKTKSDQEKLSLSIQKLAEEDP
TFKVHLDSETGQTVIGG(MSE)GELHLDILVDR(MSE)RREFKVEANVGKPQVAYKETIKRLVQNVEYTHKKQTGGSGQF
AKVIINLEPFTGEEGATYEFESKVTGGRIPREYIPSVDAGAQDA(MSE)QYGVLAGYPLVNLKVTLLDGAYHEVDSSE
(MSE)AFKIAGSQVLKKAAALAQPVILEPI(MSE)AVEVTTPEDY(MSE)GDVIGDLNSRRGQIQA(MSE)EERAGARVV
RAHVPLSE(MSE)FGYVGDLRSKTQGRANYS(MSE)VFDSYSEVPANVSKEIIAKATGELEGHHHHHH
;
_entity_poly.pdbx_strand_id   A,B
#
# COMPACT_ATOMS: atom_id res chain seq x y z
N GLN A 3 -20.01 28.19 -5.58
CA GLN A 3 -19.91 27.67 -4.22
C GLN A 3 -20.73 28.51 -3.24
N LYS A 4 -21.49 29.47 -3.77
CA LYS A 4 -22.39 30.26 -2.94
C LYS A 4 -23.43 29.39 -2.26
N ASP A 5 -23.62 28.16 -2.73
CA ASP A 5 -24.56 27.23 -2.13
C ASP A 5 -23.98 26.53 -0.91
N VAL A 6 -22.68 26.66 -0.68
CA VAL A 6 -22.02 26.05 0.48
C VAL A 6 -21.90 27.10 1.57
N LEU A 7 -22.41 26.79 2.75
CA LEU A 7 -22.47 27.76 3.83
C LEU A 7 -21.12 27.88 4.53
N THR A 8 -20.71 29.13 4.77
CA THR A 8 -19.51 29.40 5.54
C THR A 8 -19.79 29.63 7.02
N ASP A 9 -21.05 29.88 7.39
CA ASP A 9 -21.47 30.00 8.77
C ASP A 9 -21.74 28.60 9.31
N LEU A 10 -20.72 27.99 9.92
CA LEU A 10 -20.81 26.60 10.33
C LEU A 10 -21.84 26.39 11.44
N SER A 11 -22.29 27.45 12.10
CA SER A 11 -23.35 27.29 13.08
C SER A 11 -24.66 26.86 12.42
N ARG A 12 -24.83 27.17 11.13
CA ARG A 12 -26.01 26.78 10.37
C ARG A 12 -25.75 25.55 9.51
N VAL A 13 -24.81 24.70 9.91
CA VAL A 13 -24.46 23.47 9.21
C VAL A 13 -24.64 22.31 10.17
N ARG A 14 -25.15 21.18 9.66
CA ARG A 14 -25.33 20.00 10.49
C ARG A 14 -24.93 18.75 9.73
N ASN A 15 -23.89 18.08 10.20
CA ASN A 15 -23.43 16.82 9.66
C ASN A 15 -23.99 15.71 10.54
N PHE A 16 -25.03 15.03 10.04
CA PHE A 16 -25.70 14.00 10.80
C PHE A 16 -26.02 12.82 9.90
N GLY A 17 -26.27 11.67 10.53
CA GLY A 17 -26.68 10.48 9.82
C GLY A 17 -27.78 9.76 10.58
N ILE A 18 -28.28 8.69 9.96
CA ILE A 18 -29.34 7.87 10.54
C ILE A 18 -28.73 6.54 10.96
N ALA A 20 -29.80 2.94 12.78
CA ALA A 20 -30.99 2.16 13.08
C ALA A 20 -30.76 0.69 12.81
N HIS A 21 -31.62 -0.13 13.41
CA HIS A 21 -31.70 -1.53 13.06
C HIS A 21 -32.22 -1.67 11.63
N ILE A 22 -31.99 -2.84 11.03
CA ILE A 22 -32.50 -3.08 9.68
C ILE A 22 -34.02 -3.21 9.74
N ASP A 23 -34.68 -2.74 8.68
CA ASP A 23 -36.13 -2.71 8.57
C ASP A 23 -36.79 -1.78 9.58
N ALA A 24 -36.02 -0.87 10.18
CA ALA A 24 -36.60 0.10 11.10
C ALA A 24 -37.14 1.33 10.41
N GLY A 25 -36.67 1.64 9.20
CA GLY A 25 -37.17 2.76 8.45
C GLY A 25 -36.12 3.80 8.12
N LYS A 26 -34.83 3.41 8.15
CA LYS A 26 -33.77 4.36 7.81
C LYS A 26 -33.88 4.83 6.37
N THR A 27 -34.12 3.89 5.43
CA THR A 27 -34.24 4.26 4.02
C THR A 27 -35.42 5.16 3.70
N THR A 28 -36.61 4.70 4.36
CA THR A 28 -37.85 5.45 4.14
C THR A 28 -37.83 6.80 4.85
N THR A 29 -37.10 6.97 5.88
CA THR A 29 -37.03 8.21 6.65
C THR A 29 -36.12 9.16 5.88
N THR A 30 -35.00 8.66 5.38
CA THR A 30 -34.12 9.49 4.56
C THR A 30 -34.83 9.95 3.29
N GLU A 31 -35.60 9.06 2.67
CA GLU A 31 -36.37 9.42 1.49
C GLU A 31 -37.35 10.55 1.80
N ARG A 32 -38.05 10.47 2.94
CA ARG A 32 -39.02 11.49 3.29
C ARG A 32 -38.33 12.79 3.70
N ILE A 33 -37.20 12.69 4.41
CA ILE A 33 -36.42 13.88 4.74
C ILE A 33 -36.05 14.64 3.46
N LEU A 34 -35.55 13.91 2.47
CA LEU A 34 -35.09 14.56 1.24
C LEU A 34 -36.25 15.16 0.44
N TYR A 35 -37.44 14.57 0.53
CA TYR A 35 -38.58 15.14 -0.19
C TYR A 35 -39.09 16.39 0.51
N TYR A 36 -39.36 16.29 1.82
CA TYR A 36 -39.91 17.43 2.55
C TYR A 36 -38.98 18.63 2.51
N THR A 37 -37.69 18.37 2.59
CA THR A 37 -36.69 19.43 2.52
C THR A 37 -36.65 20.06 1.14
N GLY A 38 -36.94 19.30 0.08
CA GLY A 38 -36.93 19.86 -1.27
C GLY A 38 -38.13 20.75 -1.56
N ILE A 39 -39.33 20.30 -1.17
CA ILE A 39 -40.54 21.04 -1.51
C ILE A 39 -40.73 22.30 -0.69
N ASN A 40 -39.98 22.43 0.41
CA ASN A 40 -40.04 23.59 1.29
C ASN A 40 -38.87 24.53 1.09
N TYR A 41 -38.09 24.35 0.03
CA TYR A 41 -36.87 25.10 -0.20
C TYR A 41 -37.09 26.24 -1.18
N LYS A 42 -36.69 27.44 -0.77
CA LYS A 42 -36.76 28.66 -1.58
C LYS A 42 -38.15 28.84 -2.21
N ILE A 43 -39.17 28.79 -1.36
CA ILE A 43 -40.56 28.98 -1.79
C ILE A 43 -40.80 30.46 -2.02
N GLY A 44 -41.18 30.82 -3.24
CA GLY A 44 -41.31 32.22 -3.60
C GLY A 44 -40.00 32.97 -3.70
N GLU A 45 -38.89 32.28 -3.49
CA GLU A 45 -37.57 32.86 -3.58
C GLU A 45 -36.70 32.15 -4.60
N VAL A 46 -37.16 31.04 -5.17
CA VAL A 46 -36.53 30.46 -6.33
C VAL A 46 -36.44 31.52 -7.41
N HIS A 47 -35.25 31.71 -7.99
CA HIS A 47 -35.04 32.85 -8.87
C HIS A 47 -35.73 32.67 -10.22
N ASP A 48 -35.89 31.43 -10.67
CA ASP A 48 -36.68 31.07 -11.86
C ASP A 48 -36.65 32.09 -13.00
N GLU A 61 -45.32 11.23 -9.04
CA GLU A 61 -44.68 12.18 -9.94
C GLU A 61 -43.18 12.24 -9.70
N ARG A 62 -42.77 13.07 -8.75
CA ARG A 62 -41.36 13.21 -8.39
C ARG A 62 -41.10 12.38 -7.15
N GLY A 63 -40.08 11.54 -7.23
CA GLY A 63 -39.72 10.65 -6.13
C GLY A 63 -38.22 10.71 -5.93
N ILE A 64 -37.83 10.65 -4.66
CA ILE A 64 -36.43 10.75 -4.28
C ILE A 64 -35.93 9.39 -3.84
N THR A 65 -34.86 8.92 -4.47
CA THR A 65 -34.14 7.74 -4.04
C THR A 65 -32.79 8.23 -3.55
N ILE A 66 -32.18 7.53 -2.59
CA ILE A 66 -30.90 7.93 -2.05
C ILE A 66 -29.88 7.01 -2.70
N THR A 67 -28.89 7.64 -3.34
CA THR A 67 -27.83 7.02 -4.10
C THR A 67 -26.46 7.43 -3.64
N SER A 68 -26.31 8.65 -3.14
CA SER A 68 -25.01 9.16 -2.72
C SER A 68 -24.75 8.81 -1.27
N ALA A 69 -23.48 8.57 -0.94
CA ALA A 69 -23.12 8.28 0.44
C ALA A 69 -23.37 9.48 1.34
N ALA A 70 -23.14 10.69 0.84
CA ALA A 70 -23.48 11.91 1.54
C ALA A 70 -24.33 12.79 0.63
N THR A 71 -25.47 13.25 1.15
CA THR A 71 -26.39 14.11 0.40
C THR A 71 -26.58 15.42 1.16
N THR A 72 -26.40 16.53 0.45
CA THR A 72 -26.51 17.86 1.03
C THR A 72 -27.90 18.42 0.76
N THR A 73 -28.52 18.97 1.79
CA THR A 73 -29.83 19.59 1.65
C THR A 73 -29.96 20.71 2.68
N PHE A 74 -31.05 21.47 2.55
CA PHE A 74 -31.26 22.66 3.36
C PHE A 74 -32.61 22.58 4.05
N TRP A 75 -32.65 22.91 5.35
CA TRP A 75 -33.90 23.02 6.10
C TRP A 75 -33.87 24.28 6.94
N LYS A 76 -34.78 25.21 6.63
CA LYS A 76 -34.94 26.47 7.35
C LYS A 76 -33.60 27.17 7.58
N ASP A 77 -32.96 27.49 6.46
CA ASP A 77 -31.73 28.27 6.38
C ASP A 77 -30.53 27.57 7.01
N ASN A 78 -30.62 26.26 7.23
CA ASN A 78 -29.50 25.47 7.72
C ASN A 78 -29.16 24.41 6.69
N GLN A 79 -27.86 24.25 6.43
CA GLN A 79 -27.38 23.26 5.47
C GLN A 79 -27.23 21.91 6.18
N LEU A 80 -27.96 20.91 5.69
CA LEU A 80 -27.97 19.58 6.29
C LEU A 80 -27.17 18.64 5.39
N ASN A 81 -26.05 18.14 5.91
CA ASN A 81 -25.23 17.14 5.23
C ASN A 81 -25.58 15.78 5.84
N ILE A 82 -26.31 14.97 5.10
CA ILE A 82 -26.77 13.66 5.57
C ILE A 82 -25.79 12.61 5.07
N ILE A 83 -25.37 11.73 5.97
CA ILE A 83 -24.41 10.67 5.66
C ILE A 83 -25.13 9.34 5.82
N ASP A 84 -24.95 8.46 4.85
CA ASP A 84 -25.57 7.15 4.92
C ASP A 84 -24.71 6.24 5.80
N THR A 85 -25.20 5.96 7.01
CA THR A 85 -24.51 5.01 7.87
C THR A 85 -24.90 3.60 7.45
N PRO A 86 -23.94 2.67 7.31
CA PRO A 86 -24.30 1.34 6.80
C PRO A 86 -25.39 0.65 7.61
N GLY A 87 -25.19 0.51 8.91
CA GLY A 87 -26.16 -0.10 9.80
C GLY A 87 -26.60 -1.51 9.43
N THR A 92 -18.67 -2.93 13.16
CA THR A 92 -17.62 -2.90 12.16
C THR A 92 -16.72 -1.68 12.33
N VAL A 93 -15.62 -1.63 11.58
CA VAL A 93 -14.73 -0.47 11.61
C VAL A 93 -15.36 0.69 10.85
N GLU A 94 -16.17 0.40 9.84
CA GLU A 94 -16.77 1.46 9.04
C GLU A 94 -17.71 2.34 9.87
N VAL A 95 -18.47 1.73 10.79
CA VAL A 95 -19.35 2.53 11.63
C VAL A 95 -18.55 3.40 12.61
N GLU A 96 -17.41 2.89 13.09
CA GLU A 96 -16.58 3.69 13.99
C GLU A 96 -16.01 4.91 13.27
N ARG A 97 -15.66 4.75 12.00
CA ARG A 97 -15.21 5.91 11.22
C ARG A 97 -16.35 6.89 10.98
N ASN A 98 -17.54 6.38 10.65
CA ASN A 98 -18.66 7.25 10.32
C ASN A 98 -19.07 8.12 11.49
N LEU A 99 -18.97 7.60 12.71
CA LEU A 99 -19.28 8.42 13.88
C LEU A 99 -18.31 9.58 14.03
N ARG A 100 -17.08 9.44 13.52
CA ARG A 100 -16.16 10.56 13.46
C ARG A 100 -16.53 11.53 12.34
N VAL A 101 -17.04 11.02 11.23
CA VAL A 101 -17.54 11.88 10.16
C VAL A 101 -18.84 12.56 10.60
N LEU A 102 -19.66 11.85 11.36
CA LEU A 102 -20.85 12.44 11.96
C LEU A 102 -20.48 13.46 13.01
N ASP A 103 -21.28 14.52 13.11
CA ASP A 103 -21.28 15.37 14.30
C ASP A 103 -22.41 15.00 15.26
N GLY A 104 -23.52 14.50 14.73
CA GLY A 104 -24.63 14.03 15.53
C GLY A 104 -25.35 12.96 14.73
N ALA A 105 -26.33 12.33 15.38
CA ALA A 105 -27.06 11.25 14.74
C ALA A 105 -28.52 11.30 15.13
N VAL A 106 -29.37 10.77 14.24
CA VAL A 106 -30.78 10.57 14.52
C VAL A 106 -31.00 9.07 14.63
N ALA A 107 -31.39 8.62 15.82
CA ALA A 107 -31.62 7.20 16.05
C ALA A 107 -33.07 6.88 15.74
N VAL A 108 -33.29 6.03 14.74
CA VAL A 108 -34.63 5.65 14.32
C VAL A 108 -34.93 4.26 14.88
N PHE A 109 -36.07 4.14 15.55
CA PHE A 109 -36.48 2.90 16.18
C PHE A 109 -37.81 2.46 15.61
N ASP A 110 -38.03 1.15 15.60
CA ASP A 110 -39.32 0.59 15.22
C ASP A 110 -40.19 0.55 16.48
N GLY A 111 -41.34 1.23 16.42
CA GLY A 111 -42.21 1.29 17.57
C GLY A 111 -42.72 -0.05 18.04
N LYS A 112 -42.71 -1.06 17.17
CA LYS A 112 -43.16 -2.38 17.57
C LYS A 112 -42.16 -3.08 18.49
N GLU A 113 -40.86 -2.78 18.34
CA GLU A 113 -39.82 -3.49 19.06
C GLU A 113 -38.97 -2.61 19.98
N GLY A 114 -38.96 -1.30 19.79
CA GLY A 114 -38.09 -0.49 20.61
C GLY A 114 -36.64 -0.72 20.23
N VAL A 115 -35.75 -0.65 21.22
CA VAL A 115 -34.34 -0.93 20.97
C VAL A 115 -34.16 -2.42 20.70
N GLU A 116 -33.37 -2.72 19.68
CA GLU A 116 -33.14 -4.08 19.21
C GLU A 116 -31.67 -4.41 19.30
N PRO A 117 -31.30 -5.70 19.28
CA PRO A 117 -29.90 -6.09 19.53
C PRO A 117 -28.87 -5.32 18.70
N GLN A 118 -29.20 -4.96 17.46
CA GLN A 118 -28.25 -4.25 16.61
C GLN A 118 -28.00 -2.83 17.09
N SER A 119 -29.07 -2.14 17.51
CA SER A 119 -28.95 -0.75 17.94
C SER A 119 -28.12 -0.61 19.21
N GLU A 120 -28.06 -1.65 20.03
CA GLU A 120 -27.27 -1.61 21.25
C GLU A 120 -25.79 -1.36 20.94
N GLN A 121 -25.26 -2.03 19.92
CA GLN A 121 -23.84 -1.93 19.60
C GLN A 121 -23.49 -0.53 19.12
N VAL A 122 -24.29 0.03 18.21
CA VAL A 122 -23.98 1.34 17.65
C VAL A 122 -24.17 2.43 18.69
N TRP A 123 -25.19 2.30 19.53
CA TRP A 123 -25.42 3.27 20.60
C TRP A 123 -24.20 3.37 21.51
N ARG A 124 -23.61 2.23 21.84
CA ARG A 124 -22.46 2.21 22.74
C ARG A 124 -21.21 2.77 22.08
N GLN A 125 -21.05 2.58 20.76
CA GLN A 125 -19.94 3.21 20.06
C GLN A 125 -20.11 4.72 20.02
N ALA A 126 -21.33 5.19 19.75
CA ALA A 126 -21.61 6.62 19.82
C ALA A 126 -21.42 7.16 21.23
N ASP A 127 -21.70 6.33 22.24
CA ASP A 127 -21.43 6.72 23.63
C ASP A 127 -19.93 6.88 23.86
N LYS A 128 -19.12 5.97 23.28
CA LYS A 128 -17.68 6.05 23.44
C LYS A 128 -17.14 7.37 22.92
N TYR A 129 -17.66 7.85 21.79
CA TYR A 129 -17.20 9.07 21.16
C TYR A 129 -18.09 10.26 21.42
N ASP A 130 -19.00 10.15 22.40
CA ASP A 130 -19.77 11.29 22.92
C ASP A 130 -20.59 11.97 21.81
N VAL A 131 -21.23 11.15 20.97
CA VAL A 131 -21.96 11.63 19.81
C VAL A 131 -23.37 12.00 20.25
N PRO A 132 -23.79 13.26 20.08
CA PRO A 132 -25.17 13.63 20.42
C PRO A 132 -26.18 12.93 19.53
N ARG A 133 -27.26 12.47 20.14
CA ARG A 133 -28.29 11.70 19.44
C ARG A 133 -29.66 12.21 19.82
N ILE A 134 -30.57 12.22 18.84
CA ILE A 134 -32.00 12.39 19.09
C ILE A 134 -32.70 11.15 18.56
N CYS A 135 -33.82 10.81 19.18
CA CYS A 135 -34.50 9.55 18.92
C CYS A 135 -35.82 9.79 18.19
N PHE A 136 -36.08 8.98 17.17
CA PHE A 136 -37.31 9.03 16.40
C PHE A 136 -37.93 7.64 16.42
N VAL A 137 -39.05 7.50 17.12
CA VAL A 137 -39.77 6.22 17.20
C VAL A 137 -40.68 6.14 15.97
N ASN A 138 -40.32 5.28 15.03
CA ASN A 138 -40.99 5.19 13.75
C ASN A 138 -42.03 4.06 13.80
N LYS A 139 -42.82 3.96 12.73
CA LYS A 139 -43.83 2.90 12.54
C LYS A 139 -44.95 3.00 13.57
N ASP A 141 -47.90 4.00 13.11
CA ASP A 141 -49.16 3.61 12.50
C ASP A 141 -49.44 2.11 12.64
N LYS A 142 -48.41 1.30 12.89
CA LYS A 142 -48.53 -0.14 12.82
C LYS A 142 -49.15 -0.71 14.08
N ILE A 143 -49.79 -1.88 13.94
CA ILE A 143 -50.35 -2.58 15.08
C ILE A 143 -49.21 -3.09 15.97
N GLY A 144 -49.33 -2.86 17.27
CA GLY A 144 -48.31 -3.28 18.20
C GLY A 144 -47.26 -2.25 18.52
N ALA A 145 -47.30 -1.09 17.85
CA ALA A 145 -46.34 -0.04 18.10
C ALA A 145 -46.77 0.76 19.32
N ASP A 146 -45.82 1.02 20.22
CA ASP A 146 -46.09 1.84 21.40
C ASP A 146 -44.89 2.75 21.67
N PHE A 147 -45.15 4.06 21.73
CA PHE A 147 -44.10 5.01 22.05
C PHE A 147 -43.58 4.81 23.48
N TYR A 148 -44.49 4.61 24.44
CA TYR A 148 -44.09 4.57 25.83
C TYR A 148 -43.30 3.30 26.16
N PHE A 149 -43.70 2.16 25.58
CA PHE A 149 -42.96 0.93 25.78
C PHE A 149 -41.56 1.02 25.18
N SER A 150 -41.46 1.60 23.98
CA SER A 150 -40.17 1.70 23.31
C SER A 150 -39.21 2.60 24.09
N VAL A 151 -39.71 3.72 24.63
CA VAL A 151 -38.87 4.61 25.42
C VAL A 151 -38.41 3.91 26.69
N ARG A 152 -39.17 2.93 27.18
CA ARG A 152 -38.71 2.15 28.32
C ARG A 152 -37.51 1.28 27.95
N THR A 153 -37.54 0.67 26.77
CA THR A 153 -36.45 -0.20 26.34
C THR A 153 -35.14 0.57 26.17
N GLY A 155 -34.05 2.83 28.32
CA GLY A 155 -33.48 2.82 29.65
C GLY A 155 -33.04 1.43 30.07
N GLU A 156 -33.86 0.42 29.74
CA GLU A 156 -33.60 -0.92 30.21
C GLU A 156 -32.37 -1.54 29.53
N ARG A 157 -32.21 -1.31 28.23
CA ARG A 157 -31.16 -1.97 27.47
C ARG A 157 -30.01 -1.06 27.04
N LEU A 158 -30.20 0.26 27.07
CA LEU A 158 -29.13 1.19 26.69
C LEU A 158 -28.67 2.07 27.84
N GLY A 159 -29.33 2.03 28.99
CA GLY A 159 -28.98 2.94 30.08
C GLY A 159 -28.96 4.39 29.67
N ALA A 160 -29.93 4.80 28.84
CA ALA A 160 -29.93 6.11 28.20
C ALA A 160 -30.97 7.01 28.84
N ASN A 161 -30.58 8.24 29.13
CA ASN A 161 -31.51 9.25 29.66
C ASN A 161 -32.33 9.78 28.49
N ALA A 162 -33.29 8.96 28.06
CA ALA A 162 -34.18 9.33 26.96
C ALA A 162 -35.30 10.23 27.51
N VAL A 163 -35.36 11.46 27.01
CA VAL A 163 -36.32 12.46 27.46
C VAL A 163 -37.30 12.71 26.31
N PRO A 164 -38.54 12.23 26.39
CA PRO A 164 -39.51 12.53 25.33
C PRO A 164 -39.79 14.03 25.26
N ILE A 165 -39.55 14.60 24.08
CA ILE A 165 -39.95 15.98 23.82
C ILE A 165 -41.27 16.05 23.07
N GLN A 166 -41.89 14.91 22.77
CA GLN A 166 -43.20 14.88 22.15
C GLN A 166 -43.90 13.59 22.51
N LEU A 167 -45.23 13.58 22.37
CA LEU A 167 -46.04 12.42 22.65
C LEU A 167 -46.97 12.12 21.49
N PRO A 168 -47.22 10.84 21.21
CA PRO A 168 -48.05 10.48 20.04
C PRO A 168 -49.51 10.78 20.27
N VAL A 169 -50.17 11.27 19.21
CA VAL A 169 -51.61 11.51 19.20
C VAL A 169 -52.23 10.34 18.44
N GLY A 170 -52.69 9.33 19.16
CA GLY A 170 -53.28 8.16 18.55
C GLY A 170 -52.36 6.95 18.62
N ALA A 171 -52.93 5.74 18.47
CA ALA A 171 -52.17 4.47 18.51
C ALA A 171 -52.58 3.60 17.34
N GLU A 172 -51.66 2.80 16.79
CA GLU A 172 -51.93 1.90 15.64
C GLU A 172 -52.52 2.75 14.51
N ALA A 173 -53.64 2.38 13.89
CA ALA A 173 -54.23 3.09 12.73
C ALA A 173 -54.59 4.53 13.08
N ASP A 174 -55.03 4.82 14.30
CA ASP A 174 -55.50 6.17 14.72
C ASP A 174 -54.36 7.18 14.92
N PHE A 175 -53.09 6.85 14.59
CA PHE A 175 -52.00 7.80 14.71
C PHE A 175 -52.30 8.98 13.81
N GLU A 176 -52.23 10.18 14.38
CA GLU A 176 -52.59 11.39 13.68
C GLU A 176 -51.52 12.46 13.76
N GLY A 177 -50.68 12.41 14.78
CA GLY A 177 -49.67 13.44 14.94
C GLY A 177 -48.96 13.28 16.26
N VAL A 178 -48.40 14.39 16.73
CA VAL A 178 -47.56 14.41 17.91
C VAL A 178 -48.01 15.56 18.80
N VAL A 179 -47.87 15.37 20.10
CA VAL A 179 -48.03 16.46 21.06
C VAL A 179 -46.67 17.10 21.24
N ASP A 180 -46.56 18.38 20.90
CA ASP A 180 -45.32 19.11 21.17
C ASP A 180 -45.25 19.42 22.66
N LEU A 181 -44.23 18.92 23.33
CA LEU A 181 -44.08 19.11 24.77
C LEU A 181 -43.30 20.37 25.14
N VAL A 182 -42.70 21.04 24.16
CA VAL A 182 -41.99 22.31 24.43
C VAL A 182 -43.03 23.42 24.30
N GLU A 183 -43.49 23.70 23.09
CA GLU A 183 -44.61 24.64 22.96
C GLU A 183 -45.79 23.73 23.18
N ASN A 185 -48.54 22.43 22.33
CA ASN A 185 -49.56 22.32 21.27
C ASN A 185 -49.48 20.95 20.64
N ALA A 186 -50.42 20.63 19.77
CA ALA A 186 -50.35 19.36 19.03
C ALA A 186 -50.27 19.62 17.53
N LYS A 187 -49.40 18.89 16.85
CA LYS A 187 -49.23 18.94 15.40
C LYS A 187 -49.82 17.66 14.84
N VAL A 188 -50.95 17.75 14.15
CA VAL A 188 -51.67 16.57 13.69
C VAL A 188 -51.79 16.58 12.18
N TRP A 189 -51.63 15.40 11.58
CA TRP A 189 -51.90 15.15 10.16
C TRP A 189 -53.08 14.18 10.15
N ARG A 190 -54.29 14.69 9.91
CA ARG A 190 -55.49 13.89 10.06
C ARG A 190 -55.91 13.25 8.75
N GLY A 191 -56.29 11.97 8.82
CA GLY A 191 -56.71 11.24 7.64
C GLY A 191 -55.53 10.73 6.83
N GLU A 192 -55.80 10.41 5.57
CA GLU A 192 -54.75 10.03 4.65
C GLU A 192 -53.93 11.25 4.28
N THR A 193 -52.66 11.24 4.65
CA THR A 193 -51.79 12.40 4.48
C THR A 193 -50.98 12.25 3.19
N LYS A 194 -51.02 13.28 2.35
CA LYS A 194 -50.23 13.29 1.13
C LYS A 194 -48.75 13.49 1.45
N LEU A 195 -47.90 13.04 0.54
CA LEU A 195 -46.47 13.26 0.66
C LEU A 195 -46.18 14.76 0.63
N GLY A 196 -45.57 15.25 1.70
CA GLY A 196 -45.26 16.66 1.81
C GLY A 196 -46.36 17.54 2.37
N GLU A 197 -47.51 16.97 2.72
CA GLU A 197 -48.57 17.75 3.33
C GLU A 197 -48.18 18.22 4.72
N THR A 198 -48.56 19.45 5.05
CA THR A 198 -48.22 20.03 6.33
C THR A 198 -49.21 19.59 7.41
N TYR A 199 -48.88 19.94 8.65
CA TYR A 199 -49.68 19.58 9.81
C TYR A 199 -50.62 20.73 10.18
N ASP A 200 -51.60 20.40 11.03
CA ASP A 200 -52.48 21.39 11.63
C ASP A 200 -52.11 21.54 13.09
N THR A 201 -51.80 22.76 13.50
CA THR A 201 -51.47 23.04 14.90
C THR A 201 -52.76 23.24 15.69
N VAL A 202 -53.00 22.36 16.66
CA VAL A 202 -54.23 22.37 17.45
C VAL A 202 -53.86 22.33 18.92
N GLU A 203 -54.87 22.53 19.77
CA GLU A 203 -54.68 22.40 21.20
C GLU A 203 -54.49 20.92 21.55
N ILE A 204 -53.77 20.67 22.64
CA ILE A 204 -53.58 19.28 23.07
C ILE A 204 -54.93 18.66 23.35
N PRO A 205 -55.23 17.48 22.79
CA PRO A 205 -56.53 16.85 23.04
C PRO A 205 -56.77 16.62 24.54
N ALA A 206 -58.04 16.69 24.92
CA ALA A 206 -58.39 16.49 26.33
C ALA A 206 -58.04 15.07 26.80
N ASP A 207 -58.09 14.10 25.88
CA ASP A 207 -57.70 12.74 26.22
C ASP A 207 -56.25 12.67 26.70
N LEU A 208 -55.40 13.58 26.20
CA LEU A 208 -53.97 13.55 26.46
C LEU A 208 -53.50 14.65 27.41
N ALA A 209 -54.42 15.48 27.91
CA ALA A 209 -54.00 16.70 28.60
C ALA A 209 -53.18 16.42 29.86
N GLU A 210 -53.60 15.46 30.68
CA GLU A 210 -52.86 15.20 31.92
C GLU A 210 -51.55 14.48 31.64
N GLN A 211 -51.59 13.43 30.81
CA GLN A 211 -50.36 12.70 30.53
C GLN A 211 -49.35 13.59 29.83
N ALA A 212 -49.81 14.55 29.03
CA ALA A 212 -48.91 15.55 28.48
C ALA A 212 -48.30 16.40 29.59
N GLU A 213 -49.12 16.78 30.57
CA GLU A 213 -48.63 17.61 31.67
C GLU A 213 -47.62 16.87 32.53
N GLU A 214 -47.76 15.55 32.69
CA GLU A 214 -46.76 14.78 33.43
C GLU A 214 -45.40 14.83 32.74
N TYR A 215 -45.38 14.57 31.43
CA TYR A 215 -44.13 14.56 30.69
C TYR A 215 -43.60 15.96 30.46
N ARG A 216 -44.48 16.96 30.51
CA ARG A 216 -44.04 18.36 30.51
C ARG A 216 -43.26 18.68 31.77
N THR A 217 -43.72 18.17 32.92
CA THR A 217 -42.99 18.36 34.17
C THR A 217 -41.64 17.66 34.14
N LYS A 218 -41.60 16.44 33.61
CA LYS A 218 -40.32 15.71 33.51
C LYS A 218 -39.32 16.49 32.67
N LEU A 219 -39.78 17.08 31.56
CA LEU A 219 -38.90 17.85 30.70
C LEU A 219 -38.45 19.15 31.39
N LEU A 220 -39.39 19.84 32.04
CA LEU A 220 -39.05 21.10 32.70
C LEU A 220 -38.07 20.90 33.85
N GLU A 221 -38.20 19.79 34.58
CA GLU A 221 -37.27 19.53 35.68
C GLU A 221 -35.87 19.27 35.17
N VAL A 222 -35.73 18.51 34.08
CA VAL A 222 -34.42 18.31 33.47
C VAL A 222 -33.86 19.63 32.96
N VAL A 223 -34.70 20.44 32.32
CA VAL A 223 -34.25 21.71 31.77
C VAL A 223 -33.81 22.66 32.88
N ALA A 224 -34.60 22.72 33.97
CA ALA A 224 -34.31 23.68 35.03
C ALA A 224 -33.07 23.31 35.83
N GLU A 225 -32.80 22.01 36.00
CA GLU A 225 -31.65 21.58 36.79
C GLU A 225 -30.33 21.81 36.07
N SER A 226 -30.33 22.03 34.76
CA SER A 226 -29.09 22.26 34.04
C SER A 226 -28.48 23.62 34.37
N ASP A 227 -29.30 24.67 34.36
CA ASP A 227 -28.82 26.04 34.53
C ASP A 227 -29.36 26.60 35.86
N GLU A 228 -28.46 27.19 36.64
CA GLU A 228 -28.84 27.74 37.94
C GLU A 228 -29.84 28.88 37.80
N HIS A 229 -29.67 29.72 36.76
CA HIS A 229 -30.58 30.84 36.56
C HIS A 229 -32.00 30.37 36.34
N LEU A 230 -32.18 29.31 35.56
CA LEU A 230 -33.52 28.78 35.32
C LEU A 230 -34.05 28.02 36.53
N LEU A 231 -33.18 27.39 37.31
CA LEU A 231 -33.64 26.67 38.51
C LEU A 231 -34.27 27.63 39.51
N GLU A 232 -33.61 28.77 39.77
CA GLU A 232 -34.23 29.79 40.61
C GLU A 232 -35.51 30.31 39.98
N LYS A 233 -35.52 30.45 38.65
CA LYS A 233 -36.69 30.95 37.95
C LYS A 233 -37.82 29.92 37.96
N TYR A 234 -37.50 28.66 37.69
CA TYR A 234 -38.52 27.62 37.65
C TYR A 234 -39.14 27.37 39.03
N LEU A 235 -38.29 27.25 40.05
CA LEU A 235 -38.80 26.97 41.40
C LEU A 235 -39.62 28.12 41.95
N GLY A 236 -39.32 29.34 41.53
CA GLY A 236 -40.06 30.51 41.99
C GLY A 236 -41.49 30.60 41.50
N GLY A 237 -41.93 29.67 40.65
CA GLY A 237 -43.26 29.71 40.09
C GLY A 237 -43.37 30.39 38.75
N GLU A 238 -42.29 31.01 38.27
CA GLU A 238 -42.26 31.62 36.96
C GLU A 238 -42.11 30.54 35.89
N GLU A 239 -42.67 30.81 34.71
CA GLU A 239 -42.72 29.84 33.62
C GLU A 239 -41.57 30.10 32.66
N LEU A 240 -40.87 29.04 32.27
CA LEU A 240 -39.70 29.18 31.42
C LEU A 240 -40.11 29.48 29.98
N THR A 241 -39.35 30.34 29.33
CA THR A 241 -39.64 30.72 27.96
C THR A 241 -39.29 29.58 27.01
N VAL A 242 -39.88 29.63 25.81
CA VAL A 242 -39.61 28.61 24.80
C VAL A 242 -38.13 28.57 24.45
N ASP A 243 -37.51 29.75 24.28
CA ASP A 243 -36.09 29.80 23.95
C ASP A 243 -35.23 29.24 25.08
N GLU A 244 -35.61 29.51 26.33
CA GLU A 244 -34.87 28.94 27.45
C GLU A 244 -35.00 27.42 27.47
N ILE A 245 -36.22 26.91 27.24
CA ILE A 245 -36.42 25.46 27.18
C ILE A 245 -35.65 24.87 26.01
N LYS A 246 -35.77 25.50 24.83
CA LYS A 246 -35.10 24.98 23.64
C LYS A 246 -33.58 25.00 23.80
N GLY A 247 -33.04 26.12 24.27
CA GLY A 247 -31.59 26.23 24.43
C GLY A 247 -31.03 25.25 25.45
N ALA A 248 -31.78 25.00 26.53
CA ALA A 248 -31.31 24.04 27.53
C ALA A 248 -31.27 22.63 26.97
N ILE A 249 -32.31 22.23 26.23
CA ILE A 249 -32.31 20.89 25.64
C ILE A 249 -31.14 20.72 24.68
N ARG A 250 -30.82 21.77 23.92
CA ARG A 250 -29.70 21.70 23.00
C ARG A 250 -28.39 21.49 23.73
N LYS A 251 -28.16 22.25 24.81
CA LYS A 251 -26.93 22.11 25.58
C LYS A 251 -26.79 20.69 26.12
N LEU A 252 -27.88 20.14 26.66
CA LEU A 252 -27.82 18.79 27.22
C LEU A 252 -27.64 17.75 26.13
N THR A 253 -28.30 17.94 24.99
CA THR A 253 -28.15 16.99 23.89
C THR A 253 -26.74 17.01 23.32
N ILE A 254 -26.17 18.19 23.15
CA ILE A 254 -24.82 18.32 22.60
C ILE A 254 -23.80 17.70 23.54
N ALA A 255 -24.03 17.84 24.85
CA ALA A 255 -23.16 17.24 25.85
C ALA A 255 -23.47 15.76 26.08
N SER A 256 -24.31 15.16 25.24
CA SER A 256 -24.75 13.78 25.37
C SER A 256 -25.39 13.50 26.73
N GLU A 257 -25.92 14.54 27.38
CA GLU A 257 -26.53 14.38 28.69
C GLU A 257 -27.93 13.78 28.59
N ILE A 258 -28.71 14.23 27.60
CA ILE A 258 -30.05 13.71 27.37
C ILE A 258 -30.19 13.35 25.90
N TYR A 259 -31.16 12.49 25.62
CA TYR A 259 -31.52 12.13 24.25
C TYR A 259 -32.98 12.48 24.03
N PRO A 260 -33.28 13.56 23.30
CA PRO A 260 -34.67 13.87 22.99
C PRO A 260 -35.29 12.77 22.15
N VAL A 261 -36.56 12.48 22.42
CA VAL A 261 -37.28 11.41 21.76
C VAL A 261 -38.46 12.00 21.00
N LEU A 262 -38.62 11.59 19.75
CA LEU A 262 -39.72 12.01 18.90
C LEU A 262 -40.41 10.76 18.36
N CYS A 263 -41.56 10.95 17.72
CA CYS A 263 -42.26 9.84 17.10
C CYS A 263 -42.88 10.30 15.79
N GLY A 264 -43.29 9.32 14.99
CA GLY A 264 -43.93 9.60 13.72
C GLY A 264 -44.11 8.33 12.93
N SER A 265 -44.59 8.51 11.71
CA SER A 265 -44.73 7.41 10.74
C SER A 265 -44.18 7.92 9.42
N ALA A 266 -42.97 7.48 9.07
CA ALA A 266 -42.35 7.95 7.83
C ALA A 266 -43.11 7.45 6.62
N PHE A 267 -43.60 6.21 6.67
CA PHE A 267 -44.36 5.67 5.55
C PHE A 267 -45.70 6.39 5.38
N LYS A 268 -46.34 6.75 6.49
CA LYS A 268 -47.61 7.45 6.49
C LYS A 268 -47.46 8.96 6.43
N ASN A 269 -46.22 9.47 6.29
CA ASN A 269 -45.95 10.88 6.08
C ASN A 269 -46.34 11.73 7.29
N LYS A 270 -46.23 11.17 8.49
CA LYS A 270 -46.57 11.86 9.73
C LYS A 270 -45.34 11.99 10.61
N GLY A 271 -44.98 13.23 10.94
CA GLY A 271 -43.93 13.49 11.91
C GLY A 271 -42.58 13.88 11.36
N VAL A 272 -42.41 13.87 10.03
CA VAL A 272 -41.10 14.15 9.45
C VAL A 272 -40.67 15.59 9.71
N GLN A 273 -41.60 16.55 9.54
CA GLN A 273 -41.22 17.95 9.66
C GLN A 273 -40.81 18.34 11.07
N PRO A 274 -41.53 17.97 12.14
CA PRO A 274 -41.00 18.23 13.49
C PRO A 274 -39.64 17.60 13.73
N LEU A 276 -37.25 17.08 11.48
CA LEU A 276 -36.26 17.93 10.83
C LEU A 276 -35.97 19.18 11.65
N ASP A 277 -37.00 19.74 12.29
CA ASP A 277 -36.78 20.85 13.21
C ASP A 277 -35.87 20.45 14.36
N ALA A 278 -36.03 19.23 14.87
CA ALA A 278 -35.22 18.77 16.00
C ALA A 278 -33.75 18.65 15.61
N VAL A 279 -33.48 18.23 14.37
CA VAL A 279 -32.10 18.19 13.88
C VAL A 279 -31.48 19.59 13.95
N VAL A 280 -32.24 20.59 13.50
CA VAL A 280 -31.74 21.96 13.57
C VAL A 280 -31.67 22.46 15.01
N ASP A 281 -32.69 22.11 15.81
CA ASP A 281 -32.78 22.68 17.16
C ASP A 281 -31.74 22.08 18.10
N TYR A 282 -31.61 20.76 18.10
CA TYR A 282 -30.82 20.08 19.13
C TYR A 282 -29.61 19.30 18.61
N LEU A 283 -29.40 19.23 17.29
CA LEU A 283 -28.20 18.48 16.95
C LEU A 283 -27.02 19.44 16.73
N PRO A 284 -25.80 18.98 16.98
CA PRO A 284 -24.65 19.88 17.01
C PRO A 284 -24.19 20.31 15.61
N SER A 285 -23.68 21.52 15.56
CA SER A 285 -22.97 22.04 14.39
C SER A 285 -21.50 21.64 14.47
N PRO A 286 -20.75 21.80 13.37
CA PRO A 286 -19.30 21.55 13.43
C PRO A 286 -18.60 22.35 14.51
N LEU A 287 -19.21 23.45 14.94
CA LEU A 287 -18.64 24.26 16.01
C LEU A 287 -18.89 23.67 17.40
N ASP A 288 -19.96 22.89 17.55
CA ASP A 288 -20.33 22.38 18.88
C ASP A 288 -19.51 21.16 19.30
N VAL A 289 -19.04 20.37 18.35
CA VAL A 289 -18.24 19.18 18.67
C VAL A 289 -16.83 19.61 19.03
N PRO A 290 -16.09 18.82 19.81
CA PRO A 290 -14.69 19.16 20.11
C PRO A 290 -13.85 19.18 18.84
N PRO A 291 -12.72 19.89 18.84
CA PRO A 291 -11.89 19.94 17.64
C PRO A 291 -11.28 18.57 17.33
N ALA A 292 -10.80 18.45 16.10
CA ALA A 292 -10.24 17.18 15.64
C ALA A 292 -8.86 16.97 16.26
N ILE A 293 -8.65 15.78 16.83
CA ILE A 293 -7.39 15.42 17.45
C ILE A 293 -6.73 14.33 16.63
N GLY A 294 -5.49 14.58 16.22
CA GLY A 294 -4.70 13.61 15.50
C GLY A 294 -3.27 13.60 15.99
N HIS A 295 -2.39 12.95 15.23
CA HIS A 295 -0.97 12.91 15.56
C HIS A 295 -0.18 13.35 14.33
N ALA A 296 1.05 13.77 14.57
CA ALA A 296 1.94 14.12 13.47
C ALA A 296 2.19 12.87 12.61
N PRO A 297 2.60 13.05 11.33
CA PRO A 297 2.81 11.88 10.47
C PRO A 297 3.71 10.85 11.12
N ALA A 298 4.94 11.25 11.44
CA ALA A 298 5.76 10.50 12.38
C ALA A 298 5.46 11.08 13.76
N LYS A 299 6.20 10.66 14.79
CA LYS A 299 5.98 11.16 16.15
C LYS A 299 4.52 10.97 16.57
N GLU A 300 4.14 9.69 16.69
CA GLU A 300 2.76 9.36 17.07
C GLU A 300 2.39 9.98 18.41
N ASP A 301 3.36 10.06 19.33
CA ASP A 301 3.10 10.60 20.66
C ASP A 301 2.75 12.08 20.62
N GLU A 302 3.33 12.81 19.67
CA GLU A 302 3.01 14.23 19.50
C GLU A 302 1.56 14.39 19.05
N GLU A 303 0.81 15.22 19.77
CA GLU A 303 -0.59 15.44 19.48
C GLU A 303 -0.76 16.71 18.65
N VAL A 304 -1.60 16.63 17.62
CA VAL A 304 -1.95 17.77 16.79
C VAL A 304 -3.46 17.97 16.87
N VAL A 305 -3.88 19.21 17.08
CA VAL A 305 -5.29 19.56 17.24
C VAL A 305 -5.66 20.54 16.14
N ARG A 306 -6.75 20.25 15.44
CA ARG A 306 -7.22 21.08 14.35
C ARG A 306 -8.66 21.49 14.62
N LYS A 307 -8.90 22.80 14.72
CA LYS A 307 -10.21 23.33 15.04
C LYS A 307 -11.02 23.58 13.78
N ALA A 308 -12.33 23.74 13.97
CA ALA A 308 -13.28 23.88 12.86
C ALA A 308 -13.39 25.34 12.43
N THR A 309 -12.35 25.81 11.77
CA THR A 309 -12.32 27.16 11.23
C THR A 309 -11.43 27.18 10.00
N THR A 310 -11.83 27.95 8.99
CA THR A 310 -11.09 28.00 7.74
C THR A 310 -9.68 28.55 7.91
N ASP A 311 -9.38 29.20 9.04
CA ASP A 311 -8.05 29.75 9.26
C ASP A 311 -7.01 28.68 9.57
N GLU A 312 -7.44 27.50 10.02
CA GLU A 312 -6.53 26.44 10.41
C GLU A 312 -5.97 25.73 9.17
N PRO A 313 -4.88 24.98 9.34
CA PRO A 313 -4.36 24.18 8.21
C PRO A 313 -5.35 23.10 7.80
N PHE A 314 -5.33 22.76 6.50
CA PHE A 314 -6.30 21.84 5.95
C PHE A 314 -6.10 20.43 6.48
N ALA A 315 -7.20 19.79 6.89
CA ALA A 315 -7.20 18.40 7.32
C ALA A 315 -8.57 17.80 6.99
N ALA A 316 -8.56 16.59 6.43
CA ALA A 316 -9.78 15.93 6.04
C ALA A 316 -9.58 14.42 6.09
N LEU A 317 -10.67 13.69 6.37
CA LEU A 317 -10.66 12.24 6.45
C LEU A 317 -11.51 11.67 5.32
N ALA A 318 -10.95 10.72 4.58
CA ALA A 318 -11.67 10.00 3.53
C ALA A 318 -12.41 8.82 4.16
N PHE A 319 -13.71 8.72 3.91
CA PHE A 319 -14.52 7.71 4.57
C PHE A 319 -15.32 6.82 3.62
N LYS A 320 -15.30 7.07 2.32
CA LYS A 320 -16.07 6.21 1.40
C LYS A 320 -15.52 6.34 0.00
N ILE A 321 -15.33 5.21 -0.67
CA ILE A 321 -14.96 5.15 -2.08
C ILE A 321 -16.11 4.55 -2.85
N ALA A 322 -16.54 5.24 -3.91
CA ALA A 322 -17.71 4.82 -4.67
C ALA A 322 -17.50 5.02 -6.16
N THR A 323 -18.36 4.37 -6.94
CA THR A 323 -18.38 4.50 -8.39
C THR A 323 -19.63 5.29 -8.78
N HIS A 324 -19.43 6.44 -9.41
CA HIS A 324 -20.55 7.26 -9.85
C HIS A 324 -20.97 6.88 -11.27
N PRO A 325 -22.27 6.79 -11.54
CA PRO A 325 -22.72 6.40 -12.89
C PRO A 325 -22.17 7.26 -14.00
N PHE A 326 -21.84 8.52 -13.71
CA PHE A 326 -21.30 9.46 -14.69
C PHE A 326 -19.82 9.75 -14.47
N PHE A 327 -19.37 9.86 -13.23
CA PHE A 327 -18.04 10.37 -12.91
C PHE A 327 -16.99 9.30 -12.69
N GLY A 328 -17.38 8.03 -12.53
CA GLY A 328 -16.42 6.99 -12.25
C GLY A 328 -16.06 6.91 -10.78
N LYS A 329 -14.75 6.76 -10.48
CA LYS A 329 -14.33 6.59 -9.10
C LYS A 329 -14.51 7.89 -8.33
N LEU A 330 -15.12 7.80 -7.14
CA LEU A 330 -15.48 8.95 -6.34
C LEU A 330 -15.06 8.73 -4.89
N THR A 331 -14.30 9.67 -4.33
CA THR A 331 -13.84 9.60 -2.95
C THR A 331 -14.58 10.64 -2.10
N TYR A 332 -15.29 10.17 -1.08
CA TYR A 332 -15.99 11.05 -0.14
C TYR A 332 -15.08 11.39 1.04
N ILE A 333 -14.99 12.68 1.36
CA ILE A 333 -14.12 13.16 2.42
C ILE A 333 -14.89 14.09 3.35
N ARG A 334 -14.52 14.05 4.63
CA ARG A 334 -15.03 14.96 5.65
C ARG A 334 -13.93 15.94 6.04
N VAL A 335 -14.12 17.21 5.74
CA VAL A 335 -13.14 18.24 6.02
C VAL A 335 -13.38 18.79 7.42
N TYR A 336 -12.38 18.72 8.30
CA TYR A 336 -12.53 19.14 9.71
C TYR A 336 -12.01 20.56 9.90
N SER A 337 -10.94 20.96 9.20
CA SER A 337 -10.30 22.28 9.41
C SER A 337 -9.73 22.86 8.12
N GLY A 338 -9.60 24.18 8.02
CA GLY A 338 -8.91 24.82 6.88
C GLY A 338 -9.67 24.80 5.57
N THR A 339 -9.01 25.22 4.48
CA THR A 339 -9.60 25.23 3.12
C THR A 339 -8.55 24.82 2.09
N VAL A 340 -8.95 24.16 0.99
CA VAL A 340 -8.05 23.80 -0.14
C VAL A 340 -8.89 24.09 -1.38
N GLU A 341 -8.34 24.37 -2.56
CA GLU A 341 -9.06 24.64 -3.79
C GLU A 341 -8.90 23.48 -4.76
N SER A 342 -9.75 23.47 -5.78
CA SER A 342 -9.70 22.40 -6.77
C SER A 342 -8.42 22.52 -7.60
N GLY A 343 -7.84 21.38 -7.96
CA GLY A 343 -6.59 21.35 -8.69
C GLY A 343 -5.35 21.64 -7.87
N SER A 344 -5.48 21.74 -6.56
CA SER A 344 -4.37 22.02 -5.67
C SER A 344 -3.83 20.73 -5.08
N GLN A 345 -2.55 20.75 -4.71
CA GLN A 345 -1.89 19.57 -4.17
C GLN A 345 -2.11 19.46 -2.67
N VAL A 346 -2.34 18.22 -2.22
CA VAL A 346 -2.38 17.88 -0.80
C VAL A 346 -1.57 16.60 -0.61
N ILE A 347 -1.29 16.29 0.65
CA ILE A 347 -0.52 15.11 1.01
C ILE A 347 -1.47 14.11 1.65
N ASN A 348 -1.37 12.85 1.23
CA ASN A 348 -2.05 11.76 1.94
C ASN A 348 -1.10 11.38 3.07
N ALA A 349 -1.35 11.98 4.24
CA ALA A 349 -0.42 11.82 5.36
C ALA A 349 -0.30 10.35 5.77
N THR A 350 -1.38 9.58 5.66
CA THR A 350 -1.32 8.17 5.99
C THR A 350 -0.34 7.42 5.10
N LYS A 351 -0.23 7.81 3.83
CA LYS A 351 0.65 7.14 2.89
C LYS A 351 1.90 7.94 2.54
N GLY A 352 1.98 9.20 2.96
CA GLY A 352 3.13 10.01 2.60
C GLY A 352 3.23 10.40 1.15
N LYS A 353 2.22 10.08 0.36
CA LYS A 353 2.21 10.37 -1.07
C LYS A 353 1.43 11.65 -1.35
N LYS A 354 1.81 12.33 -2.43
CA LYS A 354 1.16 13.58 -2.81
C LYS A 354 -0.07 13.28 -3.66
N GLU A 355 -1.08 14.14 -3.52
CA GLU A 355 -2.33 13.99 -4.24
C GLU A 355 -2.77 15.35 -4.77
N ARG A 356 -3.47 15.34 -5.88
CA ARG A 356 -4.02 16.56 -6.47
C ARG A 356 -5.52 16.43 -6.53
N LEU A 357 -6.23 17.34 -5.86
CA LEU A 357 -7.68 17.31 -5.81
C LEU A 357 -8.27 17.64 -7.18
N GLY A 358 -9.08 16.75 -7.71
CA GLY A 358 -9.70 16.99 -8.99
C GLY A 358 -10.95 17.84 -8.87
N LYS A 359 -12.03 17.43 -9.53
CA LYS A 359 -13.30 18.11 -9.35
C LYS A 359 -13.83 17.88 -7.94
N LEU A 360 -14.49 18.90 -7.40
CA LEU A 360 -15.08 18.85 -6.07
C LEU A 360 -16.58 19.01 -6.18
N PHE A 361 -17.32 18.14 -5.50
CA PHE A 361 -18.76 18.11 -5.59
C PHE A 361 -19.39 18.02 -4.20
N GLN A 362 -20.57 18.62 -4.07
CA GLN A 362 -21.46 18.39 -2.95
C GLN A 362 -22.73 17.79 -3.52
N HIS A 364 -26.32 16.63 -4.09
CA HIS A 364 -27.68 16.96 -3.68
C HIS A 364 -28.61 15.81 -4.03
N SER A 365 -29.86 15.93 -3.59
CA SER A 365 -30.83 14.84 -3.76
C SER A 365 -31.06 14.51 -5.23
N ASN A 366 -30.97 15.50 -6.12
CA ASN A 366 -31.27 15.26 -7.52
C ASN A 366 -30.31 15.98 -8.46
N LYS A 367 -29.17 16.45 -7.96
CA LYS A 367 -28.18 17.08 -8.81
C LYS A 367 -26.82 16.98 -8.13
N GLU A 368 -25.78 17.36 -8.86
CA GLU A 368 -24.42 17.41 -8.33
C GLU A 368 -23.99 18.88 -8.30
N ASN A 369 -23.83 19.43 -7.10
CA ASN A 369 -23.45 20.83 -6.97
C ASN A 369 -21.93 20.92 -6.96
N PRO A 370 -21.30 21.43 -8.03
CA PRO A 370 -19.84 21.56 -8.03
C PRO A 370 -19.38 22.76 -7.21
N VAL A 371 -18.33 22.55 -6.43
CA VAL A 371 -17.77 23.61 -5.60
C VAL A 371 -16.33 23.85 -6.01
N ASP A 372 -15.82 25.03 -5.67
CA ASP A 372 -14.48 25.43 -6.08
C ASP A 372 -13.43 25.20 -5.01
N ARG A 373 -13.84 24.87 -3.79
CA ARG A 373 -12.90 24.64 -2.71
C ARG A 373 -13.59 23.82 -1.62
N ALA A 374 -12.79 23.11 -0.85
CA ALA A 374 -13.27 22.27 0.25
C ALA A 374 -12.90 22.91 1.58
N SER A 375 -13.90 23.42 2.29
CA SER A 375 -13.71 24.14 3.54
C SER A 375 -14.15 23.29 4.72
N ALA A 376 -13.90 23.81 5.92
CA ALA A 376 -14.14 23.09 7.16
C ALA A 376 -15.61 22.87 7.42
N GLY A 377 -15.91 21.77 8.10
CA GLY A 377 -17.27 21.47 8.53
C GLY A 377 -18.17 20.88 7.47
N HIS A 378 -17.63 20.53 6.30
CA HIS A 378 -18.45 20.08 5.19
C HIS A 378 -17.95 18.75 4.66
N ILE A 379 -18.78 18.13 3.83
CA ILE A 379 -18.51 16.81 3.26
C ILE A 379 -18.58 16.95 1.74
N TYR A 380 -17.59 16.38 1.06
CA TYR A 380 -17.46 16.53 -0.38
C TYR A 380 -17.18 15.18 -1.02
N ALA A 381 -17.37 15.13 -2.33
CA ALA A 381 -16.96 14.00 -3.15
C ALA A 381 -15.84 14.49 -4.08
N VAL A 382 -14.69 13.83 -4.01
CA VAL A 382 -13.51 14.26 -4.74
C VAL A 382 -13.25 13.28 -5.87
N ILE A 383 -12.55 13.75 -6.89
CA ILE A 383 -12.38 12.99 -8.13
C ILE A 383 -10.95 12.49 -8.29
N GLY A 384 -10.01 13.40 -8.48
CA GLY A 384 -8.69 13.02 -8.96
C GLY A 384 -7.72 12.45 -7.94
N LEU A 385 -8.20 11.53 -7.09
CA LEU A 385 -7.35 10.91 -6.07
C LEU A 385 -6.95 9.51 -6.54
N LYS A 386 -5.68 9.18 -6.38
CA LYS A 386 -5.11 7.93 -6.89
C LYS A 386 -4.68 6.97 -5.80
N ASP A 387 -4.14 7.44 -4.68
CA ASP A 387 -3.63 6.59 -3.62
C ASP A 387 -4.30 6.87 -2.27
N THR A 388 -5.58 7.22 -2.27
CA THR A 388 -6.30 7.50 -1.02
C THR A 388 -7.32 6.40 -0.75
N THR A 389 -7.27 5.85 0.46
CA THR A 389 -8.12 4.77 0.93
C THR A 389 -9.00 5.27 2.06
N THR A 390 -10.13 4.58 2.30
CA THR A 390 -10.99 4.92 3.43
C THR A 390 -10.20 4.90 4.72
N GLY A 391 -10.18 6.03 5.42
CA GLY A 391 -9.41 6.21 6.64
C GLY A 391 -8.16 7.04 6.46
N ASP A 392 -7.70 7.22 5.24
CA ASP A 392 -6.53 8.07 4.99
C ASP A 392 -6.86 9.52 5.32
N THR A 393 -5.83 10.28 5.68
CA THR A 393 -5.98 11.69 6.03
C THR A 393 -5.32 12.56 4.98
N LEU A 394 -6.09 13.51 4.44
CA LEU A 394 -5.57 14.51 3.53
C LEU A 394 -5.32 15.79 4.30
N SER A 395 -4.14 16.38 4.12
CA SER A 395 -3.74 17.51 4.97
C SER A 395 -2.87 18.46 4.18
N ASP A 396 -2.69 19.65 4.75
CA ASP A 396 -1.70 20.59 4.25
C ASP A 396 -0.33 19.92 4.20
N PRO A 397 0.41 20.04 3.08
CA PRO A 397 1.74 19.42 3.03
C PRO A 397 2.71 19.98 4.07
N ASN A 398 2.57 21.25 4.44
CA ASN A 398 3.53 21.86 5.36
C ASN A 398 3.22 21.53 6.82
N GLN A 399 1.95 21.47 7.18
CA GLN A 399 1.51 21.17 8.55
C GLN A 399 0.71 19.87 8.49
N GLN A 400 1.39 18.75 8.65
CA GLN A 400 0.81 17.44 8.41
C GLN A 400 0.20 16.87 9.69
N ILE A 401 -1.04 16.38 9.59
CA ILE A 401 -1.71 15.66 10.67
C ILE A 401 -2.21 14.34 10.11
N VAL A 402 -2.22 13.31 10.96
CA VAL A 402 -2.82 12.02 10.65
C VAL A 402 -3.94 11.79 11.66
N LEU A 403 -5.16 11.61 11.16
CA LEU A 403 -6.32 11.60 12.05
C LEU A 403 -6.50 10.25 12.74
N GLU A 404 -6.31 9.15 12.03
CA GLU A 404 -6.37 7.82 12.62
C GLU A 404 -4.97 7.34 12.95
N SER A 405 -4.86 6.56 14.03
CA SER A 405 -3.56 6.08 14.46
C SER A 405 -3.00 5.11 13.41
N THR A 407 -0.01 3.34 13.87
CA THR A 407 0.72 2.26 14.50
C THR A 407 -0.24 1.42 15.34
N PHE A 408 0.02 0.12 15.37
CA PHE A 408 -0.78 -0.88 16.08
C PHE A 408 0.18 -1.95 16.57
N PRO A 409 0.01 -2.45 17.78
CA PRO A 409 0.88 -3.51 18.28
C PRO A 409 0.56 -4.83 17.58
N ASP A 410 1.47 -5.78 17.74
CA ASP A 410 1.29 -7.08 17.10
C ASP A 410 0.07 -7.75 17.72
N PRO A 411 -0.61 -8.63 16.98
CA PRO A 411 -1.84 -9.22 17.50
C PRO A 411 -1.59 -9.99 18.79
N VAL A 412 -2.59 -9.96 19.67
CA VAL A 412 -2.52 -10.65 20.95
C VAL A 412 -3.44 -11.86 21.01
N ILE A 413 -4.34 -12.00 20.06
CA ILE A 413 -5.22 -13.16 19.98
C ILE A 413 -5.27 -13.62 18.53
N GLU A 414 -5.31 -14.93 18.33
CA GLU A 414 -5.31 -15.52 17.00
C GLU A 414 -6.42 -16.55 16.88
N VAL A 415 -7.04 -16.60 15.71
CA VAL A 415 -8.05 -17.61 15.41
C VAL A 415 -7.65 -18.30 14.10
N ALA A 416 -7.94 -19.59 14.01
CA ALA A 416 -7.60 -20.41 12.86
C ALA A 416 -8.85 -20.71 12.05
N ILE A 417 -8.78 -20.46 10.75
CA ILE A 417 -9.87 -20.74 9.81
C ILE A 417 -9.38 -21.69 8.73
N GLU A 418 -10.16 -22.74 8.49
CA GLU A 418 -9.89 -23.68 7.41
C GLU A 418 -11.12 -23.71 6.50
N PRO A 419 -10.99 -23.34 5.22
CA PRO A 419 -12.15 -23.38 4.34
C PRO A 419 -12.60 -24.81 4.11
N LYS A 420 -13.90 -24.98 3.88
CA LYS A 420 -14.44 -26.30 3.63
C LYS A 420 -14.17 -26.78 2.21
N THR A 421 -14.37 -25.93 1.22
CA THR A 421 -14.28 -26.31 -0.18
C THR A 421 -13.34 -25.38 -0.93
N LYS A 422 -12.96 -25.81 -2.13
CA LYS A 422 -12.07 -25.03 -2.98
C LYS A 422 -12.71 -23.75 -3.49
N SER A 423 -14.04 -23.62 -3.39
CA SER A 423 -14.69 -22.35 -3.66
C SER A 423 -14.71 -21.43 -2.45
N ASP A 424 -14.70 -22.01 -1.25
CA ASP A 424 -14.59 -21.21 -0.03
C ASP A 424 -13.21 -20.60 0.10
N GLN A 425 -12.19 -21.26 -0.45
CA GLN A 425 -10.85 -20.69 -0.45
C GLN A 425 -10.79 -19.42 -1.29
N GLU A 426 -11.48 -19.42 -2.44
CA GLU A 426 -11.47 -18.24 -3.30
C GLU A 426 -12.31 -17.12 -2.72
N LYS A 427 -13.39 -17.45 -2.01
CA LYS A 427 -14.19 -16.42 -1.35
C LYS A 427 -13.45 -15.83 -0.15
N LEU A 428 -12.66 -16.65 0.54
CA LEU A 428 -11.86 -16.16 1.65
C LEU A 428 -10.75 -15.23 1.18
N SER A 429 -10.31 -15.37 -0.07
CA SER A 429 -9.25 -14.51 -0.55
C SER A 429 -9.78 -13.18 -1.05
N LEU A 430 -11.07 -13.11 -1.36
CA LEU A 430 -11.68 -11.84 -1.69
C LEU A 430 -12.22 -11.12 -0.45
N SER A 431 -12.33 -11.83 0.68
CA SER A 431 -12.71 -11.19 1.93
C SER A 431 -11.51 -10.60 2.65
N ILE A 432 -10.36 -11.28 2.58
CA ILE A 432 -9.14 -10.80 3.21
C ILE A 432 -8.56 -9.61 2.46
N GLN A 433 -9.00 -9.40 1.22
CA GLN A 433 -8.60 -8.25 0.42
C GLN A 433 -9.46 -7.02 0.70
N LYS A 434 -10.78 -7.20 0.75
CA LYS A 434 -11.66 -6.07 1.04
C LYS A 434 -11.57 -5.64 2.50
N LEU A 435 -11.35 -6.59 3.42
CA LEU A 435 -11.20 -6.22 4.82
C LEU A 435 -9.85 -5.58 5.11
N ALA A 436 -8.80 -5.96 4.37
CA ALA A 436 -7.53 -5.26 4.47
C ALA A 436 -7.70 -3.78 4.17
N GLU A 437 -8.50 -3.46 3.15
CA GLU A 437 -8.77 -2.06 2.80
C GLU A 437 -9.44 -1.33 3.96
N GLU A 438 -10.32 -2.00 4.69
CA GLU A 438 -11.09 -1.37 5.76
C GLU A 438 -10.40 -1.42 7.10
N ASP A 439 -9.71 -2.52 7.41
CA ASP A 439 -9.04 -2.67 8.70
C ASP A 439 -7.55 -2.99 8.56
N PRO A 440 -6.66 -2.04 8.83
CA PRO A 440 -5.22 -2.36 8.92
C PRO A 440 -4.80 -3.04 10.21
N THR A 441 -5.67 -3.12 11.22
CA THR A 441 -5.30 -3.66 12.53
C THR A 441 -5.12 -5.17 12.56
N PHE A 442 -5.72 -5.92 11.63
CA PHE A 442 -5.70 -7.38 11.61
C PHE A 442 -4.64 -7.96 10.66
N LYS A 443 -4.00 -9.05 11.08
CA LYS A 443 -2.93 -9.74 10.34
C LYS A 443 -3.33 -11.17 9.98
N VAL A 444 -3.02 -11.57 8.74
CA VAL A 444 -3.37 -12.89 8.19
C VAL A 444 -2.14 -13.63 7.70
N HIS A 445 -2.05 -14.92 8.00
CA HIS A 445 -1.03 -15.80 7.44
C HIS A 445 -1.67 -17.13 7.06
N LEU A 446 -1.14 -17.76 6.00
CA LEU A 446 -1.74 -18.97 5.44
C LEU A 446 -0.67 -20.06 5.32
N ASP A 447 -0.94 -21.23 5.91
CA ASP A 447 -0.12 -22.42 5.72
C ASP A 447 -0.72 -23.24 4.58
N SER A 448 -0.04 -23.28 3.42
CA SER A 448 -0.59 -24.00 2.28
C SER A 448 -0.72 -25.50 2.55
N GLU A 449 0.07 -26.02 3.48
CA GLU A 449 -0.08 -27.38 3.96
C GLU A 449 -1.09 -27.37 5.11
N THR A 450 -2.19 -28.12 4.93
CA THR A 450 -3.42 -28.10 5.73
C THR A 450 -4.33 -26.91 5.43
N GLY A 451 -3.80 -25.85 4.81
CA GLY A 451 -4.65 -24.76 4.38
C GLY A 451 -5.27 -23.94 5.49
N GLN A 452 -4.53 -23.71 6.57
CA GLN A 452 -5.05 -23.06 7.77
C GLN A 452 -4.69 -21.58 7.84
N THR A 453 -5.60 -20.73 7.35
CA THR A 453 -5.48 -19.28 7.52
C THR A 453 -5.65 -18.89 8.99
N VAL A 454 -4.62 -18.30 9.58
CA VAL A 454 -4.67 -17.81 10.96
C VAL A 454 -4.72 -16.29 10.95
N ILE A 455 -5.73 -15.72 11.60
CA ILE A 455 -5.92 -14.27 11.66
C ILE A 455 -5.58 -13.76 13.05
N GLY A 456 -4.78 -12.70 13.10
CA GLY A 456 -4.44 -12.03 14.34
C GLY A 456 -5.30 -10.79 14.53
N GLY A 457 -5.69 -10.54 15.79
CA GLY A 457 -6.59 -9.46 16.10
C GLY A 457 -6.18 -8.74 17.37
N GLY A 459 -8.35 -8.33 19.91
CA GLY A 459 -9.20 -8.83 20.98
C GLY A 459 -10.13 -9.88 20.43
N GLU A 460 -10.83 -10.54 21.36
CA GLU A 460 -11.75 -11.61 20.96
C GLU A 460 -12.90 -11.06 20.14
N LEU A 461 -13.40 -9.87 20.50
CA LEU A 461 -14.52 -9.28 19.78
C LEU A 461 -14.08 -8.81 18.40
N HIS A 462 -12.88 -8.24 18.28
CA HIS A 462 -12.35 -7.82 16.99
C HIS A 462 -12.27 -9.01 16.03
N LEU A 463 -11.72 -10.12 16.49
CA LEU A 463 -11.67 -11.32 15.65
C LEU A 463 -13.06 -11.84 15.36
N ASP A 464 -13.95 -11.76 16.35
CA ASP A 464 -15.31 -12.25 16.17
C ASP A 464 -16.03 -11.49 15.06
N ILE A 465 -15.72 -10.20 14.91
CA ILE A 465 -16.32 -9.39 13.85
C ILE A 465 -15.83 -9.84 12.48
N LEU A 466 -14.52 -10.06 12.34
CA LEU A 466 -13.97 -10.42 11.04
C LEU A 466 -14.50 -11.76 10.55
N VAL A 467 -14.65 -12.73 11.45
CA VAL A 467 -15.14 -14.04 11.04
C VAL A 467 -16.59 -13.93 10.59
N ASP A 468 -17.39 -13.10 11.27
CA ASP A 468 -18.79 -12.91 10.88
C ASP A 468 -18.91 -12.22 9.53
N ARG A 469 -18.12 -11.16 9.30
CA ARG A 469 -18.18 -10.47 8.03
C ARG A 469 -17.73 -11.37 6.88
N ARG A 471 -18.40 -14.57 6.82
CA ARG A 471 -19.44 -15.57 6.64
C ARG A 471 -20.79 -14.98 6.24
N ARG A 472 -21.03 -13.69 6.47
CA ARG A 472 -22.31 -13.11 6.15
C ARG A 472 -22.25 -12.16 4.95
N GLU A 473 -21.21 -11.33 4.87
CA GLU A 473 -21.09 -10.39 3.76
C GLU A 473 -20.35 -11.00 2.58
N PHE A 474 -19.66 -12.12 2.78
CA PHE A 474 -18.86 -12.75 1.74
C PHE A 474 -19.16 -14.23 1.59
N LYS A 475 -19.98 -14.79 2.47
CA LYS A 475 -20.49 -16.16 2.35
C LYS A 475 -19.36 -17.18 2.26
N VAL A 476 -18.49 -17.17 3.26
CA VAL A 476 -17.46 -18.19 3.37
C VAL A 476 -18.01 -19.33 4.23
N GLU A 477 -17.68 -20.56 3.87
CA GLU A 477 -18.04 -21.74 4.64
C GLU A 477 -16.75 -22.39 5.13
N ALA A 478 -16.45 -22.20 6.41
CA ALA A 478 -15.15 -22.61 6.93
C ALA A 478 -15.30 -23.03 8.39
N ASN A 479 -14.38 -23.85 8.85
CA ASN A 479 -14.30 -24.23 10.25
C ASN A 479 -13.45 -23.20 10.99
N VAL A 480 -14.06 -22.52 11.96
CA VAL A 480 -13.38 -21.51 12.76
C VAL A 480 -12.91 -22.16 14.05
N GLY A 481 -11.63 -21.93 14.38
CA GLY A 481 -11.08 -22.46 15.61
C GLY A 481 -11.45 -21.62 16.82
N LYS A 482 -11.04 -22.12 17.98
CA LYS A 482 -11.27 -21.27 19.15
C LYS A 482 -10.11 -20.29 19.31
N PRO A 483 -10.41 -19.05 19.68
CA PRO A 483 -9.35 -18.03 19.75
C PRO A 483 -8.27 -18.40 20.76
N GLN A 484 -7.01 -18.19 20.37
CA GLN A 484 -5.86 -18.53 21.21
C GLN A 484 -5.10 -17.25 21.53
N VAL A 485 -4.78 -17.07 22.82
CA VAL A 485 -4.05 -15.89 23.24
C VAL A 485 -2.60 -16.02 22.81
N ALA A 486 -2.02 -14.91 22.32
CA ALA A 486 -0.66 -14.91 21.80
C ALA A 486 0.33 -14.72 22.95
N TYR A 487 0.62 -15.83 23.62
CA TYR A 487 1.56 -15.83 24.74
C TYR A 487 2.99 -15.73 24.21
N LYS A 488 3.89 -15.36 25.12
CA LYS A 488 5.31 -15.28 24.82
C LYS A 488 6.11 -15.86 25.99
N GLU A 489 7.41 -16.05 25.76
CA GLU A 489 8.32 -16.58 26.76
C GLU A 489 9.51 -15.64 26.92
N THR A 490 10.14 -15.71 28.09
CA THR A 490 11.35 -14.97 28.38
C THR A 490 12.08 -15.70 29.50
N ILE A 491 13.22 -15.14 29.90
CA ILE A 491 14.02 -15.73 30.97
C ILE A 491 14.13 -14.72 32.11
N LYS A 492 14.34 -15.24 33.32
CA LYS A 492 14.40 -14.42 34.51
C LYS A 492 15.79 -14.38 35.13
N ARG A 493 16.73 -15.17 34.61
CA ARG A 493 18.05 -15.30 35.22
C ARG A 493 19.16 -15.20 34.19
N LEU A 494 20.35 -14.87 34.69
CA LEU A 494 21.56 -14.84 33.90
C LEU A 494 22.21 -16.21 33.93
N VAL A 495 22.47 -16.78 32.75
CA VAL A 495 23.18 -18.05 32.63
C VAL A 495 24.48 -17.78 31.87
N GLN A 496 25.58 -18.33 32.37
CA GLN A 496 26.90 -17.94 31.88
C GLN A 496 27.66 -19.12 31.30
N ASN A 497 28.48 -18.82 30.29
CA ASN A 497 29.38 -19.78 29.65
C ASN A 497 28.65 -21.06 29.23
N VAL A 498 27.51 -20.87 28.57
CA VAL A 498 26.78 -21.99 27.99
C VAL A 498 27.39 -22.31 26.63
N GLU A 499 27.86 -23.54 26.47
CA GLU A 499 28.59 -23.95 25.28
C GLU A 499 27.81 -25.04 24.54
N TYR A 500 27.93 -25.01 23.20
CA TYR A 500 27.40 -26.06 22.34
C TYR A 500 28.36 -26.30 21.19
N THR A 501 28.56 -27.58 20.84
CA THR A 501 29.42 -27.96 19.73
C THR A 501 28.63 -28.80 18.74
N HIS A 502 28.64 -28.39 17.48
CA HIS A 502 27.99 -29.11 16.39
C HIS A 502 29.06 -29.85 15.60
N LYS A 503 29.00 -31.19 15.62
CA LYS A 503 29.96 -32.04 14.91
C LYS A 503 29.18 -33.13 14.16
N LYS A 504 28.69 -32.79 12.97
CA LYS A 504 28.00 -33.73 12.10
C LYS A 504 28.89 -34.10 10.92
N GLN A 505 29.20 -35.39 10.79
CA GLN A 505 29.95 -35.88 9.64
C GLN A 505 28.97 -36.34 8.57
N THR A 506 28.51 -35.36 7.79
CA THR A 506 27.66 -35.64 6.63
C THR A 506 28.50 -36.28 5.53
N GLY A 507 27.83 -36.74 4.47
CA GLY A 507 28.48 -37.50 3.43
C GLY A 507 29.70 -36.81 2.89
N GLY A 508 30.84 -37.50 2.95
CA GLY A 508 32.12 -36.91 2.57
C GLY A 508 32.65 -36.01 3.65
N SER A 509 32.83 -34.73 3.32
CA SER A 509 33.32 -33.76 4.30
C SER A 509 32.24 -33.48 5.34
N GLY A 510 32.69 -33.26 6.58
CA GLY A 510 31.81 -33.02 7.71
C GLY A 510 31.60 -31.55 8.00
N GLN A 511 30.86 -31.30 9.09
CA GLN A 511 30.49 -29.97 9.55
C GLN A 511 30.95 -29.80 10.99
N PHE A 512 31.42 -28.60 11.34
CA PHE A 512 31.91 -28.35 12.69
C PHE A 512 31.63 -26.91 13.11
N ALA A 513 31.29 -26.74 14.38
CA ALA A 513 31.12 -25.42 14.99
C ALA A 513 30.96 -25.53 16.49
N LYS A 514 31.81 -24.83 17.25
CA LYS A 514 31.70 -24.75 18.70
C LYS A 514 31.42 -23.31 19.07
N VAL A 515 30.44 -23.09 19.95
CA VAL A 515 30.02 -21.76 20.34
C VAL A 515 29.80 -21.73 21.85
N ILE A 516 30.30 -20.68 22.50
CA ILE A 516 30.07 -20.42 23.92
C ILE A 516 29.39 -19.07 24.04
N ILE A 517 28.20 -19.04 24.62
CA ILE A 517 27.40 -17.82 24.71
C ILE A 517 27.12 -17.51 26.17
N ASN A 518 26.63 -16.30 26.39
CA ASN A 518 26.20 -15.83 27.70
C ASN A 518 24.80 -15.24 27.52
N LEU A 519 23.81 -15.79 28.22
CA LEU A 519 22.42 -15.43 28.01
C LEU A 519 21.84 -14.78 29.26
N GLU A 520 21.26 -13.59 29.09
CA GLU A 520 20.70 -12.82 30.19
C GLU A 520 19.40 -12.17 29.72
N PRO A 521 18.53 -11.78 30.66
CA PRO A 521 17.36 -10.99 30.30
C PRO A 521 17.78 -9.60 29.83
N PHE A 522 16.96 -9.03 28.95
CA PHE A 522 17.28 -7.76 28.28
C PHE A 522 16.02 -6.92 28.27
N THR A 523 16.08 -5.77 28.95
CA THR A 523 14.92 -4.89 29.08
C THR A 523 14.54 -4.27 27.75
N GLY A 524 15.49 -3.59 27.11
CA GLY A 524 15.24 -2.85 25.89
C GLY A 524 14.78 -1.47 26.34
N GLU A 525 15.71 -0.50 26.30
CA GLU A 525 15.40 0.83 26.80
C GLU A 525 14.31 1.51 25.97
N GLU A 526 14.34 1.32 24.66
CA GLU A 526 13.38 1.91 23.74
C GLU A 526 12.40 0.88 23.19
N GLY A 527 12.21 -0.23 23.89
CA GLY A 527 11.30 -1.28 23.45
C GLY A 527 11.92 -2.38 22.63
N ALA A 528 13.25 -2.49 22.61
CA ALA A 528 13.88 -3.57 21.87
C ALA A 528 13.60 -4.90 22.56
N THR A 529 13.40 -5.94 21.75
CA THR A 529 13.14 -7.28 22.24
C THR A 529 14.41 -8.13 22.30
N TYR A 530 15.39 -7.86 21.44
CA TYR A 530 16.56 -8.71 21.33
C TYR A 530 17.80 -7.87 21.12
N GLU A 531 18.92 -8.34 21.64
CA GLU A 531 20.23 -7.76 21.38
C GLU A 531 21.26 -8.88 21.30
N PHE A 532 22.13 -8.79 20.29
CA PHE A 532 23.22 -9.73 20.12
C PHE A 532 24.54 -8.97 20.28
N GLU A 533 25.44 -9.52 21.08
CA GLU A 533 26.75 -8.94 21.30
C GLU A 533 27.82 -10.01 21.10
N SER A 534 28.88 -9.64 20.40
CA SER A 534 29.99 -10.53 20.13
C SER A 534 31.22 -10.03 20.86
N LYS A 535 31.77 -10.87 21.75
CA LYS A 535 33.02 -10.58 22.43
C LYS A 535 34.13 -11.54 22.00
N VAL A 536 33.98 -12.17 20.83
CA VAL A 536 34.99 -13.11 20.37
C VAL A 536 36.29 -12.38 20.08
N THR A 537 37.38 -12.90 20.62
CA THR A 537 38.70 -12.28 20.53
C THR A 537 39.64 -13.20 19.76
N GLY A 538 40.47 -12.61 18.89
CA GLY A 538 41.54 -13.36 18.26
C GLY A 538 41.11 -14.33 17.19
N GLY A 539 39.95 -14.10 16.57
CA GLY A 539 39.48 -14.94 15.49
C GLY A 539 39.21 -16.38 15.87
N ARG A 540 38.81 -16.62 17.12
CA ARG A 540 38.45 -17.98 17.53
C ARG A 540 37.23 -18.45 16.77
N ILE A 541 36.31 -17.53 16.48
CA ILE A 541 35.23 -17.71 15.52
C ILE A 541 35.48 -16.70 14.40
N PRO A 542 35.66 -17.15 13.15
CA PRO A 542 35.90 -16.19 12.06
C PRO A 542 34.77 -15.17 11.98
N ARG A 543 35.14 -13.93 11.67
CA ARG A 543 34.19 -12.83 11.62
C ARG A 543 33.02 -13.11 10.69
N GLU A 544 33.26 -13.82 9.58
CA GLU A 544 32.19 -14.11 8.63
C GLU A 544 31.10 -14.99 9.23
N TYR A 545 31.38 -15.70 10.32
CA TYR A 545 30.43 -16.63 10.91
C TYR A 545 29.68 -16.05 12.11
N ILE A 546 30.10 -14.89 12.63
CA ILE A 546 29.43 -14.32 13.79
C ILE A 546 27.95 -14.02 13.54
N PRO A 547 27.56 -13.36 12.45
CA PRO A 547 26.12 -13.11 12.24
C PRO A 547 25.30 -14.37 12.04
N SER A 548 25.92 -15.48 11.68
CA SER A 548 25.19 -16.74 11.56
C SER A 548 24.78 -17.25 12.93
N VAL A 549 25.61 -17.05 13.95
CA VAL A 549 25.23 -17.39 15.31
C VAL A 549 24.06 -16.52 15.76
N ASP A 550 24.10 -15.22 15.43
CA ASP A 550 22.98 -14.34 15.73
C ASP A 550 21.71 -14.82 15.05
N ALA A 551 21.79 -15.13 13.76
CA ALA A 551 20.61 -15.61 13.04
C ALA A 551 20.13 -16.93 13.60
N GLY A 552 21.06 -17.82 13.96
CA GLY A 552 20.67 -19.09 14.55
C GLY A 552 19.99 -18.93 15.91
N ALA A 553 20.51 -18.02 16.73
CA ALA A 553 19.85 -17.74 18.01
C ALA A 553 18.48 -17.12 17.79
N GLN A 554 18.38 -16.16 16.86
CA GLN A 554 17.10 -15.54 16.56
C GLN A 554 16.12 -16.55 15.97
N ASP A 555 16.61 -17.45 15.12
CA ASP A 555 15.74 -18.48 14.54
C ASP A 555 15.21 -19.42 15.63
N ALA A 556 16.06 -19.82 16.57
CA ALA A 556 15.60 -20.69 17.64
C ALA A 556 14.69 -19.93 18.60
N GLN A 558 12.24 -18.11 17.72
CA GLN A 558 10.88 -18.19 17.19
C GLN A 558 10.02 -19.23 17.91
N TYR A 559 10.63 -20.34 18.30
CA TYR A 559 9.97 -21.35 19.13
C TYR A 559 9.50 -21.65 20.55
N GLY A 560 10.33 -21.29 21.52
CA GLY A 560 10.05 -21.60 22.90
C GLY A 560 10.82 -22.79 23.42
N VAL A 561 11.18 -22.69 24.71
CA VAL A 561 11.71 -23.83 25.44
C VAL A 561 10.67 -24.40 26.40
N LEU A 562 9.70 -23.60 26.82
CA LEU A 562 8.70 -24.03 27.81
C LEU A 562 7.45 -24.61 27.16
N ALA A 563 6.72 -23.78 26.39
CA ALA A 563 5.45 -24.21 25.82
C ALA A 563 5.36 -23.91 24.31
N GLY A 564 6.48 -23.67 23.65
CA GLY A 564 6.45 -23.42 22.22
C GLY A 564 6.05 -22.02 21.80
N TYR A 565 6.08 -21.07 22.71
CA TYR A 565 5.74 -19.69 22.44
C TYR A 565 7.01 -18.88 22.20
N PRO A 566 6.93 -17.82 21.39
CA PRO A 566 8.14 -17.07 21.04
C PRO A 566 8.86 -16.52 22.25
N LEU A 567 10.18 -16.49 22.16
CA LEU A 567 11.02 -15.95 23.23
C LEU A 567 11.30 -14.48 22.96
N VAL A 568 11.19 -13.66 24.00
CA VAL A 568 11.33 -12.22 23.89
C VAL A 568 12.17 -11.70 25.05
N ASN A 569 12.76 -10.52 24.87
CA ASN A 569 13.54 -9.84 25.90
C ASN A 569 14.74 -10.68 26.34
N LEU A 570 15.59 -10.97 25.35
CA LEU A 570 16.80 -11.74 25.56
C LEU A 570 18.01 -10.98 25.02
N LYS A 571 19.14 -11.17 25.66
CA LYS A 571 20.42 -10.64 25.17
C LYS A 571 21.39 -11.79 25.07
N VAL A 572 21.87 -12.05 23.85
CA VAL A 572 22.84 -13.11 23.59
C VAL A 572 24.21 -12.48 23.48
N THR A 573 25.16 -12.99 24.25
CA THR A 573 26.54 -12.51 24.23
C THR A 573 27.43 -13.65 23.79
N LEU A 574 27.97 -13.54 22.58
CA LEU A 574 28.86 -14.57 22.03
C LEU A 574 30.24 -14.38 22.65
N LEU A 575 30.67 -15.35 23.44
CA LEU A 575 31.88 -15.21 24.25
C LEU A 575 33.11 -15.83 23.62
N ASP A 576 32.99 -17.02 23.03
CA ASP A 576 34.14 -17.73 22.47
C ASP A 576 33.63 -18.76 21.48
N GLY A 577 34.52 -19.63 21.03
CA GLY A 577 34.15 -20.70 20.13
C GLY A 577 35.38 -21.31 19.48
N ALA A 578 35.11 -22.24 18.57
CA ALA A 578 36.16 -22.93 17.84
C ALA A 578 35.68 -23.22 16.44
N TYR A 579 36.62 -23.48 15.54
CA TYR A 579 36.28 -23.74 14.16
C TYR A 579 37.37 -24.59 13.51
N HIS A 580 36.95 -25.44 12.58
CA HIS A 580 37.86 -26.14 11.68
C HIS A 580 37.82 -25.40 10.33
N GLU A 581 38.99 -25.11 9.79
CA GLU A 581 39.06 -24.26 8.61
C GLU A 581 38.29 -24.84 7.44
N VAL A 582 38.18 -26.16 7.37
CA VAL A 582 37.50 -26.82 6.26
C VAL A 582 36.06 -27.16 6.60
N ASP A 583 35.82 -27.63 7.83
CA ASP A 583 34.49 -28.15 8.18
C ASP A 583 33.52 -27.06 8.60
N SER A 584 33.99 -25.90 9.06
CA SER A 584 33.09 -24.88 9.58
C SER A 584 32.53 -24.02 8.45
N SER A 585 31.21 -23.85 8.48
CA SER A 585 30.50 -23.06 7.48
C SER A 585 29.49 -22.17 8.19
N GLU A 586 28.91 -21.23 7.44
CA GLU A 586 27.87 -20.32 7.97
C GLU A 586 26.73 -21.19 8.45
N ALA A 588 26.88 -24.28 9.66
CA ALA A 588 27.30 -24.97 10.90
C ALA A 588 27.21 -24.03 12.10
N PHE A 589 27.59 -22.77 11.95
CA PHE A 589 27.59 -21.78 13.06
C PHE A 589 26.17 -21.30 13.30
N LYS A 590 25.24 -21.45 12.36
CA LYS A 590 23.82 -21.18 12.59
C LYS A 590 23.16 -22.30 13.38
N ILE A 591 23.53 -23.56 13.10
CA ILE A 591 23.07 -24.66 13.93
C ILE A 591 23.57 -24.50 15.36
N ALA A 592 24.84 -24.11 15.51
CA ALA A 592 25.40 -23.92 16.85
C ALA A 592 24.64 -22.85 17.60
N GLY A 593 24.40 -21.70 16.95
CA GLY A 593 23.62 -20.65 17.58
C GLY A 593 22.22 -21.08 17.96
N SER A 594 21.57 -21.86 17.09
CA SER A 594 20.24 -22.37 17.39
C SER A 594 20.25 -23.25 18.64
N GLN A 595 21.03 -24.32 18.61
CA GLN A 595 21.03 -25.27 19.72
C GLN A 595 21.54 -24.65 21.02
N VAL A 596 22.50 -23.72 20.94
CA VAL A 596 23.03 -23.13 22.16
C VAL A 596 22.00 -22.22 22.82
N LEU A 597 21.13 -21.60 22.04
CA LEU A 597 20.08 -20.75 22.63
C LEU A 597 19.07 -21.61 23.38
N LYS A 598 18.63 -22.70 22.77
CA LYS A 598 17.74 -23.65 23.45
C LYS A 598 18.38 -24.18 24.73
N LYS A 599 19.70 -24.33 24.74
CA LYS A 599 20.40 -24.86 25.90
C LYS A 599 20.46 -23.82 27.02
N ALA A 600 20.81 -22.58 26.67
CA ALA A 600 20.97 -21.55 27.70
C ALA A 600 19.62 -21.10 28.24
N ALA A 601 18.61 -20.98 27.38
CA ALA A 601 17.29 -20.53 27.83
C ALA A 601 16.65 -21.53 28.78
N ALA A 602 16.87 -22.83 28.55
CA ALA A 602 16.33 -23.83 29.46
C ALA A 602 16.94 -23.72 30.85
N LEU A 603 18.20 -23.30 30.95
CA LEU A 603 18.89 -23.23 32.23
C LEU A 603 18.82 -21.84 32.85
N ALA A 604 18.05 -20.92 32.26
CA ALA A 604 17.99 -19.54 32.71
C ALA A 604 16.61 -19.15 33.21
N GLN A 605 15.91 -20.07 33.88
CA GLN A 605 14.59 -19.82 34.46
C GLN A 605 13.60 -19.27 33.42
N PRO A 606 13.11 -20.12 32.52
CA PRO A 606 12.15 -19.66 31.52
C PRO A 606 10.79 -19.39 32.13
N VAL A 607 10.14 -18.31 31.69
CA VAL A 607 8.80 -17.97 32.15
C VAL A 607 7.92 -17.62 30.95
N ILE A 608 6.60 -17.71 31.17
CA ILE A 608 5.61 -17.39 30.14
C ILE A 608 5.07 -15.97 30.39
N LEU A 609 4.89 -15.22 29.30
CA LEU A 609 4.39 -13.86 29.37
C LEU A 609 2.96 -13.81 28.82
N GLU A 610 2.15 -12.95 29.43
CA GLU A 610 0.73 -12.81 29.15
C GLU A 610 0.42 -11.42 28.63
N PRO A 611 -0.49 -11.31 27.66
CA PRO A 611 -0.94 -9.97 27.23
C PRO A 611 -1.81 -9.34 28.30
N ILE A 612 -1.41 -8.16 28.77
CA ILE A 612 -2.18 -7.38 29.72
C ILE A 612 -2.94 -6.25 29.05
N ALA A 614 -5.38 -2.71 29.13
CA ALA A 614 -5.71 -1.50 29.86
C ALA A 614 -7.21 -1.32 29.67
N VAL A 615 -7.99 -1.73 30.68
CA VAL A 615 -9.45 -1.68 30.62
C VAL A 615 -9.93 -0.46 31.38
N GLU A 616 -10.90 0.25 30.79
CA GLU A 616 -11.52 1.42 31.38
C GLU A 616 -13.03 1.26 31.27
N VAL A 617 -13.72 1.26 32.41
CA VAL A 617 -15.16 1.04 32.47
C VAL A 617 -15.82 2.29 33.05
N THR A 618 -16.73 2.90 32.28
CA THR A 618 -17.57 3.99 32.78
C THR A 618 -18.91 3.42 33.21
N THR A 619 -19.19 3.48 34.52
CA THR A 619 -20.41 2.93 35.08
C THR A 619 -21.04 3.93 36.06
N PRO A 620 -22.36 3.93 36.17
CA PRO A 620 -23.00 4.66 37.28
C PRO A 620 -22.50 4.15 38.62
N GLU A 621 -22.61 5.00 39.64
CA GLU A 621 -22.11 4.64 40.96
C GLU A 621 -22.72 3.35 41.47
N ASP A 622 -24.02 3.14 41.24
CA ASP A 622 -24.73 2.04 41.87
C ASP A 622 -24.17 0.71 41.41
N TYR A 623 -23.72 0.61 40.16
CA TYR A 623 -23.18 -0.64 39.63
C TYR A 623 -21.66 -0.69 39.70
N GLY A 625 -19.58 -1.08 42.24
CA GLY A 625 -19.09 -2.17 43.04
C GLY A 625 -19.16 -3.49 42.31
N ASP A 626 -20.26 -3.72 41.58
CA ASP A 626 -20.39 -4.92 40.77
C ASP A 626 -19.36 -4.96 39.65
N VAL A 627 -18.91 -3.80 39.16
CA VAL A 627 -17.89 -3.78 38.12
C VAL A 627 -16.54 -4.19 38.69
N ILE A 628 -16.14 -3.56 39.79
CA ILE A 628 -14.83 -3.85 40.39
C ILE A 628 -14.77 -5.30 40.87
N GLY A 629 -15.89 -5.81 41.40
CA GLY A 629 -15.93 -7.21 41.79
C GLY A 629 -15.70 -8.15 40.62
N ASP A 630 -16.33 -7.88 39.49
CA ASP A 630 -16.09 -8.67 38.29
C ASP A 630 -14.63 -8.55 37.85
N LEU A 631 -14.08 -7.34 37.88
CA LEU A 631 -12.71 -7.13 37.42
C LEU A 631 -11.71 -7.85 38.33
N ASN A 632 -11.98 -7.85 39.63
CA ASN A 632 -11.12 -8.58 40.57
C ASN A 632 -11.14 -10.07 40.29
N SER A 633 -12.29 -10.61 39.87
CA SER A 633 -12.38 -12.03 39.57
C SER A 633 -11.62 -12.40 38.30
N ARG A 634 -11.32 -11.41 37.45
CA ARG A 634 -10.58 -11.64 36.22
C ARG A 634 -9.09 -11.38 36.39
N ARG A 635 -8.60 -11.44 37.64
CA ARG A 635 -7.20 -11.17 37.96
C ARG A 635 -6.80 -9.75 37.52
N GLY A 636 -7.74 -8.82 37.65
CA GLY A 636 -7.49 -7.44 37.29
C GLY A 636 -6.95 -6.64 38.47
N GLN A 637 -6.20 -5.60 38.15
CA GLN A 637 -5.56 -4.75 39.15
C GLN A 637 -6.13 -3.34 39.01
N ILE A 638 -6.93 -2.92 39.99
CA ILE A 638 -7.60 -1.64 39.93
C ILE A 638 -6.57 -0.51 39.99
N GLN A 639 -6.72 0.46 39.10
CA GLN A 639 -5.80 1.58 38.98
C GLN A 639 -6.41 2.92 39.38
N ALA A 640 -7.70 3.15 39.09
CA ALA A 640 -8.31 4.44 39.38
C ALA A 640 -9.81 4.30 39.56
N GLU A 642 -12.15 7.27 39.14
CA GLU A 642 -12.47 8.66 38.86
C GLU A 642 -13.96 8.87 38.67
N GLU A 643 -14.39 10.11 38.90
CA GLU A 643 -15.75 10.54 38.58
C GLU A 643 -15.67 11.54 37.43
N ARG A 644 -16.20 11.16 36.27
CA ARG A 644 -16.22 12.04 35.09
C ARG A 644 -17.63 12.12 34.52
N ALA A 645 -18.16 13.34 34.42
CA ALA A 645 -19.49 13.61 33.86
C ALA A 645 -20.60 12.83 34.59
N GLY A 646 -20.65 13.01 35.90
CA GLY A 646 -21.68 12.39 36.72
C GLY A 646 -21.64 10.88 36.74
N ALA A 647 -20.64 10.31 36.07
CA ALA A 647 -20.43 8.88 36.01
C ALA A 647 -19.10 8.55 36.67
N ARG A 648 -18.91 7.30 37.05
CA ARG A 648 -17.68 6.85 37.69
C ARG A 648 -16.89 6.01 36.69
N VAL A 649 -15.59 6.31 36.59
CA VAL A 649 -14.69 5.66 35.64
C VAL A 649 -13.69 4.82 36.42
N VAL A 650 -13.66 3.52 36.13
CA VAL A 650 -12.76 2.58 36.77
C VAL A 650 -11.71 2.15 35.76
N ARG A 651 -10.44 2.40 36.07
CA ARG A 651 -9.32 1.97 35.24
C ARG A 651 -8.64 0.78 35.91
N ALA A 652 -8.33 -0.24 35.12
CA ALA A 652 -7.70 -1.44 35.66
C ALA A 652 -6.90 -2.12 34.56
N HIS A 653 -5.90 -2.89 34.98
CA HIS A 653 -5.12 -3.74 34.08
C HIS A 653 -5.61 -5.17 34.20
N VAL A 654 -6.12 -5.73 33.11
CA VAL A 654 -6.66 -7.08 33.14
C VAL A 654 -5.96 -7.90 32.07
N PRO A 655 -5.51 -9.12 32.38
CA PRO A 655 -4.95 -9.98 31.33
C PRO A 655 -6.01 -10.32 30.29
N LEU A 656 -5.61 -10.24 29.02
CA LEU A 656 -6.51 -10.58 27.92
C LEU A 656 -7.05 -12.00 28.08
N SER A 657 -6.27 -12.89 28.68
CA SER A 657 -6.70 -14.27 28.86
C SER A 657 -7.99 -14.36 29.66
N GLU A 658 -8.26 -13.37 30.51
CA GLU A 658 -9.43 -13.41 31.38
C GLU A 658 -10.57 -12.52 30.91
N PHE A 660 -12.47 -12.77 28.15
CA PHE A 660 -13.37 -13.39 27.18
C PHE A 660 -14.81 -13.24 27.64
N GLY A 661 -15.64 -12.63 26.80
CA GLY A 661 -17.05 -12.47 27.13
C GLY A 661 -17.38 -11.29 28.01
N TYR A 662 -16.52 -10.26 28.04
CA TYR A 662 -16.75 -9.13 28.94
C TYR A 662 -17.97 -8.31 28.55
N VAL A 663 -18.22 -8.16 27.25
CA VAL A 663 -19.35 -7.37 26.77
C VAL A 663 -20.66 -7.86 27.40
N GLY A 664 -20.94 -9.15 27.25
CA GLY A 664 -22.19 -9.69 27.78
C GLY A 664 -22.24 -9.70 29.29
N ASP A 665 -21.10 -10.00 29.93
CA ASP A 665 -21.06 -10.05 31.40
C ASP A 665 -21.24 -8.67 32.00
N LEU A 666 -20.58 -7.65 31.44
CA LEU A 666 -20.75 -6.28 31.93
C LEU A 666 -22.19 -5.81 31.75
N ARG A 667 -22.80 -6.15 30.61
CA ARG A 667 -24.16 -5.73 30.34
C ARG A 667 -25.15 -6.39 31.30
N SER A 668 -24.93 -7.67 31.62
CA SER A 668 -25.80 -8.35 32.57
C SER A 668 -25.62 -7.82 33.99
N LYS A 669 -24.37 -7.60 34.41
CA LYS A 669 -24.13 -7.18 35.78
C LYS A 669 -24.55 -5.73 36.00
N THR A 670 -24.43 -4.87 35.00
CA THR A 670 -24.76 -3.46 35.16
C THR A 670 -26.08 -3.09 34.48
N GLN A 671 -26.90 -4.08 34.14
CA GLN A 671 -28.22 -3.85 33.52
C GLN A 671 -28.14 -2.90 32.33
N GLY A 672 -27.02 -2.90 31.63
CA GLY A 672 -26.86 -2.15 30.41
C GLY A 672 -26.41 -0.72 30.56
N ARG A 673 -26.09 -0.27 31.76
CA ARG A 673 -25.82 1.15 31.96
C ARG A 673 -24.33 1.46 31.92
N ALA A 674 -23.46 0.46 31.73
CA ALA A 674 -22.02 0.66 31.75
C ALA A 674 -21.41 0.35 30.40
N ASN A 675 -20.35 1.08 30.06
CA ASN A 675 -19.63 0.91 28.81
C ASN A 675 -18.15 0.72 29.14
N TYR A 676 -17.37 0.09 28.25
CA TYR A 676 -15.94 -0.20 28.49
C TYR A 676 -15.07 0.00 27.25
N SER A 677 -13.78 0.28 27.42
CA SER A 677 -12.79 0.38 26.32
C SER A 677 -11.57 -0.45 26.67
N VAL A 679 -7.66 -1.60 25.52
CA VAL A 679 -6.48 -1.27 24.67
C VAL A 679 -5.39 -2.24 25.12
N PHE A 680 -4.35 -2.47 24.35
CA PHE A 680 -3.21 -3.31 24.79
C PHE A 680 -2.38 -2.44 25.72
N ASP A 681 -1.75 -3.00 26.75
CA ASP A 681 -0.84 -2.25 27.61
C ASP A 681 0.57 -2.82 27.62
N SER A 682 0.74 -4.09 27.97
CA SER A 682 2.08 -4.66 28.08
C SER A 682 1.95 -6.18 28.24
N TYR A 683 3.09 -6.84 28.18
CA TYR A 683 3.19 -8.25 28.54
C TYR A 683 3.74 -8.35 29.95
N SER A 684 3.19 -9.28 30.74
CA SER A 684 3.64 -9.49 32.11
C SER A 684 3.76 -10.98 32.36
N GLU A 685 4.62 -11.34 33.31
CA GLU A 685 4.87 -12.75 33.59
C GLU A 685 3.63 -13.40 34.18
N VAL A 686 3.27 -14.56 33.64
CA VAL A 686 2.07 -15.27 34.07
C VAL A 686 2.26 -15.77 35.50
N PRO A 687 1.22 -15.71 36.35
CA PRO A 687 1.32 -16.30 37.68
C PRO A 687 1.64 -17.79 37.60
N ALA A 688 2.18 -18.31 38.70
CA ALA A 688 2.67 -19.69 38.71
C ALA A 688 1.56 -20.69 38.41
N ASN A 689 0.42 -20.57 39.09
CA ASN A 689 -0.65 -21.54 38.91
C ASN A 689 -1.27 -21.46 37.52
N VAL A 690 -1.21 -20.29 36.87
CA VAL A 690 -1.77 -20.16 35.54
C VAL A 690 -0.78 -20.62 34.46
N SER A 691 0.52 -20.45 34.72
CA SER A 691 1.54 -20.88 33.76
C SER A 691 1.46 -22.39 33.50
N LYS A 692 1.25 -23.19 34.54
CA LYS A 692 1.19 -24.62 34.36
C LYS A 692 -0.03 -25.04 33.54
N GLU A 693 -1.12 -24.28 33.65
CA GLU A 693 -2.29 -24.56 32.83
C GLU A 693 -2.04 -24.22 31.37
N ILE A 694 -1.35 -23.10 31.11
CA ILE A 694 -0.96 -22.75 29.75
C ILE A 694 -0.06 -23.83 29.16
N ILE A 695 0.95 -24.26 29.92
CA ILE A 695 1.90 -25.25 29.42
C ILE A 695 1.21 -26.57 29.14
N ALA A 696 0.34 -27.01 30.07
CA ALA A 696 -0.32 -28.30 29.89
C ALA A 696 -1.15 -28.33 28.61
N LYS A 697 -1.87 -27.24 28.32
CA LYS A 697 -2.67 -27.18 27.11
C LYS A 697 -1.79 -27.19 25.85
N ALA A 698 -0.70 -26.43 25.88
CA ALA A 698 0.15 -26.31 24.70
C ALA A 698 0.84 -27.63 24.38
N THR A 699 1.28 -28.37 25.40
CA THR A 699 1.92 -29.65 25.13
C THR A 699 0.94 -30.66 24.53
N GLY A 700 -0.34 -30.56 24.88
CA GLY A 700 -1.33 -31.42 24.26
C GLY A 700 -1.78 -30.97 22.88
N GLU A 701 -1.40 -29.77 22.47
CA GLU A 701 -1.75 -29.26 21.15
C GLU A 701 -0.54 -29.32 20.24
N LYS B 4 -14.67 -16.35 -17.50
CA LYS B 4 -13.42 -15.78 -17.99
C LYS B 4 -12.35 -16.86 -18.23
N ASP B 5 -12.35 -17.43 -19.43
CA ASP B 5 -11.39 -18.45 -19.80
C ASP B 5 -10.08 -17.80 -20.28
N VAL B 6 -9.06 -18.65 -20.47
CA VAL B 6 -7.76 -18.23 -20.97
C VAL B 6 -7.66 -18.57 -22.45
N LEU B 7 -7.33 -17.57 -23.28
CA LEU B 7 -7.30 -17.77 -24.72
C LEU B 7 -6.02 -18.47 -25.15
N THR B 8 -6.16 -19.49 -26.01
CA THR B 8 -5.02 -20.16 -26.61
C THR B 8 -4.70 -19.67 -28.01
N ASP B 9 -5.62 -18.95 -28.65
CA ASP B 9 -5.39 -18.33 -29.96
C ASP B 9 -4.71 -16.98 -29.71
N LEU B 10 -3.38 -16.99 -29.75
CA LEU B 10 -2.60 -15.81 -29.36
C LEU B 10 -2.79 -14.63 -30.30
N SER B 11 -3.35 -14.85 -31.49
CA SER B 11 -3.70 -13.73 -32.36
C SER B 11 -4.79 -12.85 -31.76
N ARG B 12 -5.61 -13.41 -30.87
CA ARG B 12 -6.68 -12.69 -30.20
C ARG B 12 -6.28 -12.21 -28.80
N VAL B 13 -4.98 -11.96 -28.60
CA VAL B 13 -4.44 -11.52 -27.31
C VAL B 13 -3.69 -10.22 -27.53
N ARG B 14 -3.76 -9.31 -26.55
CA ARG B 14 -3.07 -8.03 -26.60
C ARG B 14 -2.41 -7.77 -25.25
N ASN B 15 -1.08 -7.78 -25.22
CA ASN B 15 -0.31 -7.42 -24.03
C ASN B 15 0.16 -5.98 -24.21
N PHE B 16 -0.51 -5.05 -23.53
CA PHE B 16 -0.22 -3.64 -23.72
C PHE B 16 -0.28 -2.91 -22.38
N GLY B 17 0.31 -1.71 -22.37
CA GLY B 17 0.24 -0.84 -21.22
C GLY B 17 -0.03 0.59 -21.66
N ILE B 18 -0.22 1.46 -20.67
CA ILE B 18 -0.51 2.87 -20.91
C ILE B 18 0.69 3.70 -20.46
N ALA B 20 2.11 7.66 -20.22
CA ALA B 20 1.63 9.02 -20.25
C ALA B 20 2.36 9.88 -19.23
N HIS B 21 2.31 11.20 -19.47
CA HIS B 21 2.77 12.18 -18.48
C HIS B 21 1.85 12.14 -17.26
N ILE B 22 2.33 12.72 -16.17
CA ILE B 22 1.50 12.81 -14.97
C ILE B 22 0.35 13.77 -15.21
N ASP B 23 -0.81 13.45 -14.62
CA ASP B 23 -2.06 14.21 -14.78
C ASP B 23 -2.58 14.19 -16.22
N ALA B 24 -2.11 13.25 -17.04
CA ALA B 24 -2.59 13.13 -18.41
C ALA B 24 -3.84 12.27 -18.53
N GLY B 25 -4.11 11.41 -17.56
CA GLY B 25 -5.31 10.59 -17.61
C GLY B 25 -5.06 9.10 -17.62
N LYS B 26 -3.87 8.66 -17.17
CA LYS B 26 -3.59 7.23 -17.13
C LYS B 26 -4.55 6.52 -16.20
N THR B 27 -4.79 7.08 -15.01
CA THR B 27 -5.69 6.45 -14.06
C THR B 27 -7.13 6.45 -14.58
N THR B 28 -7.58 7.58 -15.12
CA THR B 28 -8.96 7.66 -15.60
C THR B 28 -9.17 6.82 -16.86
N THR B 29 -8.14 6.69 -17.71
CA THR B 29 -8.29 5.84 -18.89
C THR B 29 -8.29 4.37 -18.51
N THR B 30 -7.42 3.99 -17.58
CA THR B 30 -7.42 2.61 -17.10
C THR B 30 -8.74 2.26 -16.42
N GLU B 31 -9.28 3.20 -15.63
CA GLU B 31 -10.58 2.97 -14.99
C GLU B 31 -11.66 2.70 -16.02
N ARG B 32 -11.68 3.48 -17.10
CA ARG B 32 -12.71 3.34 -18.11
C ARG B 32 -12.53 2.05 -18.92
N ILE B 33 -11.28 1.71 -19.24
CA ILE B 33 -11.01 0.44 -19.92
C ILE B 33 -11.58 -0.73 -19.12
N LEU B 34 -11.31 -0.76 -17.82
CA LEU B 34 -11.73 -1.89 -17.02
C LEU B 34 -13.25 -1.97 -16.88
N TYR B 35 -13.92 -0.81 -16.87
CA TYR B 35 -15.38 -0.82 -16.79
C TYR B 35 -16.01 -1.23 -18.12
N TYR B 36 -15.60 -0.57 -19.21
CA TYR B 36 -16.20 -0.86 -20.52
C TYR B 36 -15.97 -2.30 -20.95
N THR B 37 -14.77 -2.84 -20.68
CA THR B 37 -14.49 -4.23 -21.03
C THR B 37 -15.30 -5.21 -20.19
N GLY B 38 -15.65 -4.83 -18.95
CA GLY B 38 -16.40 -5.72 -18.05
C GLY B 38 -17.91 -5.65 -18.27
N ILE B 39 -18.51 -4.49 -18.07
CA ILE B 39 -19.99 -4.32 -18.17
C ILE B 39 -20.45 -4.45 -19.63
N ASN B 40 -19.77 -3.81 -20.59
CA ASN B 40 -20.17 -3.82 -22.03
C ASN B 40 -19.93 -5.19 -22.67
N TYR B 41 -18.81 -5.86 -22.41
CA TYR B 41 -18.41 -7.14 -23.08
C TYR B 41 -17.94 -8.15 -22.04
N LYS B 42 -17.76 -9.43 -22.40
CA LYS B 42 -17.28 -10.51 -21.48
C LYS B 42 -16.73 -9.90 -20.19
N GLN B 58 -26.70 3.96 -14.08
CA GLN B 58 -26.97 2.81 -13.20
C GLN B 58 -27.49 3.30 -11.84
N GLU B 59 -27.34 4.58 -11.49
CA GLU B 59 -27.75 5.17 -10.18
C GLU B 59 -27.19 4.26 -9.09
N GLN B 60 -25.87 4.01 -9.12
CA GLN B 60 -25.17 3.05 -8.25
C GLN B 60 -24.02 3.73 -7.49
N GLU B 61 -23.30 2.94 -6.66
CA GLU B 61 -22.10 3.27 -5.91
C GLU B 61 -21.53 2.01 -5.26
N ARG B 62 -20.24 1.74 -5.44
CA ARG B 62 -19.64 0.48 -4.99
C ARG B 62 -18.12 0.58 -5.08
N GLY B 63 -17.45 -0.42 -4.53
CA GLY B 63 -16.00 -0.59 -4.69
C GLY B 63 -15.54 -2.04 -4.80
N ILE B 64 -14.55 -2.31 -5.66
CA ILE B 64 -13.89 -3.61 -5.70
C ILE B 64 -12.46 -3.54 -5.17
N THR B 65 -11.91 -2.33 -5.05
CA THR B 65 -10.61 -2.02 -4.41
C THR B 65 -9.48 -2.97 -4.82
N ILE B 66 -9.34 -3.13 -6.14
CA ILE B 66 -8.28 -3.94 -6.73
C ILE B 66 -7.42 -3.10 -7.65
N THR B 67 -6.09 -3.12 -7.44
CA THR B 67 -5.11 -2.47 -8.35
C THR B 67 -3.96 -3.46 -8.62
N SER B 68 -4.15 -4.33 -9.62
CA SER B 68 -3.16 -5.36 -9.92
C SER B 68 -2.09 -4.85 -10.89
N ALA B 69 -0.88 -5.40 -10.74
CA ALA B 69 0.20 -5.04 -11.66
C ALA B 69 -0.14 -5.44 -13.09
N ALA B 70 -0.77 -6.59 -13.27
CA ALA B 70 -1.27 -7.02 -14.57
C ALA B 70 -2.74 -7.40 -14.41
N THR B 71 -3.59 -6.83 -15.25
CA THR B 71 -5.02 -7.10 -15.21
C THR B 71 -5.47 -7.66 -16.55
N THR B 72 -6.14 -8.79 -16.52
CA THR B 72 -6.65 -9.45 -17.71
C THR B 72 -8.10 -9.05 -17.93
N THR B 73 -8.43 -8.67 -19.15
CA THR B 73 -9.79 -8.28 -19.48
C THR B 73 -10.05 -8.65 -20.93
N PHE B 74 -11.32 -8.56 -21.34
CA PHE B 74 -11.74 -9.00 -22.66
C PHE B 74 -12.48 -7.88 -23.37
N TRP B 75 -12.14 -7.67 -24.64
CA TRP B 75 -12.86 -6.73 -25.49
C TRP B 75 -13.13 -7.41 -26.82
N LYS B 76 -14.40 -7.63 -27.13
CA LYS B 76 -14.85 -8.22 -28.39
C LYS B 76 -14.06 -9.47 -28.75
N ASP B 77 -14.12 -10.44 -27.82
CA ASP B 77 -13.54 -11.78 -28.00
C ASP B 77 -12.02 -11.77 -28.08
N ASN B 78 -11.38 -10.68 -27.65
CA ASN B 78 -9.93 -10.61 -27.59
C ASN B 78 -9.50 -10.41 -26.14
N GLN B 79 -8.47 -11.14 -25.71
CA GLN B 79 -7.96 -11.05 -24.36
C GLN B 79 -6.95 -9.91 -24.26
N LEU B 80 -7.25 -8.92 -23.43
CA LEU B 80 -6.41 -7.75 -23.24
C LEU B 80 -5.76 -7.84 -21.85
N ASN B 81 -4.44 -8.00 -21.83
CA ASN B 81 -3.65 -8.01 -20.61
C ASN B 81 -3.00 -6.64 -20.42
N ILE B 82 -3.47 -5.88 -19.44
CA ILE B 82 -3.02 -4.51 -19.20
C ILE B 82 -1.93 -4.53 -18.13
N ILE B 83 -0.86 -3.78 -18.36
CA ILE B 83 0.28 -3.70 -17.46
C ILE B 83 0.39 -2.29 -16.90
N ASP B 84 0.66 -2.20 -15.60
CA ASP B 84 0.84 -0.91 -14.94
C ASP B 84 2.23 -0.37 -15.26
N THR B 85 2.28 0.84 -15.81
CA THR B 85 3.53 1.44 -16.26
C THR B 85 4.42 1.80 -15.07
N PRO B 86 5.74 1.57 -15.17
CA PRO B 86 6.61 1.69 -13.99
C PRO B 86 6.49 3.03 -13.28
N GLY B 87 6.71 2.99 -11.97
CA GLY B 87 6.60 4.20 -11.16
C GLY B 87 7.75 5.17 -11.40
N HIS B 88 8.98 4.68 -11.28
CA HIS B 88 10.17 5.52 -11.42
C HIS B 88 10.51 5.61 -12.90
N VAL B 89 10.21 6.75 -13.52
CA VAL B 89 10.40 6.90 -14.95
C VAL B 89 11.88 7.03 -15.30
N ASP B 90 12.68 7.53 -14.37
CA ASP B 90 14.11 7.70 -14.61
C ASP B 90 14.93 6.45 -14.30
N PHE B 91 14.33 5.46 -13.63
CA PHE B 91 15.00 4.19 -13.37
C PHE B 91 14.91 3.35 -14.63
N THR B 92 16.02 3.25 -15.36
CA THR B 92 15.99 2.63 -16.68
C THR B 92 15.86 1.11 -16.61
N VAL B 93 16.20 0.48 -15.49
CA VAL B 93 16.04 -0.97 -15.40
C VAL B 93 14.56 -1.33 -15.27
N GLU B 94 13.80 -0.51 -14.55
CA GLU B 94 12.37 -0.78 -14.39
C GLU B 94 11.60 -0.52 -15.68
N VAL B 95 11.95 0.56 -16.40
CA VAL B 95 11.21 0.89 -17.61
C VAL B 95 11.50 -0.09 -18.73
N GLU B 96 12.77 -0.51 -18.87
CA GLU B 96 13.12 -1.47 -19.91
C GLU B 96 12.49 -2.83 -19.66
N ARG B 97 12.36 -3.24 -18.40
CA ARG B 97 11.68 -4.49 -18.09
C ARG B 97 10.20 -4.45 -18.50
N ASN B 98 9.52 -3.36 -18.16
CA ASN B 98 8.10 -3.28 -18.48
C ASN B 98 7.88 -3.22 -19.99
N LEU B 99 8.76 -2.52 -20.72
CA LEU B 99 8.64 -2.49 -22.17
C LEU B 99 8.93 -3.84 -22.79
N ARG B 100 9.69 -4.70 -22.10
CA ARG B 100 9.88 -6.07 -22.55
C ARG B 100 8.63 -6.92 -22.29
N VAL B 101 7.93 -6.66 -21.19
CA VAL B 101 6.69 -7.35 -20.91
C VAL B 101 5.58 -6.86 -21.83
N LEU B 102 5.59 -5.58 -22.15
CA LEU B 102 4.65 -5.04 -23.13
C LEU B 102 4.96 -5.58 -24.51
N ASP B 103 3.91 -5.81 -25.29
CA ASP B 103 4.04 -5.98 -26.72
C ASP B 103 3.72 -4.69 -27.47
N GLY B 104 2.84 -3.87 -26.92
CA GLY B 104 2.48 -2.58 -27.49
C GLY B 104 2.07 -1.64 -26.38
N ALA B 105 1.82 -0.39 -26.75
CA ALA B 105 1.48 0.62 -25.76
C ALA B 105 0.45 1.59 -26.32
N VAL B 106 -0.32 2.17 -25.41
CA VAL B 106 -1.25 3.26 -25.71
C VAL B 106 -0.69 4.51 -25.05
N ALA B 107 -0.32 5.50 -25.85
CA ALA B 107 0.22 6.76 -25.35
C ALA B 107 -0.91 7.75 -25.14
N VAL B 108 -1.09 8.20 -23.90
CA VAL B 108 -2.15 9.14 -23.54
C VAL B 108 -1.56 10.53 -23.41
N PHE B 109 -2.16 11.50 -24.10
CA PHE B 109 -1.70 12.88 -24.10
C PHE B 109 -2.81 13.80 -23.62
N ASP B 110 -2.41 14.92 -23.03
CA ASP B 110 -3.35 15.99 -22.68
C ASP B 110 -3.47 16.94 -23.88
N GLY B 111 -4.69 17.10 -24.39
CA GLY B 111 -4.91 17.96 -25.54
C GLY B 111 -4.53 19.40 -25.30
N LYS B 112 -4.54 19.84 -24.05
CA LYS B 112 -4.15 21.21 -23.74
C LYS B 112 -2.65 21.43 -23.86
N GLU B 113 -1.85 20.39 -23.63
CA GLU B 113 -0.40 20.53 -23.56
C GLU B 113 0.36 19.76 -24.63
N GLY B 114 -0.27 18.79 -25.28
CA GLY B 114 0.44 18.02 -26.28
C GLY B 114 1.50 17.11 -25.68
N VAL B 115 2.60 16.93 -26.41
CA VAL B 115 3.71 16.13 -25.91
C VAL B 115 4.37 16.87 -24.76
N GLU B 116 4.61 16.15 -23.67
CA GLU B 116 5.15 16.71 -22.44
C GLU B 116 6.46 15.99 -22.09
N PRO B 117 7.32 16.61 -21.27
CA PRO B 117 8.67 16.05 -21.04
C PRO B 117 8.70 14.59 -20.58
N GLN B 118 7.82 14.17 -19.68
CA GLN B 118 7.87 12.80 -19.19
C GLN B 118 7.38 11.82 -20.26
N SER B 119 6.34 12.18 -21.01
CA SER B 119 5.88 11.31 -22.08
C SER B 119 6.92 11.21 -23.20
N GLU B 120 7.70 12.28 -23.39
CA GLU B 120 8.78 12.25 -24.36
C GLU B 120 9.82 11.20 -24.00
N GLN B 121 10.16 11.09 -22.72
CA GLN B 121 11.21 10.16 -22.28
C GLN B 121 10.82 8.72 -22.57
N VAL B 122 9.59 8.34 -22.24
CA VAL B 122 9.15 6.97 -22.46
C VAL B 122 9.03 6.67 -23.94
N TRP B 123 8.60 7.67 -24.73
CA TRP B 123 8.51 7.48 -26.17
C TRP B 123 9.87 7.10 -26.76
N ARG B 124 10.94 7.79 -26.32
CA ARG B 124 12.26 7.48 -26.84
C ARG B 124 12.75 6.13 -26.34
N GLN B 125 12.37 5.77 -25.11
CA GLN B 125 12.70 4.44 -24.60
C GLN B 125 11.95 3.36 -25.37
N ALA B 126 10.66 3.59 -25.65
CA ALA B 126 9.91 2.68 -26.50
C ALA B 126 10.50 2.62 -27.90
N ASP B 127 11.07 3.72 -28.37
CA ASP B 127 11.74 3.71 -29.68
C ASP B 127 12.95 2.79 -29.64
N LYS B 128 13.71 2.81 -28.54
CA LYS B 128 14.87 1.94 -28.40
C LYS B 128 14.46 0.46 -28.46
N TYR B 129 13.33 0.12 -27.86
CA TYR B 129 12.88 -1.26 -27.77
C TYR B 129 11.82 -1.60 -28.81
N ASP B 130 11.59 -0.73 -29.79
CA ASP B 130 10.74 -1.01 -30.95
C ASP B 130 9.32 -1.40 -30.54
N VAL B 131 8.77 -0.69 -29.56
CA VAL B 131 7.44 -0.98 -29.02
C VAL B 131 6.41 -0.28 -29.88
N PRO B 132 5.49 -1.00 -30.54
CA PRO B 132 4.44 -0.33 -31.31
C PRO B 132 3.53 0.47 -30.40
N ARG B 133 3.16 1.65 -30.87
CA ARG B 133 2.39 2.59 -30.06
C ARG B 133 1.22 3.16 -30.84
N ILE B 134 0.11 3.35 -30.16
CA ILE B 134 -1.00 4.17 -30.65
C ILE B 134 -1.19 5.30 -29.64
N CYS B 135 -1.66 6.44 -30.14
CA CYS B 135 -1.78 7.65 -29.35
C CYS B 135 -3.24 8.01 -29.11
N PHE B 136 -3.56 8.37 -27.87
CA PHE B 136 -4.91 8.77 -27.46
C PHE B 136 -4.81 10.16 -26.84
N VAL B 137 -5.35 11.16 -27.52
CA VAL B 137 -5.33 12.54 -27.04
C VAL B 137 -6.52 12.74 -26.11
N ASN B 138 -6.25 12.83 -24.81
CA ASN B 138 -7.28 12.89 -23.80
C ASN B 138 -7.61 14.33 -23.44
N LYS B 139 -8.68 14.49 -22.66
CA LYS B 139 -9.11 15.78 -22.11
C LYS B 139 -9.49 16.76 -23.22
N ASP B 141 -12.36 17.65 -23.91
CA ASP B 141 -13.54 18.45 -23.46
C ASP B 141 -13.10 19.61 -22.59
N LYS B 142 -11.82 19.70 -22.24
CA LYS B 142 -11.30 20.77 -21.36
C LYS B 142 -10.99 21.98 -22.24
N ILE B 143 -11.07 23.19 -21.68
CA ILE B 143 -10.85 24.43 -22.47
C ILE B 143 -9.36 24.52 -22.77
N GLY B 144 -8.98 24.85 -24.01
CA GLY B 144 -7.60 24.91 -24.43
C GLY B 144 -7.09 23.65 -25.10
N ALA B 145 -7.92 22.62 -25.20
CA ALA B 145 -7.49 21.38 -25.83
C ALA B 145 -7.56 21.51 -27.34
N ASP B 146 -6.49 21.07 -28.02
CA ASP B 146 -6.43 21.11 -29.48
C ASP B 146 -5.83 19.81 -29.95
N PHE B 147 -6.60 19.06 -30.74
CA PHE B 147 -6.11 17.80 -31.30
C PHE B 147 -4.97 18.05 -32.27
N TYR B 148 -5.12 19.04 -33.15
CA TYR B 148 -4.13 19.28 -34.20
C TYR B 148 -2.84 19.81 -33.61
N PHE B 149 -2.94 20.64 -32.56
CA PHE B 149 -1.74 21.11 -31.88
C PHE B 149 -0.96 19.94 -31.28
N SER B 150 -1.67 18.98 -30.69
CA SER B 150 -1.01 17.82 -30.09
C SER B 150 -0.30 16.97 -31.15
N VAL B 151 -0.95 16.79 -32.30
CA VAL B 151 -0.32 16.00 -33.37
C VAL B 151 0.90 16.73 -33.94
N ARG B 152 0.91 18.07 -33.89
CA ARG B 152 2.10 18.79 -34.32
C ARG B 152 3.24 18.57 -33.34
N THR B 153 2.95 18.59 -32.04
CA THR B 153 3.98 18.33 -31.04
C THR B 153 4.53 16.92 -31.18
N GLY B 155 5.16 15.39 -33.94
CA GLY B 155 6.17 15.42 -34.96
C GLY B 155 7.37 16.28 -34.60
N GLU B 156 7.09 17.44 -33.99
CA GLU B 156 8.16 18.39 -33.70
C GLU B 156 9.05 17.90 -32.57
N ARG B 157 8.46 17.30 -31.53
CA ARG B 157 9.21 16.93 -30.33
C ARG B 157 9.50 15.44 -30.23
N LEU B 158 8.77 14.60 -30.95
CA LEU B 158 8.99 13.17 -30.93
C LEU B 158 9.46 12.61 -32.26
N GLY B 159 9.51 13.44 -33.31
CA GLY B 159 9.89 12.96 -34.63
C GLY B 159 9.09 11.76 -35.09
N ALA B 160 7.79 11.75 -34.80
CA ALA B 160 6.93 10.60 -35.00
C ALA B 160 6.01 10.83 -36.18
N ASN B 161 5.88 9.80 -37.03
CA ASN B 161 4.92 9.84 -38.12
C ASN B 161 3.55 9.56 -37.53
N ALA B 162 2.99 10.58 -36.87
CA ALA B 162 1.67 10.47 -36.27
C ALA B 162 0.61 10.66 -37.36
N VAL B 163 -0.18 9.62 -37.60
CA VAL B 163 -1.20 9.61 -38.63
C VAL B 163 -2.56 9.58 -37.94
N PRO B 164 -3.31 10.67 -37.94
CA PRO B 164 -4.66 10.65 -37.33
C PRO B 164 -5.57 9.69 -38.07
N ILE B 165 -6.10 8.71 -37.33
CA ILE B 165 -7.17 7.85 -37.82
C ILE B 165 -8.53 8.32 -37.32
N GLN B 166 -8.58 9.45 -36.63
CA GLN B 166 -9.81 10.01 -36.09
C GLN B 166 -9.67 11.53 -36.09
N LEU B 167 -10.83 12.19 -36.08
CA LEU B 167 -10.89 13.63 -36.01
C LEU B 167 -11.89 14.03 -34.93
N PRO B 168 -11.62 15.09 -34.17
CA PRO B 168 -12.52 15.46 -33.09
C PRO B 168 -13.81 16.11 -33.61
N VAL B 169 -14.93 15.72 -33.02
CA VAL B 169 -16.22 16.30 -33.34
C VAL B 169 -16.59 17.24 -32.20
N GLY B 170 -16.31 18.52 -32.37
CA GLY B 170 -16.58 19.49 -31.33
C GLY B 170 -15.31 19.93 -30.63
N ALA B 171 -15.40 21.08 -29.97
CA ALA B 171 -14.27 21.64 -29.25
C ALA B 171 -14.68 21.99 -27.83
N GLU B 172 -13.82 21.61 -26.87
CA GLU B 172 -14.01 21.93 -25.45
C GLU B 172 -15.38 21.41 -25.02
N ALA B 173 -16.27 22.25 -24.48
CA ALA B 173 -17.53 21.75 -23.95
C ALA B 173 -18.41 21.13 -25.02
N ASP B 174 -18.20 21.47 -26.28
CA ASP B 174 -19.03 20.96 -27.36
C ASP B 174 -18.49 19.65 -27.93
N PHE B 175 -17.47 19.08 -27.30
CA PHE B 175 -16.96 17.78 -27.72
C PHE B 175 -18.06 16.74 -27.56
N GLU B 176 -18.30 15.97 -28.61
CA GLU B 176 -19.34 14.96 -28.63
C GLU B 176 -18.86 13.60 -29.10
N GLY B 177 -17.79 13.52 -29.88
CA GLY B 177 -17.37 12.26 -30.40
C GLY B 177 -16.23 12.42 -31.38
N VAL B 178 -16.08 11.41 -32.24
CA VAL B 178 -14.93 11.32 -33.14
C VAL B 178 -15.43 11.05 -34.56
N VAL B 179 -14.69 11.55 -35.54
CA VAL B 179 -14.87 11.16 -36.93
C VAL B 179 -13.95 9.98 -37.21
N ASP B 180 -14.54 8.84 -37.56
CA ASP B 180 -13.75 7.68 -37.98
C ASP B 180 -13.31 7.94 -39.42
N LEU B 181 -12.01 7.94 -39.67
CA LEU B 181 -11.48 8.23 -41.00
C LEU B 181 -11.34 6.99 -41.87
N VAL B 182 -11.51 5.81 -41.30
CA VAL B 182 -11.49 4.57 -42.06
C VAL B 182 -12.86 4.24 -42.62
N GLU B 183 -13.87 4.17 -41.74
CA GLU B 183 -15.24 3.94 -42.15
C GLU B 183 -15.96 5.19 -42.58
N ASN B 185 -17.36 7.77 -40.96
CA ASN B 185 -18.58 8.10 -40.23
C ASN B 185 -18.20 8.90 -38.99
N ALA B 186 -19.20 9.30 -38.24
CA ALA B 186 -18.98 9.99 -36.97
C ALA B 186 -19.63 9.19 -35.86
N LYS B 187 -18.87 8.95 -34.79
CA LYS B 187 -19.36 8.30 -33.58
C LYS B 187 -19.52 9.37 -32.52
N VAL B 188 -20.76 9.66 -32.14
CA VAL B 188 -21.06 10.77 -31.22
C VAL B 188 -21.69 10.24 -29.95
N TRP B 189 -21.27 10.80 -28.81
CA TRP B 189 -21.89 10.56 -27.52
C TRP B 189 -22.54 11.89 -27.12
N ARG B 190 -23.85 11.99 -27.30
CA ARG B 190 -24.53 13.27 -27.13
C ARG B 190 -25.08 13.41 -25.72
N GLY B 191 -24.88 14.61 -25.16
CA GLY B 191 -25.31 14.89 -23.81
C GLY B 191 -24.32 14.35 -22.79
N GLU B 192 -24.78 14.23 -21.56
CA GLU B 192 -23.98 13.65 -20.49
C GLU B 192 -23.93 12.13 -20.65
N THR B 193 -22.73 11.60 -20.86
CA THR B 193 -22.57 10.17 -21.15
C THR B 193 -22.30 9.40 -19.88
N LYS B 194 -23.12 8.38 -19.63
CA LYS B 194 -22.92 7.46 -18.52
C LYS B 194 -21.78 6.50 -18.84
N LEU B 195 -21.19 5.93 -17.78
CA LEU B 195 -20.17 4.91 -17.97
C LEU B 195 -20.75 3.71 -18.70
N GLY B 196 -20.18 3.38 -19.85
CA GLY B 196 -20.65 2.27 -20.64
C GLY B 196 -21.77 2.61 -21.61
N GLU B 197 -22.20 3.86 -21.66
CA GLU B 197 -23.25 4.25 -22.60
C GLU B 197 -22.73 4.15 -24.03
N THR B 198 -23.58 3.69 -24.92
CA THR B 198 -23.18 3.46 -26.30
C THR B 198 -23.23 4.76 -27.10
N TYR B 199 -22.61 4.72 -28.27
CA TYR B 199 -22.55 5.85 -29.19
C TYR B 199 -23.60 5.69 -30.30
N ASP B 200 -23.87 6.79 -30.98
CA ASP B 200 -24.68 6.78 -32.19
C ASP B 200 -23.78 7.04 -33.39
N THR B 201 -23.76 6.11 -34.34
CA THR B 201 -22.99 6.29 -35.56
C THR B 201 -23.80 7.11 -36.56
N VAL B 202 -23.29 8.29 -36.90
CA VAL B 202 -24.00 9.22 -37.77
C VAL B 202 -23.06 9.66 -38.88
N GLU B 203 -23.64 10.35 -39.87
CA GLU B 203 -22.85 10.89 -40.97
C GLU B 203 -22.00 12.05 -40.50
N ILE B 204 -20.86 12.25 -41.15
CA ILE B 204 -19.97 13.36 -40.80
C ILE B 204 -20.70 14.68 -41.01
N PRO B 205 -20.72 15.58 -40.02
CA PRO B 205 -21.35 16.89 -40.22
C PRO B 205 -20.72 17.65 -41.37
N ALA B 206 -21.51 18.50 -42.01
CA ALA B 206 -21.00 19.29 -43.13
C ALA B 206 -19.88 20.23 -42.68
N ASP B 207 -19.92 20.69 -41.43
CA ASP B 207 -18.86 21.55 -40.92
C ASP B 207 -17.49 20.87 -41.00
N LEU B 208 -17.45 19.54 -40.88
CA LEU B 208 -16.21 18.80 -40.83
C LEU B 208 -15.92 18.01 -42.10
N ALA B 209 -16.79 18.10 -43.10
CA ALA B 209 -16.67 17.23 -44.28
C ALA B 209 -15.38 17.52 -45.03
N GLU B 210 -15.01 18.80 -45.14
CA GLU B 210 -13.79 19.16 -45.87
C GLU B 210 -12.55 18.71 -45.11
N GLN B 211 -12.49 19.00 -43.81
CA GLN B 211 -11.33 18.61 -43.02
C GLN B 211 -11.19 17.10 -42.92
N ALA B 212 -12.30 16.37 -42.89
CA ALA B 212 -12.22 14.91 -42.90
C ALA B 212 -11.62 14.37 -44.18
N GLU B 213 -12.04 14.92 -45.33
CA GLU B 213 -11.50 14.44 -46.60
C GLU B 213 -10.02 14.77 -46.75
N GLU B 214 -9.56 15.87 -46.17
CA GLU B 214 -8.14 16.19 -46.20
C GLU B 214 -7.35 15.11 -45.48
N TYR B 215 -7.77 14.76 -44.26
CA TYR B 215 -7.07 13.75 -43.48
C TYR B 215 -7.37 12.33 -43.95
N ARG B 216 -8.50 12.12 -44.63
CA ARG B 216 -8.75 10.83 -45.27
C ARG B 216 -7.76 10.59 -46.40
N THR B 217 -7.47 11.63 -47.18
CA THR B 217 -6.47 11.50 -48.23
C THR B 217 -5.08 11.24 -47.66
N LYS B 218 -4.73 11.96 -46.57
CA LYS B 218 -3.43 11.75 -45.94
C LYS B 218 -3.27 10.31 -45.46
N LEU B 219 -4.33 9.75 -44.87
CA LEU B 219 -4.28 8.37 -44.42
C LEU B 219 -4.21 7.41 -45.60
N LEU B 220 -4.99 7.68 -46.66
CA LEU B 220 -4.97 6.80 -47.83
C LEU B 220 -3.61 6.81 -48.51
N GLU B 221 -2.95 7.97 -48.55
CA GLU B 221 -1.63 8.06 -49.16
C GLU B 221 -0.60 7.27 -48.36
N VAL B 222 -0.67 7.34 -47.02
CA VAL B 222 0.21 6.53 -46.17
C VAL B 222 -0.05 5.05 -46.43
N VAL B 223 -1.32 4.66 -46.49
CA VAL B 223 -1.67 3.26 -46.71
C VAL B 223 -1.23 2.81 -48.10
N ALA B 224 -1.46 3.65 -49.12
CA ALA B 224 -1.20 3.23 -50.49
C ALA B 224 0.28 3.10 -50.77
N GLU B 225 1.12 3.94 -50.17
CA GLU B 225 2.55 3.85 -50.41
C GLU B 225 3.17 2.65 -49.70
N SER B 226 2.45 2.05 -48.75
CA SER B 226 2.95 0.87 -48.05
C SER B 226 2.97 -0.34 -48.97
N ASP B 227 1.87 -0.58 -49.68
CA ASP B 227 1.70 -1.77 -50.52
C ASP B 227 1.59 -1.36 -51.98
N GLU B 228 2.36 -2.04 -52.84
CA GLU B 228 2.33 -1.71 -54.26
C GLU B 228 0.95 -1.97 -54.86
N HIS B 229 0.29 -3.04 -54.42
CA HIS B 229 -1.04 -3.36 -54.96
C HIS B 229 -2.04 -2.26 -54.63
N LEU B 230 -1.99 -1.72 -53.41
CA LEU B 230 -2.91 -0.65 -53.05
C LEU B 230 -2.55 0.65 -53.75
N LEU B 231 -1.26 0.85 -54.05
CA LEU B 231 -0.86 2.02 -54.84
C LEU B 231 -1.47 1.97 -56.23
N GLU B 232 -1.47 0.78 -56.85
CA GLU B 232 -2.13 0.60 -58.14
C GLU B 232 -3.62 0.91 -58.05
N LYS B 233 -4.26 0.46 -56.98
CA LYS B 233 -5.70 0.69 -56.83
C LYS B 233 -6.00 2.16 -56.53
N TYR B 234 -5.23 2.76 -55.63
CA TYR B 234 -5.48 4.16 -55.26
C TYR B 234 -5.27 5.09 -56.45
N LEU B 235 -4.14 4.92 -57.15
CA LEU B 235 -3.86 5.77 -58.31
C LEU B 235 -4.81 5.48 -59.47
N GLY B 236 -5.27 4.24 -59.60
CA GLY B 236 -6.19 3.86 -60.65
C GLY B 236 -7.60 4.39 -60.51
N GLY B 237 -7.91 5.06 -59.40
CA GLY B 237 -9.24 5.57 -59.16
C GLY B 237 -10.14 4.64 -58.38
N GLU B 238 -9.71 3.41 -58.13
CA GLU B 238 -10.50 2.49 -57.30
C GLU B 238 -10.32 2.84 -55.82
N GLU B 239 -11.36 2.58 -55.04
CA GLU B 239 -11.39 2.95 -53.63
C GLU B 239 -11.00 1.75 -52.78
N LEU B 240 -10.11 1.99 -51.81
CA LEU B 240 -9.59 0.91 -50.98
C LEU B 240 -10.62 0.49 -49.94
N THR B 241 -10.67 -0.82 -49.68
CA THR B 241 -11.61 -1.38 -48.72
C THR B 241 -11.18 -1.04 -47.29
N VAL B 242 -12.16 -1.11 -46.38
CA VAL B 242 -11.87 -0.88 -44.96
C VAL B 242 -10.87 -1.91 -44.45
N ASP B 243 -11.04 -3.17 -44.85
CA ASP B 243 -10.12 -4.22 -44.41
C ASP B 243 -8.71 -3.95 -44.94
N GLU B 244 -8.59 -3.43 -46.16
CA GLU B 244 -7.29 -3.10 -46.71
C GLU B 244 -6.63 -1.98 -45.93
N ILE B 245 -7.38 -0.93 -45.59
CA ILE B 245 -6.82 0.17 -44.81
C ILE B 245 -6.41 -0.32 -43.43
N LYS B 246 -7.27 -1.09 -42.77
CA LYS B 246 -6.97 -1.57 -41.42
C LYS B 246 -5.74 -2.46 -41.42
N GLY B 247 -5.67 -3.39 -42.38
CA GLY B 247 -4.51 -4.28 -42.44
C GLY B 247 -3.22 -3.54 -42.69
N ALA B 248 -3.27 -2.50 -43.53
CA ALA B 248 -2.07 -1.71 -43.79
C ALA B 248 -1.63 -0.93 -42.55
N ILE B 249 -2.58 -0.32 -41.84
CA ILE B 249 -2.24 0.41 -40.63
C ILE B 249 -1.65 -0.51 -39.58
N ARG B 250 -2.20 -1.73 -39.47
CA ARG B 250 -1.68 -2.67 -38.50
C ARG B 250 -0.23 -3.04 -38.81
N LYS B 251 0.07 -3.32 -40.08
CA LYS B 251 1.44 -3.63 -40.47
C LYS B 251 2.37 -2.47 -40.14
N LEU B 252 1.94 -1.25 -40.46
CA LEU B 252 2.79 -0.08 -40.22
C LEU B 252 2.96 0.20 -38.74
N THR B 253 1.89 0.03 -37.95
CA THR B 253 1.98 0.28 -36.52
C THR B 253 2.92 -0.73 -35.83
N ILE B 254 2.84 -1.99 -36.23
CA ILE B 254 3.67 -3.03 -35.62
C ILE B 254 5.15 -2.79 -35.91
N ALA B 255 5.45 -2.28 -37.11
CA ALA B 255 6.81 -1.96 -37.49
C ALA B 255 7.27 -0.59 -36.98
N SER B 256 6.47 0.05 -36.13
CA SER B 256 6.75 1.39 -35.61
C SER B 256 6.95 2.41 -36.73
N GLU B 257 6.41 2.14 -37.91
CA GLU B 257 6.54 3.08 -39.03
C GLU B 257 5.57 4.24 -38.90
N ILE B 258 4.33 3.97 -38.45
CA ILE B 258 3.34 5.00 -38.21
C ILE B 258 2.78 4.80 -36.81
N TYR B 259 2.25 5.88 -36.24
CA TYR B 259 1.60 5.84 -34.94
C TYR B 259 0.18 6.36 -35.06
N PRO B 260 -0.84 5.51 -35.01
CA PRO B 260 -2.22 5.99 -35.12
C PRO B 260 -2.58 6.93 -33.97
N VAL B 261 -3.35 7.97 -34.30
CA VAL B 261 -3.73 9.00 -33.34
C VAL B 261 -5.24 8.98 -33.19
N LEU B 262 -5.70 8.97 -31.93
CA LEU B 262 -7.10 8.99 -31.58
C LEU B 262 -7.33 10.13 -30.58
N CYS B 263 -8.60 10.40 -30.27
CA CYS B 263 -8.93 11.41 -29.27
C CYS B 263 -10.13 10.92 -28.47
N GLY B 264 -10.36 11.59 -27.35
CA GLY B 264 -11.50 11.27 -26.51
C GLY B 264 -11.45 12.04 -25.22
N SER B 265 -12.42 11.73 -24.37
CA SER B 265 -12.52 12.30 -23.02
C SER B 265 -12.83 11.14 -22.07
N ALA B 266 -11.81 10.71 -21.31
CA ALA B 266 -12.02 9.60 -20.40
C ALA B 266 -12.97 9.97 -19.28
N PHE B 267 -12.88 11.20 -18.77
CA PHE B 267 -13.79 11.63 -17.70
C PHE B 267 -15.21 11.76 -18.20
N LYS B 268 -15.41 12.25 -19.42
CA LYS B 268 -16.74 12.43 -19.97
C LYS B 268 -17.25 11.18 -20.68
N ASN B 269 -16.48 10.08 -20.65
CA ASN B 269 -16.91 8.77 -21.13
C ASN B 269 -17.18 8.77 -22.64
N LYS B 270 -16.45 9.59 -23.39
CA LYS B 270 -16.59 9.67 -24.84
C LYS B 270 -15.29 9.23 -25.49
N GLY B 271 -15.36 8.20 -26.33
CA GLY B 271 -14.21 7.76 -27.10
C GLY B 271 -13.53 6.51 -26.59
N VAL B 272 -13.97 5.94 -25.47
CA VAL B 272 -13.27 4.79 -24.90
C VAL B 272 -13.40 3.57 -25.81
N GLN B 273 -14.60 3.31 -26.31
CA GLN B 273 -14.84 2.11 -27.10
C GLN B 273 -14.06 2.14 -28.42
N PRO B 274 -14.04 3.25 -29.16
CA PRO B 274 -13.14 3.29 -30.33
C PRO B 274 -11.69 2.98 -30.04
N LEU B 276 -10.45 1.08 -27.56
CA LEU B 276 -10.33 -0.34 -27.29
C LEU B 276 -10.30 -1.09 -28.61
N ASP B 277 -11.14 -0.66 -29.56
CA ASP B 277 -11.10 -1.24 -30.90
C ASP B 277 -9.73 -1.08 -31.54
N ALA B 278 -9.10 0.08 -31.35
CA ALA B 278 -7.80 0.34 -31.97
C ALA B 278 -6.72 -0.58 -31.39
N VAL B 279 -6.80 -0.87 -30.09
CA VAL B 279 -5.87 -1.81 -29.48
C VAL B 279 -5.98 -3.17 -30.17
N VAL B 280 -7.21 -3.64 -30.38
CA VAL B 280 -7.39 -4.92 -31.07
C VAL B 280 -6.96 -4.81 -32.53
N ASP B 281 -7.33 -3.72 -33.19
CA ASP B 281 -7.11 -3.62 -34.64
C ASP B 281 -5.65 -3.40 -34.99
N TYR B 282 -4.98 -2.47 -34.30
CA TYR B 282 -3.65 -2.03 -34.74
C TYR B 282 -2.53 -2.31 -33.74
N LEU B 283 -2.84 -2.85 -32.56
CA LEU B 283 -1.69 -3.11 -31.70
C LEU B 283 -1.25 -4.56 -31.85
N PRO B 284 0.03 -4.86 -31.62
CA PRO B 284 0.54 -6.19 -31.96
C PRO B 284 0.08 -7.27 -31.00
N SER B 285 -0.12 -8.45 -31.56
CA SER B 285 -0.35 -9.66 -30.78
C SER B 285 0.98 -10.30 -30.41
N PRO B 286 0.99 -11.26 -29.49
CA PRO B 286 2.23 -11.98 -29.18
C PRO B 286 2.88 -12.63 -30.40
N LEU B 287 2.10 -12.93 -31.44
CA LEU B 287 2.66 -13.50 -32.65
C LEU B 287 3.31 -12.44 -33.54
N ASP B 288 2.86 -11.19 -33.43
CA ASP B 288 3.32 -10.14 -34.32
C ASP B 288 4.67 -9.57 -33.91
N VAL B 289 5.00 -9.61 -32.61
CA VAL B 289 6.26 -9.08 -32.12
C VAL B 289 7.38 -10.05 -32.49
N PRO B 290 8.62 -9.59 -32.62
CA PRO B 290 9.73 -10.50 -32.91
C PRO B 290 9.91 -11.51 -31.79
N PRO B 291 10.52 -12.65 -32.09
CA PRO B 291 10.72 -13.66 -31.04
C PRO B 291 11.67 -13.19 -29.95
N ALA B 292 11.62 -13.90 -28.82
CA ALA B 292 12.43 -13.54 -27.67
C ALA B 292 13.89 -13.91 -27.90
N ILE B 293 14.79 -12.99 -27.62
CA ILE B 293 16.22 -13.21 -27.80
C ILE B 293 16.87 -13.24 -26.42
N GLY B 294 17.54 -14.35 -26.11
CA GLY B 294 18.28 -14.44 -24.86
C GLY B 294 19.62 -15.12 -25.03
N HIS B 295 20.26 -15.45 -23.92
CA HIS B 295 21.53 -16.16 -23.94
C HIS B 295 21.46 -17.34 -22.98
N ALA B 296 22.30 -18.34 -23.24
CA ALA B 296 22.44 -19.45 -22.33
C ALA B 296 23.10 -18.99 -21.04
N PRO B 297 22.86 -19.67 -19.92
CA PRO B 297 23.51 -19.28 -18.66
C PRO B 297 25.02 -19.23 -18.81
N ALA B 298 25.59 -18.09 -18.45
CA ALA B 298 27.04 -17.91 -18.35
C ALA B 298 27.73 -18.07 -19.71
N LYS B 299 27.01 -17.73 -20.79
CA LYS B 299 27.48 -17.83 -22.16
C LYS B 299 26.82 -16.67 -22.93
N GLU B 300 27.25 -15.45 -22.62
CA GLU B 300 26.66 -14.26 -23.22
C GLU B 300 26.69 -14.31 -24.75
N ASP B 301 27.77 -14.84 -25.32
CA ASP B 301 27.89 -14.88 -26.78
C ASP B 301 26.90 -15.87 -27.39
N GLU B 302 26.65 -16.99 -26.72
CA GLU B 302 25.70 -17.96 -27.24
C GLU B 302 24.28 -17.41 -27.14
N GLU B 303 23.57 -17.37 -28.27
CA GLU B 303 22.23 -16.82 -28.33
C GLU B 303 21.20 -17.95 -28.36
N VAL B 304 20.14 -17.79 -27.57
CA VAL B 304 19.00 -18.71 -27.56
C VAL B 304 17.76 -17.91 -27.93
N VAL B 305 16.94 -18.47 -28.83
CA VAL B 305 15.75 -17.80 -29.35
C VAL B 305 14.52 -18.63 -28.98
N ARG B 306 13.51 -17.97 -28.42
CA ARG B 306 12.28 -18.63 -28.00
C ARG B 306 11.10 -17.98 -28.69
N LYS B 307 10.35 -18.77 -29.45
CA LYS B 307 9.23 -18.28 -30.24
C LYS B 307 7.94 -18.33 -29.41
N ALA B 308 6.93 -17.59 -29.89
CA ALA B 308 5.66 -17.48 -29.17
C ALA B 308 4.75 -18.63 -29.58
N THR B 309 5.09 -19.82 -29.10
CA THR B 309 4.31 -21.02 -29.38
C THR B 309 4.45 -21.98 -28.22
N THR B 310 3.36 -22.66 -27.88
CA THR B 310 3.38 -23.62 -26.79
C THR B 310 4.30 -24.80 -27.06
N ASP B 311 4.68 -25.02 -28.32
CA ASP B 311 5.56 -26.13 -28.67
C ASP B 311 7.01 -25.88 -28.28
N GLU B 312 7.41 -24.63 -28.12
CA GLU B 312 8.79 -24.30 -27.79
C GLU B 312 9.06 -24.54 -26.31
N PRO B 313 10.33 -24.62 -25.91
CA PRO B 313 10.63 -24.75 -24.48
C PRO B 313 10.16 -23.53 -23.70
N PHE B 314 9.79 -23.77 -22.44
CA PHE B 314 9.19 -22.74 -21.61
C PHE B 314 10.21 -21.65 -21.25
N ALA B 315 9.78 -20.40 -21.34
CA ALA B 315 10.58 -19.26 -20.91
C ALA B 315 9.66 -18.15 -20.42
N ALA B 316 10.02 -17.55 -19.29
CA ALA B 316 9.21 -16.50 -18.70
C ALA B 316 10.10 -15.56 -17.90
N LEU B 317 9.70 -14.29 -17.86
CA LEU B 317 10.43 -13.26 -17.14
C LEU B 317 9.59 -12.74 -15.99
N ALA B 318 10.18 -12.68 -14.79
CA ALA B 318 9.52 -12.10 -13.63
C ALA B 318 9.75 -10.60 -13.62
N PHE B 319 8.67 -9.83 -13.57
CA PHE B 319 8.75 -8.38 -13.69
C PHE B 319 8.12 -7.62 -12.52
N LYS B 320 7.50 -8.31 -11.58
CA LYS B 320 6.90 -7.63 -10.44
C LYS B 320 6.74 -8.63 -9.30
N ILE B 321 7.20 -8.25 -8.11
CA ILE B 321 6.98 -9.02 -6.90
C ILE B 321 6.12 -8.18 -5.95
N ALA B 322 5.04 -8.76 -5.47
CA ALA B 322 4.09 -8.05 -4.63
C ALA B 322 3.67 -8.95 -3.48
N THR B 323 3.05 -8.33 -2.47
CA THR B 323 2.55 -9.04 -1.30
C THR B 323 1.04 -9.12 -1.38
N HIS B 324 0.50 -10.34 -1.43
CA HIS B 324 -0.93 -10.57 -1.44
C HIS B 324 -1.43 -10.74 0.00
N PRO B 325 -2.55 -10.10 0.37
CA PRO B 325 -3.01 -10.17 1.76
C PRO B 325 -3.26 -11.58 2.27
N PHE B 326 -3.66 -12.49 1.40
CA PHE B 326 -3.98 -13.88 1.77
C PHE B 326 -2.95 -14.88 1.31
N PHE B 327 -2.37 -14.68 0.12
CA PHE B 327 -1.51 -15.66 -0.52
C PHE B 327 -0.03 -15.42 -0.26
N GLY B 328 0.33 -14.28 0.32
CA GLY B 328 1.74 -13.99 0.57
C GLY B 328 2.40 -13.43 -0.67
N LYS B 329 3.59 -13.94 -0.97
CA LYS B 329 4.38 -13.43 -2.09
C LYS B 329 3.74 -13.77 -3.43
N LEU B 330 3.68 -12.78 -4.30
CA LEU B 330 3.06 -12.93 -5.62
C LEU B 330 4.07 -12.44 -6.64
N THR B 331 4.45 -13.32 -7.57
CA THR B 331 5.41 -13.00 -8.61
C THR B 331 4.67 -12.93 -9.94
N TYR B 332 4.72 -11.76 -10.57
CA TYR B 332 4.11 -11.59 -11.88
C TYR B 332 5.14 -11.94 -12.95
N ILE B 333 4.76 -12.79 -13.89
CA ILE B 333 5.66 -13.27 -14.92
C ILE B 333 5.01 -13.11 -16.28
N ARG B 334 5.84 -12.82 -17.28
CA ARG B 334 5.42 -12.78 -18.68
C ARG B 334 6.04 -13.99 -19.37
N VAL B 335 5.19 -14.91 -19.79
CA VAL B 335 5.66 -16.13 -20.44
C VAL B 335 5.75 -15.88 -21.94
N TYR B 336 6.92 -16.14 -22.51
CA TYR B 336 7.12 -15.90 -23.93
C TYR B 336 6.99 -17.16 -24.76
N SER B 337 7.33 -18.32 -24.21
CA SER B 337 7.41 -19.55 -24.98
C SER B 337 6.89 -20.72 -24.17
N GLY B 338 6.39 -21.73 -24.88
CA GLY B 338 5.83 -22.94 -24.29
C GLY B 338 4.77 -22.83 -23.22
N THR B 339 4.55 -23.94 -22.51
CA THR B 339 3.55 -24.06 -21.46
C THR B 339 4.09 -24.92 -20.33
N VAL B 340 3.77 -24.54 -19.09
CA VAL B 340 4.14 -25.30 -17.91
C VAL B 340 2.94 -25.34 -16.98
N GLU B 341 2.84 -26.41 -16.20
CA GLU B 341 1.67 -26.70 -15.36
C GLU B 341 1.96 -26.42 -13.89
N SER B 342 0.88 -26.38 -13.11
CA SER B 342 1.00 -26.16 -11.68
C SER B 342 1.63 -27.37 -11.00
N GLY B 343 2.47 -27.10 -10.00
CA GLY B 343 3.19 -28.15 -9.33
C GLY B 343 4.35 -28.72 -10.11
N SER B 344 4.69 -28.12 -11.25
CA SER B 344 5.80 -28.57 -12.07
C SER B 344 7.04 -27.75 -11.75
N GLN B 345 8.20 -28.35 -11.94
CA GLN B 345 9.47 -27.70 -11.65
C GLN B 345 9.99 -26.92 -12.85
N VAL B 346 10.56 -25.76 -12.57
CA VAL B 346 11.29 -24.97 -13.55
C VAL B 346 12.59 -24.52 -12.90
N ILE B 347 13.53 -24.06 -13.71
CA ILE B 347 14.82 -23.58 -13.22
C ILE B 347 14.88 -22.07 -13.38
N ASN B 348 15.34 -21.39 -12.33
CA ASN B 348 15.64 -19.97 -12.39
C ASN B 348 17.05 -19.83 -12.94
N ALA B 349 17.15 -19.67 -14.26
CA ALA B 349 18.45 -19.66 -14.92
C ALA B 349 19.33 -18.52 -14.43
N THR B 350 18.73 -17.37 -14.09
CA THR B 350 19.51 -16.25 -13.57
C THR B 350 20.24 -16.62 -12.28
N LYS B 351 19.60 -17.45 -11.44
CA LYS B 351 20.19 -17.85 -10.18
C LYS B 351 20.70 -19.28 -10.19
N GLY B 352 20.39 -20.06 -11.23
CA GLY B 352 20.78 -21.45 -11.31
C GLY B 352 20.06 -22.38 -10.36
N LYS B 353 19.08 -21.91 -9.60
CA LYS B 353 18.33 -22.72 -8.66
C LYS B 353 17.00 -23.14 -9.27
N LYS B 354 16.50 -24.29 -8.82
CA LYS B 354 15.24 -24.83 -9.30
C LYS B 354 14.09 -24.28 -8.47
N GLU B 355 12.93 -24.14 -9.11
CA GLU B 355 11.73 -23.61 -8.48
C GLU B 355 10.54 -24.46 -8.88
N ARG B 356 9.53 -24.49 -8.01
CA ARG B 356 8.29 -25.24 -8.26
C ARG B 356 7.14 -24.25 -8.33
N LEU B 357 6.46 -24.22 -9.47
CA LEU B 357 5.34 -23.30 -9.66
C LEU B 357 4.17 -23.74 -8.78
N GLY B 358 3.71 -22.85 -7.91
CA GLY B 358 2.59 -23.14 -7.05
C GLY B 358 1.28 -22.89 -7.75
N LYS B 359 0.36 -22.21 -7.07
CA LYS B 359 -0.88 -21.80 -7.72
C LYS B 359 -0.58 -20.76 -8.80
N LEU B 360 -1.37 -20.82 -9.87
CA LEU B 360 -1.21 -19.90 -10.99
C LEU B 360 -2.49 -19.09 -11.12
N PHE B 361 -2.36 -17.78 -11.27
CA PHE B 361 -3.50 -16.87 -11.30
C PHE B 361 -3.38 -15.91 -12.46
N GLN B 362 -4.54 -15.55 -13.01
CA GLN B 362 -4.67 -14.41 -13.92
C GLN B 362 -5.59 -13.41 -13.25
N HIS B 364 -8.05 -10.41 -12.56
CA HIS B 364 -9.11 -9.73 -13.29
C HIS B 364 -9.54 -8.48 -12.54
N SER B 365 -10.39 -7.68 -13.19
CA SER B 365 -10.82 -6.42 -12.61
C SER B 365 -11.53 -6.62 -11.27
N ASN B 366 -12.21 -7.76 -11.09
CA ASN B 366 -12.98 -7.96 -9.88
C ASN B 366 -12.86 -9.37 -9.30
N LYS B 367 -11.91 -10.18 -9.76
CA LYS B 367 -11.69 -11.50 -9.18
C LYS B 367 -10.27 -11.95 -9.51
N GLU B 368 -9.89 -13.08 -8.92
CA GLU B 368 -8.62 -13.74 -9.21
C GLU B 368 -8.96 -15.05 -9.89
N ASN B 369 -8.65 -15.15 -11.18
CA ASN B 369 -9.01 -16.32 -11.97
C ASN B 369 -7.93 -17.38 -11.86
N PRO B 370 -8.19 -18.51 -11.21
CA PRO B 370 -7.16 -19.56 -11.12
C PRO B 370 -7.02 -20.28 -12.45
N VAL B 371 -5.77 -20.49 -12.85
CA VAL B 371 -5.47 -21.16 -14.10
C VAL B 371 -4.62 -22.40 -13.80
N ASP B 372 -4.63 -23.34 -14.74
CA ASP B 372 -3.95 -24.62 -14.58
C ASP B 372 -2.58 -24.65 -15.22
N ARG B 373 -2.21 -23.65 -16.02
CA ARG B 373 -0.93 -23.67 -16.69
C ARG B 373 -0.56 -22.25 -17.10
N ALA B 374 0.74 -22.03 -17.26
CA ALA B 374 1.29 -20.76 -17.71
C ALA B 374 1.79 -20.97 -19.13
N SER B 375 1.05 -20.44 -20.11
CA SER B 375 1.34 -20.65 -21.51
C SER B 375 1.95 -19.39 -22.13
N ALA B 376 2.40 -19.55 -23.38
CA ALA B 376 3.10 -18.47 -24.06
C ALA B 376 2.16 -17.32 -24.37
N GLY B 377 2.71 -16.10 -24.38
CA GLY B 377 1.96 -14.92 -24.75
C GLY B 377 1.06 -14.36 -23.68
N HIS B 378 1.13 -14.89 -22.46
CA HIS B 378 0.22 -14.48 -21.40
C HIS B 378 1.00 -14.07 -20.16
N ILE B 379 0.30 -13.45 -19.23
CA ILE B 379 0.88 -12.89 -18.01
C ILE B 379 0.13 -13.48 -16.82
N TYR B 380 0.87 -13.94 -15.82
CA TYR B 380 0.31 -14.67 -14.69
C TYR B 380 0.89 -14.15 -13.38
N ALA B 381 0.23 -14.52 -12.29
CA ALA B 381 0.72 -14.30 -10.93
C ALA B 381 1.02 -15.67 -10.31
N VAL B 382 2.25 -15.85 -9.86
CA VAL B 382 2.74 -17.13 -9.35
C VAL B 382 2.91 -17.04 -7.83
N ILE B 383 2.88 -18.20 -7.17
CA ILE B 383 2.83 -18.24 -5.71
C ILE B 383 4.14 -18.74 -5.11
N GLY B 384 4.44 -20.02 -5.29
CA GLY B 384 5.46 -20.70 -4.50
C GLY B 384 6.91 -20.51 -4.90
N LEU B 385 7.31 -19.28 -5.20
CA LEU B 385 8.67 -18.98 -5.61
C LEU B 385 9.46 -18.36 -4.46
N LYS B 386 10.69 -18.83 -4.26
CA LYS B 386 11.51 -18.41 -3.12
C LYS B 386 12.73 -17.60 -3.50
N ASP B 387 13.40 -17.93 -4.59
CA ASP B 387 14.63 -17.26 -5.01
C ASP B 387 14.48 -16.65 -6.40
N THR B 388 13.31 -16.12 -6.71
CA THR B 388 13.07 -15.43 -7.96
C THR B 388 12.93 -13.94 -7.70
N THR B 389 13.69 -13.14 -8.43
CA THR B 389 13.68 -11.69 -8.28
C THR B 389 13.19 -11.06 -9.58
N THR B 390 12.76 -9.80 -9.48
CA THR B 390 12.36 -9.07 -10.66
C THR B 390 13.50 -9.05 -11.67
N GLY B 391 13.24 -9.59 -12.87
CA GLY B 391 14.24 -9.72 -13.91
C GLY B 391 14.76 -11.14 -14.11
N ASP B 392 14.52 -12.03 -13.15
CA ASP B 392 14.97 -13.41 -13.29
C ASP B 392 14.21 -14.11 -14.41
N THR B 393 14.84 -15.11 -14.99
CA THR B 393 14.27 -15.87 -16.09
C THR B 393 13.97 -17.29 -15.63
N LEU B 394 12.72 -17.72 -15.83
CA LEU B 394 12.31 -19.09 -15.54
C LEU B 394 12.27 -19.88 -16.84
N SER B 395 12.85 -21.07 -16.83
CA SER B 395 13.03 -21.82 -18.07
C SER B 395 12.93 -23.32 -17.82
N ASP B 396 12.71 -24.05 -18.91
CA ASP B 396 12.82 -25.50 -18.89
C ASP B 396 14.23 -25.91 -18.45
N PRO B 397 14.35 -26.89 -17.57
CA PRO B 397 15.70 -27.32 -17.13
C PRO B 397 16.59 -27.81 -18.26
N ASN B 398 16.02 -28.41 -19.31
CA ASN B 398 16.85 -29.01 -20.35
C ASN B 398 17.39 -27.98 -21.34
N GLN B 399 16.60 -26.97 -21.68
CA GLN B 399 17.00 -25.93 -22.61
C GLN B 399 16.99 -24.60 -21.85
N GLN B 400 18.14 -24.24 -21.32
CA GLN B 400 18.26 -23.12 -20.39
C GLN B 400 18.47 -21.82 -21.17
N ILE B 401 17.65 -20.82 -20.88
CA ILE B 401 17.80 -19.49 -21.46
C ILE B 401 17.79 -18.46 -20.34
N VAL B 402 18.53 -17.37 -20.56
CA VAL B 402 18.47 -16.20 -19.70
C VAL B 402 18.03 -15.03 -20.57
N LEU B 403 16.91 -14.41 -20.20
CA LEU B 403 16.32 -13.40 -21.06
C LEU B 403 17.01 -12.04 -20.90
N GLU B 404 17.41 -11.70 -19.68
CA GLU B 404 18.08 -10.44 -19.44
C GLU B 404 19.59 -10.61 -19.55
N SER B 405 20.25 -9.58 -20.06
CA SER B 405 21.70 -9.64 -20.23
C SER B 405 22.40 -9.65 -18.87
N THR B 407 24.51 -8.72 -15.77
CA THR B 407 24.71 -7.45 -15.08
C THR B 407 25.76 -7.63 -14.00
N PHE B 408 26.51 -6.55 -13.73
CA PHE B 408 27.57 -6.63 -12.74
C PHE B 408 26.98 -6.93 -11.37
N PRO B 409 27.52 -7.89 -10.63
CA PRO B 409 26.97 -8.21 -9.29
C PRO B 409 27.33 -7.19 -8.22
N ASP B 410 28.63 -6.90 -8.10
CA ASP B 410 29.12 -6.08 -7.01
C ASP B 410 28.63 -4.64 -7.12
N PRO B 411 28.36 -4.00 -5.98
CA PRO B 411 27.92 -2.60 -6.00
C PRO B 411 29.01 -1.66 -6.45
N VAL B 412 28.60 -0.56 -7.07
CA VAL B 412 29.52 0.49 -7.49
C VAL B 412 29.37 1.78 -6.70
N ILE B 413 28.31 1.93 -5.91
CA ILE B 413 28.07 3.10 -5.08
C ILE B 413 27.65 2.63 -3.70
N GLU B 414 28.11 3.34 -2.67
CA GLU B 414 27.79 2.99 -1.29
C GLU B 414 27.29 4.23 -0.56
N VAL B 415 26.30 4.03 0.30
CA VAL B 415 25.78 5.08 1.16
C VAL B 415 25.75 4.56 2.59
N ALA B 416 25.92 5.46 3.55
CA ALA B 416 25.91 5.13 4.96
C ALA B 416 24.60 5.63 5.56
N ILE B 417 23.88 4.75 6.26
CA ILE B 417 22.64 5.10 6.93
C ILE B 417 22.82 4.85 8.42
N GLU B 418 22.58 5.90 9.22
CA GLU B 418 22.67 5.75 10.69
C GLU B 418 21.32 6.10 11.29
N PRO B 419 20.81 5.28 12.22
CA PRO B 419 19.49 5.50 12.78
C PRO B 419 19.34 6.74 13.64
N LYS B 420 18.10 7.20 13.82
CA LYS B 420 17.78 8.38 14.67
C LYS B 420 18.43 9.65 14.14
N THR B 421 19.06 10.41 15.05
CA THR B 421 19.68 11.71 14.67
C THR B 421 20.89 11.97 15.57
N LYS B 427 18.96 3.82 18.53
CA LYS B 427 18.38 2.50 18.66
C LYS B 427 16.86 2.56 18.60
N LEU B 428 16.32 3.78 18.73
CA LEU B 428 14.88 3.97 18.65
C LEU B 428 14.36 3.65 17.26
N SER B 429 15.18 3.84 16.23
CA SER B 429 14.82 3.55 14.84
C SER B 429 15.56 2.34 14.26
N LEU B 430 15.85 1.34 15.08
CA LEU B 430 16.42 0.08 14.60
C LEU B 430 15.34 -0.85 14.09
N SER B 431 14.10 -0.36 14.02
CA SER B 431 12.97 -1.11 13.48
C SER B 431 13.28 -1.71 12.12
N ILE B 432 14.14 -1.06 11.35
CA ILE B 432 14.49 -1.51 10.01
C ILE B 432 15.26 -2.82 10.05
N GLN B 433 14.58 -3.92 9.75
CA GLN B 433 15.30 -5.16 9.53
C GLN B 433 15.67 -5.29 8.07
N LYS B 434 14.70 -5.02 7.19
CA LYS B 434 14.89 -5.01 5.75
C LYS B 434 15.67 -6.23 5.29
N LEU B 435 15.37 -7.37 5.92
CA LEU B 435 15.84 -8.65 5.41
C LEU B 435 15.10 -9.01 4.15
N ALA B 436 14.05 -8.24 3.82
CA ALA B 436 13.33 -8.42 2.57
C ALA B 436 14.34 -8.65 1.48
N GLU B 437 14.03 -9.60 0.60
CA GLU B 437 14.98 -10.00 -0.43
C GLU B 437 15.50 -8.78 -1.14
N GLU B 438 14.67 -7.74 -1.23
CA GLU B 438 15.00 -6.54 -1.95
C GLU B 438 15.43 -7.03 -3.31
N ASP B 439 16.65 -6.71 -3.71
CA ASP B 439 17.19 -7.25 -4.94
C ASP B 439 18.56 -7.82 -4.61
N PRO B 440 19.10 -8.72 -5.44
CA PRO B 440 20.50 -9.10 -5.26
C PRO B 440 21.42 -7.92 -5.50
N THR B 441 20.86 -6.83 -6.05
CA THR B 441 21.61 -5.64 -6.39
C THR B 441 22.07 -4.91 -5.13
N PHE B 442 21.31 -5.03 -4.03
CA PHE B 442 21.67 -4.36 -2.80
C PHE B 442 22.43 -5.33 -1.91
N LYS B 443 23.58 -4.87 -1.43
CA LYS B 443 24.45 -5.64 -0.56
C LYS B 443 24.63 -4.82 0.70
N VAL B 444 24.52 -5.47 1.87
CA VAL B 444 24.64 -4.77 3.14
C VAL B 444 25.86 -5.30 3.88
N HIS B 445 26.70 -4.37 4.32
CA HIS B 445 27.95 -4.73 5.02
C HIS B 445 28.10 -3.75 6.19
N LEU B 446 28.93 -4.10 7.18
CA LEU B 446 29.03 -3.25 8.40
C LEU B 446 30.46 -2.72 8.58
N ASP B 447 30.61 -1.41 8.74
CA ASP B 447 31.94 -0.83 9.04
C ASP B 447 32.05 -0.74 10.56
N SER B 448 30.97 -1.05 11.29
CA SER B 448 30.97 -1.10 12.78
C SER B 448 30.93 0.28 13.44
N GLU B 449 30.76 1.35 12.68
CA GLU B 449 30.64 2.66 13.39
C GLU B 449 29.17 2.85 13.73
N THR B 450 28.78 2.68 14.99
CA THR B 450 27.35 2.75 15.37
C THR B 450 26.59 1.75 14.51
N GLY B 451 27.15 0.55 14.30
CA GLY B 451 26.54 -0.42 13.37
C GLY B 451 26.94 -0.10 11.95
N GLN B 452 26.77 1.15 11.53
CA GLN B 452 27.19 1.60 10.17
C GLN B 452 26.64 0.69 9.08
N THR B 453 25.32 0.60 8.99
CA THR B 453 24.77 -0.16 7.86
C THR B 453 25.23 0.55 6.59
N VAL B 454 26.05 -0.13 5.81
CA VAL B 454 26.50 0.47 4.52
C VAL B 454 25.80 -0.34 3.46
N ILE B 455 25.01 0.32 2.62
CA ILE B 455 24.23 -0.36 1.60
C ILE B 455 24.92 -0.12 0.27
N GLY B 456 25.15 -1.20 -0.47
CA GLY B 456 25.75 -1.12 -1.79
C GLY B 456 24.67 -1.19 -2.85
N GLY B 457 24.85 -0.42 -3.92
CA GLY B 457 23.87 -0.32 -4.97
C GLY B 457 24.54 -0.24 -6.33
N GLY B 459 23.83 2.27 -8.45
CA GLY B 459 23.90 3.66 -8.85
C GLY B 459 23.30 4.54 -7.77
N GLU B 460 23.47 5.85 -7.95
CA GLU B 460 22.98 6.81 -6.97
C GLU B 460 21.44 6.85 -6.93
N LEU B 461 20.79 6.75 -8.08
CA LEU B 461 19.33 6.75 -8.10
C LEU B 461 18.78 5.45 -7.53
N HIS B 462 19.50 4.36 -7.78
CA HIS B 462 19.13 3.04 -7.26
C HIS B 462 18.99 3.06 -5.74
N LEU B 463 19.99 3.62 -5.06
CA LEU B 463 19.96 3.69 -3.61
C LEU B 463 18.85 4.63 -3.13
N ASP B 464 18.64 5.75 -3.85
CA ASP B 464 17.60 6.71 -3.47
C ASP B 464 16.22 6.08 -3.54
N ILE B 465 16.01 5.16 -4.48
CA ILE B 465 14.74 4.47 -4.57
C ILE B 465 14.53 3.59 -3.36
N LEU B 466 15.58 2.85 -2.96
CA LEU B 466 15.50 1.96 -1.82
C LEU B 466 15.28 2.73 -0.53
N VAL B 467 15.92 3.90 -0.40
CA VAL B 467 15.80 4.69 0.81
C VAL B 467 14.37 5.19 1.00
N ASP B 468 13.68 5.50 -0.10
CA ASP B 468 12.29 5.90 -0.02
C ASP B 468 11.43 4.76 0.50
N ARG B 469 11.74 3.52 0.09
CA ARG B 469 11.03 2.37 0.61
C ARG B 469 11.21 2.23 2.12
N ARG B 471 11.61 4.50 4.10
CA ARG B 471 11.07 5.71 4.73
C ARG B 471 9.58 5.92 4.50
N ARG B 472 8.98 5.28 3.49
CA ARG B 472 7.54 5.41 3.24
C ARG B 472 6.79 4.14 3.58
N GLU B 473 7.37 2.97 3.29
CA GLU B 473 6.81 1.67 3.61
C GLU B 473 7.22 1.20 5.00
N PHE B 474 8.25 1.83 5.58
CA PHE B 474 8.73 1.50 6.92
C PHE B 474 8.94 2.72 7.82
N LYS B 475 8.96 3.94 7.26
CA LYS B 475 8.95 5.20 8.02
C LYS B 475 10.05 5.26 9.08
N VAL B 476 11.29 5.18 8.62
CA VAL B 476 12.45 5.28 9.48
C VAL B 476 12.88 6.75 9.61
N GLU B 477 13.50 7.06 10.75
CA GLU B 477 14.08 8.37 11.02
C GLU B 477 15.58 8.15 11.04
N ALA B 478 16.28 8.57 9.99
CA ALA B 478 17.68 8.23 9.85
C ALA B 478 18.45 9.35 9.16
N ASN B 479 19.75 9.40 9.45
CA ASN B 479 20.68 10.29 8.76
C ASN B 479 21.25 9.55 7.56
N VAL B 480 21.02 10.08 6.37
CA VAL B 480 21.52 9.48 5.15
C VAL B 480 22.86 10.10 4.79
N GLY B 481 23.86 9.26 4.54
CA GLY B 481 25.16 9.76 4.18
C GLY B 481 25.25 10.20 2.73
N LYS B 482 26.40 10.77 2.38
CA LYS B 482 26.59 11.10 0.97
C LYS B 482 27.12 9.88 0.22
N PRO B 483 26.65 9.66 -1.01
CA PRO B 483 27.05 8.46 -1.73
C PRO B 483 28.56 8.45 -1.99
N GLN B 484 29.16 7.29 -1.76
CA GLN B 484 30.60 7.09 -1.89
C GLN B 484 30.88 6.05 -2.96
N VAL B 485 31.85 6.33 -3.83
CA VAL B 485 32.18 5.40 -4.89
C VAL B 485 32.88 4.19 -4.30
N ALA B 486 32.50 3.00 -4.78
CA ALA B 486 33.06 1.73 -4.30
C ALA B 486 34.33 1.44 -5.10
N TYR B 487 35.43 2.04 -4.65
CA TYR B 487 36.71 1.86 -5.31
C TYR B 487 37.26 0.46 -5.02
N LYS B 488 38.27 0.07 -5.79
CA LYS B 488 38.96 -1.20 -5.61
C LYS B 488 40.45 -0.97 -5.69
N GLU B 489 41.22 -1.98 -5.29
CA GLU B 489 42.67 -1.93 -5.34
C GLU B 489 43.19 -3.15 -6.07
N THR B 490 44.39 -3.02 -6.63
CA THR B 490 45.07 -4.15 -7.27
C THR B 490 46.56 -3.87 -7.26
N ILE B 491 47.32 -4.84 -7.77
CA ILE B 491 48.78 -4.74 -7.85
C ILE B 491 49.19 -4.86 -9.30
N LYS B 492 50.33 -4.26 -9.63
CA LYS B 492 50.81 -4.23 -11.00
C LYS B 492 52.10 -4.98 -11.25
N ARG B 493 52.79 -5.46 -10.21
CA ARG B 493 54.08 -6.11 -10.39
C ARG B 493 54.16 -7.37 -9.52
N LEU B 494 55.07 -8.25 -9.91
CA LEU B 494 55.32 -9.48 -9.18
C LEU B 494 56.35 -9.25 -8.09
N VAL B 495 56.03 -9.66 -6.86
CA VAL B 495 56.94 -9.59 -5.74
C VAL B 495 57.21 -11.01 -5.26
N GLN B 496 58.49 -11.32 -5.01
CA GLN B 496 58.94 -12.68 -4.75
C GLN B 496 59.63 -12.77 -3.39
N ASN B 497 59.55 -13.97 -2.80
CA ASN B 497 60.18 -14.26 -1.50
C ASN B 497 59.75 -13.26 -0.43
N VAL B 498 58.45 -12.99 -0.38
CA VAL B 498 57.87 -12.22 0.71
C VAL B 498 57.54 -13.19 1.83
N GLU B 499 58.19 -12.99 2.97
CA GLU B 499 58.01 -13.89 4.11
C GLU B 499 57.45 -13.12 5.28
N TYR B 500 56.66 -13.82 6.09
CA TYR B 500 56.18 -13.28 7.35
C TYR B 500 56.20 -14.42 8.37
N THR B 501 56.64 -14.10 9.58
CA THR B 501 56.71 -15.07 10.67
C THR B 501 55.87 -14.55 11.82
N HIS B 502 54.90 -15.36 12.24
CA HIS B 502 54.03 -15.01 13.37
C HIS B 502 54.53 -15.78 14.59
N LYS B 503 55.06 -15.07 15.58
CA LYS B 503 55.54 -15.67 16.82
C LYS B 503 55.04 -14.81 17.99
N LYS B 504 53.83 -15.10 18.44
CA LYS B 504 53.29 -14.48 19.64
C LYS B 504 53.38 -15.51 20.77
N GLN B 505 54.17 -15.21 21.79
CA GLN B 505 54.34 -16.10 22.93
C GLN B 505 53.35 -15.68 24.01
N THR B 506 52.11 -16.15 23.86
CA THR B 506 51.11 -15.90 24.88
C THR B 506 51.40 -16.80 26.09
N GLY B 507 50.87 -16.41 27.25
CA GLY B 507 51.13 -17.11 28.49
C GLY B 507 50.75 -18.58 28.45
N GLY B 508 49.47 -18.86 28.20
CA GLY B 508 48.97 -20.22 28.20
C GLY B 508 49.63 -21.08 27.15
N SER B 509 49.59 -20.64 25.90
CA SER B 509 50.22 -21.34 24.80
C SER B 509 50.77 -20.33 23.81
N GLY B 510 51.92 -20.62 23.24
CA GLY B 510 52.45 -19.74 22.22
C GLY B 510 52.04 -20.22 20.86
N GLN B 511 52.21 -19.36 19.86
CA GLN B 511 51.81 -19.67 18.50
C GLN B 511 52.92 -19.33 17.53
N PHE B 512 53.04 -20.13 16.48
CA PHE B 512 54.09 -19.98 15.48
C PHE B 512 53.56 -20.32 14.10
N ALA B 513 54.00 -19.55 13.11
CA ALA B 513 53.69 -19.81 11.71
C ALA B 513 54.55 -18.94 10.81
N LYS B 514 55.30 -19.56 9.90
CA LYS B 514 56.07 -18.86 8.89
C LYS B 514 55.59 -19.25 7.51
N VAL B 515 55.41 -18.26 6.64
CA VAL B 515 54.96 -18.49 5.27
C VAL B 515 55.80 -17.61 4.34
N ILE B 516 56.23 -18.17 3.22
CA ILE B 516 56.93 -17.44 2.18
C ILE B 516 56.10 -17.57 0.91
N ILE B 517 55.66 -16.44 0.37
CA ILE B 517 54.73 -16.44 -0.76
C ILE B 517 55.32 -15.63 -1.93
N ASN B 518 54.66 -15.79 -3.07
CA ASN B 518 54.92 -15.04 -4.29
C ASN B 518 53.61 -14.44 -4.75
N LEU B 519 53.57 -13.12 -4.91
CA LEU B 519 52.35 -12.41 -5.24
C LEU B 519 52.48 -11.75 -6.59
N GLU B 520 51.53 -12.01 -7.48
CA GLU B 520 51.54 -11.49 -8.84
C GLU B 520 50.14 -11.01 -9.19
N PRO B 521 50.01 -10.07 -10.12
CA PRO B 521 48.67 -9.73 -10.62
C PRO B 521 48.10 -10.86 -11.46
N PHE B 522 46.79 -11.07 -11.34
CA PHE B 522 46.15 -12.19 -12.03
C PHE B 522 44.74 -11.80 -12.46
N THR B 523 44.56 -11.55 -13.75
CA THR B 523 43.21 -11.31 -14.25
C THR B 523 42.46 -12.64 -14.36
N GLY B 524 43.03 -13.61 -15.06
CA GLY B 524 42.36 -14.90 -15.16
C GLY B 524 41.42 -15.09 -16.33
N GLU B 525 41.68 -16.12 -17.14
CA GLU B 525 40.78 -16.46 -18.24
C GLU B 525 39.36 -16.66 -17.77
N GLU B 526 39.19 -17.05 -16.50
CA GLU B 526 37.86 -17.29 -15.94
C GLU B 526 37.25 -16.03 -15.33
N GLY B 527 37.97 -14.91 -15.33
CA GLY B 527 37.45 -13.71 -14.72
C GLY B 527 37.55 -13.70 -13.21
N ALA B 528 38.23 -14.70 -12.63
CA ALA B 528 38.34 -14.82 -11.19
C ALA B 528 39.21 -13.71 -10.60
N THR B 529 38.90 -13.36 -9.36
CA THR B 529 39.63 -12.31 -8.66
C THR B 529 40.85 -12.85 -7.93
N TYR B 530 40.86 -14.13 -7.55
CA TYR B 530 41.91 -14.69 -6.73
C TYR B 530 42.27 -16.09 -7.19
N GLU B 531 43.55 -16.43 -7.03
CA GLU B 531 44.04 -17.78 -7.26
C GLU B 531 45.08 -18.09 -6.20
N PHE B 532 44.98 -19.28 -5.60
CA PHE B 532 45.95 -19.75 -4.63
C PHE B 532 46.63 -21.00 -5.17
N GLU B 533 47.96 -21.03 -5.11
CA GLU B 533 48.73 -22.18 -5.50
C GLU B 533 49.75 -22.49 -4.42
N SER B 534 49.91 -23.77 -4.10
CA SER B 534 50.87 -24.22 -3.11
C SER B 534 51.98 -24.99 -3.82
N LYS B 535 53.21 -24.49 -3.71
CA LYS B 535 54.39 -25.16 -4.24
C LYS B 535 55.29 -25.68 -3.12
N VAL B 536 54.71 -25.94 -1.95
CA VAL B 536 55.48 -26.48 -0.83
C VAL B 536 56.03 -27.83 -1.22
N THR B 537 57.27 -28.10 -0.81
CA THR B 537 57.99 -29.26 -1.32
C THR B 537 57.98 -30.38 -0.30
N GLY B 538 58.68 -30.19 0.82
CA GLY B 538 58.56 -31.11 1.93
C GLY B 538 57.36 -30.75 2.78
N GLY B 539 57.23 -31.45 3.90
CA GLY B 539 56.19 -31.13 4.86
C GLY B 539 56.57 -29.90 5.68
N ARG B 540 57.27 -28.96 5.04
CA ARG B 540 57.75 -27.77 5.74
C ARG B 540 56.59 -26.94 6.27
N ILE B 541 55.49 -26.89 5.53
CA ILE B 541 54.20 -26.45 6.06
C ILE B 541 53.26 -27.65 5.94
N PRO B 542 52.74 -28.19 7.03
CA PRO B 542 51.86 -29.37 6.95
C PRO B 542 50.66 -29.11 6.05
N ARG B 543 50.18 -30.16 5.37
CA ARG B 543 49.01 -30.06 4.45
C ARG B 543 47.77 -29.64 5.27
N GLU B 544 47.79 -29.85 6.58
CA GLU B 544 46.67 -29.47 7.48
C GLU B 544 46.46 -27.95 7.46
N TYR B 545 47.53 -27.16 7.41
CA TYR B 545 47.44 -25.68 7.49
C TYR B 545 47.54 -24.99 6.12
N ILE B 546 47.66 -25.69 4.98
CA ILE B 546 47.65 -25.00 3.69
C ILE B 546 46.36 -24.22 3.46
N PRO B 547 45.16 -24.80 3.64
CA PRO B 547 43.94 -24.00 3.40
C PRO B 547 43.77 -22.81 4.32
N SER B 548 44.41 -22.83 5.49
CA SER B 548 44.32 -21.68 6.40
C SER B 548 45.08 -20.48 5.87
N VAL B 549 46.22 -20.71 5.21
CA VAL B 549 46.97 -19.62 4.60
C VAL B 549 46.15 -18.97 3.48
N ASP B 550 45.47 -19.79 2.67
CA ASP B 550 44.60 -19.26 1.63
C ASP B 550 43.51 -18.38 2.25
N ALA B 551 42.87 -18.86 3.31
CA ALA B 551 41.81 -18.10 3.96
C ALA B 551 42.32 -16.78 4.53
N GLY B 552 43.53 -16.80 5.10
CA GLY B 552 44.09 -15.58 5.64
C GLY B 552 44.35 -14.51 4.59
N ALA B 553 44.86 -14.94 3.42
CA ALA B 553 45.08 -13.99 2.33
C ALA B 553 43.77 -13.41 1.84
N GLN B 554 42.73 -14.24 1.69
CA GLN B 554 41.43 -13.76 1.25
C GLN B 554 40.83 -12.80 2.27
N ASP B 555 41.00 -13.09 3.56
CA ASP B 555 40.49 -12.19 4.59
C ASP B 555 41.14 -10.82 4.50
N ALA B 556 42.46 -10.79 4.30
CA ALA B 556 43.15 -9.52 4.19
C ALA B 556 42.82 -8.77 2.90
N GLN B 558 39.83 -8.39 1.68
CA GLN B 558 38.60 -7.64 1.90
C GLN B 558 38.93 -6.20 2.29
N TYR B 559 40.02 -6.01 3.01
CA TYR B 559 40.54 -4.69 3.36
C TYR B 559 41.70 -4.36 2.42
N GLY B 560 41.99 -3.08 2.28
CA GLY B 560 43.02 -2.67 1.35
C GLY B 560 44.38 -2.52 1.98
N VAL B 561 45.36 -2.26 1.13
CA VAL B 561 46.67 -1.84 1.59
C VAL B 561 46.91 -0.35 1.34
N LEU B 562 46.25 0.25 0.35
CA LEU B 562 46.48 1.65 0.00
C LEU B 562 45.50 2.58 0.72
N ALA B 563 44.20 2.43 0.43
CA ALA B 563 43.18 3.32 0.97
C ALA B 563 42.02 2.55 1.60
N GLY B 564 42.23 1.28 1.92
CA GLY B 564 41.22 0.49 2.58
C GLY B 564 40.14 -0.08 1.67
N TYR B 565 40.36 -0.08 0.39
CA TYR B 565 39.39 -0.62 -0.54
C TYR B 565 39.79 -2.05 -0.93
N PRO B 566 38.81 -2.91 -1.23
CA PRO B 566 39.14 -4.33 -1.48
C PRO B 566 40.13 -4.53 -2.62
N LEU B 567 40.96 -5.54 -2.47
CA LEU B 567 41.96 -5.91 -3.46
C LEU B 567 41.41 -6.97 -4.40
N VAL B 568 41.68 -6.80 -5.70
CA VAL B 568 41.16 -7.70 -6.72
C VAL B 568 42.28 -8.06 -7.69
N ASN B 569 42.09 -9.20 -8.36
CA ASN B 569 43.00 -9.69 -9.40
C ASN B 569 44.41 -9.95 -8.84
N LEU B 570 44.46 -10.85 -7.87
CA LEU B 570 45.70 -11.24 -7.20
C LEU B 570 45.87 -12.74 -7.25
N LYS B 571 47.12 -13.20 -7.36
CA LYS B 571 47.45 -14.62 -7.29
C LYS B 571 48.51 -14.85 -6.22
N VAL B 572 48.19 -15.68 -5.23
CA VAL B 572 49.09 -16.00 -4.14
C VAL B 572 49.70 -17.38 -4.40
N THR B 573 51.03 -17.46 -4.36
CA THR B 573 51.76 -18.72 -4.53
C THR B 573 52.55 -19.01 -3.27
N LEU B 574 52.15 -20.04 -2.53
CA LEU B 574 52.82 -20.44 -1.30
C LEU B 574 54.06 -21.26 -1.63
N LEU B 575 55.24 -20.70 -1.35
CA LEU B 575 56.49 -21.31 -1.78
C LEU B 575 57.18 -22.12 -0.69
N ASP B 576 57.19 -21.65 0.55
CA ASP B 576 57.89 -22.31 1.64
C ASP B 576 57.28 -21.88 2.96
N GLY B 577 57.91 -22.29 4.05
CA GLY B 577 57.44 -21.93 5.37
C GLY B 577 58.07 -22.82 6.43
N ALA B 578 57.58 -22.63 7.66
CA ALA B 578 58.04 -23.40 8.81
C ALA B 578 56.87 -23.64 9.74
N TYR B 579 57.04 -24.61 10.64
CA TYR B 579 55.97 -24.97 11.57
C TYR B 579 56.57 -25.55 12.84
N HIS B 580 55.91 -25.27 13.96
CA HIS B 580 56.21 -25.90 15.24
C HIS B 580 55.17 -26.97 15.53
N GLU B 581 55.63 -28.16 15.94
CA GLU B 581 54.71 -29.28 16.11
C GLU B 581 53.64 -29.00 17.15
N VAL B 582 53.96 -28.21 18.17
CA VAL B 582 53.01 -27.90 19.23
C VAL B 582 52.42 -26.50 19.07
N ASP B 583 53.24 -25.52 18.69
CA ASP B 583 52.83 -24.13 18.73
C ASP B 583 52.07 -23.70 17.48
N SER B 584 52.22 -24.39 16.37
CA SER B 584 51.59 -23.97 15.12
C SER B 584 50.16 -24.47 15.06
N SER B 585 49.24 -23.58 14.71
CA SER B 585 47.82 -23.87 14.62
C SER B 585 47.26 -23.31 13.32
N GLU B 586 46.00 -23.65 13.05
CA GLU B 586 45.33 -23.09 11.89
C GLU B 586 45.23 -21.58 11.99
N ALA B 588 47.28 -19.48 13.59
CA ALA B 588 48.58 -18.84 13.38
C ALA B 588 48.90 -18.71 11.89
N PHE B 589 48.57 -19.74 11.11
CA PHE B 589 48.79 -19.69 9.67
C PHE B 589 47.78 -18.80 8.96
N LYS B 590 46.59 -18.60 9.54
CA LYS B 590 45.66 -17.62 8.99
C LYS B 590 46.15 -16.20 9.23
N ILE B 591 46.73 -15.96 10.42
CA ILE B 591 47.39 -14.68 10.69
C ILE B 591 48.57 -14.51 9.74
N ALA B 592 49.36 -15.57 9.56
CA ALA B 592 50.52 -15.51 8.67
C ALA B 592 50.09 -15.22 7.23
N GLY B 593 49.10 -15.98 6.75
CA GLY B 593 48.60 -15.73 5.40
C GLY B 593 48.06 -14.33 5.23
N SER B 594 47.32 -13.83 6.23
CA SER B 594 46.81 -12.47 6.19
C SER B 594 47.94 -11.46 6.14
N GLN B 595 48.83 -11.50 7.14
CA GLN B 595 49.88 -10.49 7.24
C GLN B 595 50.83 -10.52 6.04
N VAL B 596 51.07 -11.70 5.47
CA VAL B 596 51.98 -11.78 4.33
C VAL B 596 51.36 -11.14 3.09
N LEU B 597 50.03 -11.21 2.95
CA LEU B 597 49.39 -10.55 1.82
C LEU B 597 49.45 -9.04 1.97
N LYS B 598 49.16 -8.52 3.17
CA LYS B 598 49.30 -7.10 3.41
C LYS B 598 50.72 -6.64 3.15
N LYS B 599 51.70 -7.50 3.46
CA LYS B 599 53.10 -7.16 3.24
C LYS B 599 53.48 -7.26 1.77
N ALA B 600 53.04 -8.31 1.09
CA ALA B 600 53.42 -8.50 -0.31
C ALA B 600 52.69 -7.51 -1.22
N ALA B 601 51.42 -7.21 -0.93
CA ALA B 601 50.68 -6.27 -1.76
C ALA B 601 51.24 -4.87 -1.68
N ALA B 602 51.77 -4.48 -0.51
CA ALA B 602 52.41 -3.17 -0.39
C ALA B 602 53.63 -3.08 -1.28
N LEU B 603 54.33 -4.19 -1.50
CA LEU B 603 55.57 -4.23 -2.27
C LEU B 603 55.36 -4.59 -3.74
N ALA B 604 54.12 -4.70 -4.20
CA ALA B 604 53.82 -5.09 -5.57
C ALA B 604 53.14 -3.96 -6.33
N GLN B 605 53.55 -2.71 -6.05
CA GLN B 605 53.00 -1.52 -6.71
C GLN B 605 51.48 -1.49 -6.62
N PRO B 606 50.92 -1.24 -5.44
CA PRO B 606 49.46 -1.21 -5.32
C PRO B 606 48.88 0.05 -5.95
N VAL B 607 47.74 -0.12 -6.63
CA VAL B 607 47.05 1.00 -7.26
C VAL B 607 45.57 0.90 -6.94
N ILE B 608 44.88 2.04 -7.08
CA ILE B 608 43.45 2.12 -6.85
C ILE B 608 42.71 2.06 -8.18
N LEU B 609 41.62 1.31 -8.21
CA LEU B 609 40.80 1.14 -9.40
C LEU B 609 39.45 1.83 -9.22
N GLU B 610 38.94 2.42 -10.30
CA GLU B 610 37.65 3.10 -10.23
C GLU B 610 36.68 2.44 -11.20
N PRO B 611 35.40 2.35 -10.82
CA PRO B 611 34.39 1.84 -11.76
C PRO B 611 34.12 2.82 -12.89
N ILE B 612 34.28 2.35 -14.12
CA ILE B 612 34.00 3.15 -15.31
C ILE B 612 32.66 2.70 -15.88
N ALA B 614 29.35 2.74 -18.65
CA ALA B 614 28.85 2.93 -20.00
C ALA B 614 27.62 3.82 -19.90
N VAL B 615 27.78 5.08 -20.26
CA VAL B 615 26.70 6.07 -20.19
C VAL B 615 26.10 6.23 -21.58
N GLU B 616 24.78 6.27 -21.63
CA GLU B 616 24.04 6.47 -22.87
C GLU B 616 23.02 7.57 -22.62
N VAL B 617 23.11 8.66 -23.37
CA VAL B 617 22.23 9.80 -23.20
C VAL B 617 21.43 9.98 -24.48
N THR B 618 20.10 9.86 -24.37
CA THR B 618 19.19 10.20 -25.45
C THR B 618 18.73 11.63 -25.21
N THR B 619 19.05 12.53 -26.14
CA THR B 619 18.79 13.93 -25.92
C THR B 619 17.97 14.52 -27.05
N PRO B 620 17.13 15.50 -26.75
CA PRO B 620 16.44 16.24 -27.82
C PRO B 620 17.43 16.83 -28.81
N GLU B 621 16.90 17.19 -29.98
CA GLU B 621 17.72 17.66 -31.08
C GLU B 621 18.64 18.80 -30.65
N ASP B 622 18.07 19.78 -29.93
CA ASP B 622 18.74 21.06 -29.70
C ASP B 622 19.88 20.98 -28.68
N TYR B 623 19.73 20.18 -27.63
CA TYR B 623 20.63 20.23 -26.49
C TYR B 623 21.79 19.23 -26.55
N GLY B 625 24.72 19.37 -27.99
CA GLY B 625 26.06 19.92 -27.85
C GLY B 625 26.52 20.06 -26.42
N ASP B 626 25.64 20.53 -25.54
CA ASP B 626 25.98 20.63 -24.12
C ASP B 626 26.24 19.27 -23.50
N VAL B 627 25.71 18.21 -24.08
CA VAL B 627 25.91 16.87 -23.53
C VAL B 627 27.36 16.41 -23.71
N ILE B 628 27.87 16.52 -24.95
CA ILE B 628 29.22 16.03 -25.23
C ILE B 628 30.26 16.86 -24.47
N GLY B 629 30.06 18.17 -24.40
CA GLY B 629 30.98 19.01 -23.64
C GLY B 629 30.99 18.67 -22.16
N ASP B 630 29.81 18.47 -21.58
CA ASP B 630 29.73 18.06 -20.18
C ASP B 630 30.41 16.72 -19.96
N LEU B 631 30.20 15.77 -20.86
CA LEU B 631 30.76 14.43 -20.67
C LEU B 631 32.29 14.46 -20.72
N ASN B 632 32.86 15.23 -21.65
CA ASN B 632 34.32 15.36 -21.69
C ASN B 632 34.86 16.05 -20.45
N SER B 633 34.11 17.01 -19.90
CA SER B 633 34.56 17.68 -18.69
C SER B 633 34.51 16.76 -17.47
N ARG B 634 33.74 15.67 -17.55
CA ARG B 634 33.67 14.67 -16.50
C ARG B 634 34.60 13.50 -16.78
N ARG B 635 35.67 13.72 -17.55
CA ARG B 635 36.64 12.70 -17.93
C ARG B 635 36.00 11.57 -18.73
N GLY B 636 35.01 11.92 -19.56
CA GLY B 636 34.35 10.94 -20.38
C GLY B 636 34.98 10.80 -21.76
N GLN B 637 34.83 9.62 -22.34
CA GLN B 637 35.38 9.29 -23.65
C GLN B 637 34.23 8.94 -24.58
N ILE B 638 33.93 9.84 -25.52
CA ILE B 638 32.80 9.64 -26.42
C ILE B 638 33.09 8.47 -27.35
N GLN B 639 32.12 7.59 -27.52
CA GLN B 639 32.27 6.40 -28.34
C GLN B 639 31.42 6.43 -29.60
N ALA B 640 30.19 6.94 -29.52
CA ALA B 640 29.30 6.95 -30.68
C ALA B 640 28.23 8.01 -30.49
N GLU B 642 24.41 8.27 -32.36
CA GLU B 642 23.44 7.75 -33.31
C GLU B 642 22.21 8.65 -33.31
N GLU B 643 21.46 8.61 -34.40
CA GLU B 643 20.18 9.29 -34.52
C GLU B 643 19.08 8.24 -34.51
N ARG B 644 18.21 8.32 -33.51
CA ARG B 644 17.06 7.42 -33.38
C ARG B 644 15.82 8.29 -33.38
N ALA B 645 14.94 8.05 -34.33
CA ALA B 645 13.73 8.87 -34.55
C ALA B 645 14.24 10.30 -34.78
N GLY B 646 13.79 11.29 -34.02
CA GLY B 646 14.28 12.64 -34.14
C GLY B 646 15.29 13.04 -33.08
N ALA B 647 15.75 12.10 -32.25
CA ALA B 647 16.66 12.42 -31.17
C ALA B 647 18.04 11.81 -31.41
N ARG B 648 19.02 12.35 -30.69
CA ARG B 648 20.40 11.93 -30.77
C ARG B 648 20.79 11.14 -29.53
N VAL B 649 21.45 10.00 -29.73
CA VAL B 649 21.88 9.13 -28.66
C VAL B 649 23.40 9.19 -28.60
N VAL B 650 23.93 9.63 -27.45
CA VAL B 650 25.37 9.75 -27.24
C VAL B 650 25.81 8.67 -26.26
N ARG B 651 26.71 7.81 -26.71
CA ARG B 651 27.28 6.77 -25.87
C ARG B 651 28.70 7.15 -25.49
N ALA B 652 29.05 6.99 -24.22
CA ALA B 652 30.37 7.36 -23.74
C ALA B 652 30.72 6.50 -22.53
N HIS B 653 32.03 6.36 -22.30
CA HIS B 653 32.55 5.71 -21.11
C HIS B 653 32.98 6.80 -20.13
N VAL B 654 32.32 6.85 -18.98
CA VAL B 654 32.57 7.90 -17.99
C VAL B 654 32.85 7.29 -16.62
N PRO B 655 33.86 7.77 -15.90
CA PRO B 655 34.05 7.30 -14.52
C PRO B 655 32.88 7.69 -13.64
N LEU B 656 32.41 6.72 -12.85
CA LEU B 656 31.27 6.95 -11.96
C LEU B 656 31.52 8.10 -10.99
N SER B 657 32.77 8.30 -10.57
CA SER B 657 33.08 9.38 -9.62
C SER B 657 32.70 10.74 -10.19
N GLU B 658 32.65 10.88 -11.50
CA GLU B 658 32.40 12.16 -12.15
C GLU B 658 30.96 12.29 -12.63
N PHE B 660 28.32 12.28 -10.59
CA PHE B 660 27.51 12.64 -9.43
C PHE B 660 26.62 13.83 -9.76
N GLY B 661 25.31 13.66 -9.62
CA GLY B 661 24.38 14.73 -9.86
C GLY B 661 24.03 14.95 -11.31
N TYR B 662 24.23 13.94 -12.17
CA TYR B 662 23.99 14.13 -13.59
C TYR B 662 22.50 14.32 -13.90
N VAL B 663 21.63 13.64 -13.14
CA VAL B 663 20.18 13.77 -13.35
C VAL B 663 19.76 15.24 -13.32
N GLY B 664 20.14 15.96 -12.27
CA GLY B 664 19.74 17.35 -12.15
C GLY B 664 20.39 18.24 -13.19
N ASP B 665 21.65 17.98 -13.51
CA ASP B 665 22.34 18.80 -14.52
C ASP B 665 21.75 18.60 -15.90
N LEU B 666 21.49 17.33 -16.28
CA LEU B 666 20.88 17.05 -17.58
C LEU B 666 19.46 17.58 -17.67
N ARG B 667 18.68 17.43 -16.60
CA ARG B 667 17.28 17.84 -16.65
C ARG B 667 17.16 19.36 -16.83
N SER B 668 18.03 20.13 -16.17
CA SER B 668 18.05 21.57 -16.39
C SER B 668 18.56 21.89 -17.79
N LYS B 669 19.59 21.16 -18.25
CA LYS B 669 20.22 21.46 -19.52
C LYS B 669 19.29 21.15 -20.70
N THR B 670 18.48 20.09 -20.58
CA THR B 670 17.61 19.64 -21.65
C THR B 670 16.14 19.95 -21.39
N GLN B 671 15.85 20.88 -20.48
CA GLN B 671 14.48 21.26 -20.13
C GLN B 671 13.63 20.05 -19.75
N GLY B 672 14.28 19.01 -19.22
CA GLY B 672 13.57 17.85 -18.71
C GLY B 672 13.22 16.80 -19.74
N ARG B 673 13.68 16.94 -20.97
CA ARG B 673 13.24 16.13 -22.10
C ARG B 673 14.19 14.98 -22.44
N ALA B 674 15.27 14.79 -21.70
CA ALA B 674 16.32 13.85 -22.05
C ALA B 674 16.37 12.67 -21.09
N ASN B 675 16.92 11.56 -21.58
CA ASN B 675 17.08 10.32 -20.85
C ASN B 675 18.57 9.98 -20.73
N TYR B 676 18.94 9.28 -19.65
CA TYR B 676 20.33 8.85 -19.40
C TYR B 676 20.29 7.43 -18.86
N SER B 677 21.23 6.57 -19.26
CA SER B 677 21.37 5.18 -18.76
C SER B 677 22.78 5.03 -18.21
N VAL B 679 25.30 1.90 -16.80
CA VAL B 679 25.51 0.46 -16.51
C VAL B 679 27.00 0.33 -16.30
N PHE B 680 27.48 -0.59 -15.48
CA PHE B 680 28.90 -0.84 -15.30
C PHE B 680 29.53 -1.33 -16.60
N ASP B 681 30.79 -0.96 -16.82
CA ASP B 681 31.56 -1.37 -17.98
C ASP B 681 32.86 -2.05 -17.61
N SER B 682 33.70 -1.40 -16.80
CA SER B 682 35.01 -1.94 -16.46
C SER B 682 35.58 -1.15 -15.30
N TYR B 683 36.66 -1.68 -14.72
CA TYR B 683 37.50 -0.98 -13.77
C TYR B 683 38.74 -0.45 -14.48
N SER B 684 39.15 0.77 -14.13
CA SER B 684 40.34 1.36 -14.70
C SER B 684 41.13 2.05 -13.59
N GLU B 685 42.44 2.16 -13.80
CA GLU B 685 43.30 2.76 -12.80
C GLU B 685 42.99 4.25 -12.65
N VAL B 686 42.85 4.71 -11.42
CA VAL B 686 42.53 6.11 -11.13
C VAL B 686 43.71 6.98 -11.54
N PRO B 687 43.50 8.17 -12.12
CA PRO B 687 44.62 9.06 -12.42
C PRO B 687 45.43 9.42 -11.18
N ALA B 688 46.67 9.86 -11.42
CA ALA B 688 47.62 10.07 -10.34
C ALA B 688 47.13 11.10 -9.33
N ASN B 689 46.70 12.27 -9.82
CA ASN B 689 46.24 13.32 -8.91
C ASN B 689 44.95 12.93 -8.19
N VAL B 690 44.16 12.03 -8.77
CA VAL B 690 42.92 11.62 -8.12
C VAL B 690 43.22 10.52 -7.09
N SER B 691 44.26 9.71 -7.33
CA SER B 691 44.65 8.69 -6.37
C SER B 691 45.04 9.34 -5.04
N LYS B 692 45.74 10.47 -5.11
CA LYS B 692 46.17 11.16 -3.89
C LYS B 692 44.99 11.72 -3.12
N GLU B 693 43.92 12.13 -3.81
CA GLU B 693 42.73 12.61 -3.12
C GLU B 693 42.00 11.48 -2.41
N ILE B 694 41.86 10.33 -3.08
CA ILE B 694 41.23 9.18 -2.45
C ILE B 694 42.01 8.74 -1.22
N ILE B 695 43.33 8.60 -1.35
CA ILE B 695 44.16 8.12 -0.26
C ILE B 695 44.11 9.08 0.92
N ALA B 696 44.20 10.38 0.64
CA ALA B 696 44.23 11.37 1.72
C ALA B 696 42.96 11.30 2.56
N LYS B 697 41.81 11.10 1.93
CA LYS B 697 40.56 10.99 2.67
C LYS B 697 40.55 9.75 3.56
N ALA B 698 41.01 8.61 3.03
CA ALA B 698 40.98 7.37 3.80
C ALA B 698 41.97 7.41 4.95
N THR B 699 43.16 7.98 4.72
CA THR B 699 44.14 8.14 5.79
C THR B 699 43.66 9.13 6.83
N GLY B 700 42.78 10.04 6.44
CA GLY B 700 42.12 10.94 7.33
C GLY B 700 41.01 10.24 8.08
N GLU B 701 40.82 8.95 7.77
CA GLU B 701 39.84 8.08 8.42
C GLU B 701 38.43 8.62 8.31
#